data_7V0V
#
_entry.id   7V0V
#
_entity_poly.entity_id   1
_entity_poly.type   'polypeptide(L)'
_entity_poly.pdbx_seq_one_letter_code
;MAQVQLVESGGALVQPGGSLRLSCAASGFPVNRYSMRWYRQAPGKEREWVAGMSSAGDRSSYEDSVKGRFTISRDDARNT
VYLQMNSLKPEDTAVYYCNVNVGFEYWGQGTQVTVSSHHHHHH
;
_entity_poly.pdbx_strand_id   A
#
# COMPACT_ATOMS: atom_id res chain seq x y z
N MET A 1 3.66 -23.72 -13.28
CA MET A 1 2.44 -22.94 -13.08
C MET A 1 2.58 -21.54 -13.66
N ALA A 2 1.67 -21.19 -14.57
CA ALA A 2 1.70 -19.89 -15.21
C ALA A 2 0.83 -18.88 -14.45
N GLN A 3 1.15 -18.69 -13.17
CA GLN A 3 0.41 -17.75 -12.34
C GLN A 3 1.35 -16.85 -11.55
N VAL A 4 0.98 -15.58 -11.44
CA VAL A 4 1.79 -14.60 -10.71
C VAL A 4 1.46 -14.62 -9.22
N GLN A 5 2.43 -14.21 -8.41
CA GLN A 5 2.24 -14.18 -6.96
C GLN A 5 2.51 -12.78 -6.42
N LEU A 6 1.64 -12.33 -5.52
CA LEU A 6 1.78 -11.02 -4.91
C LEU A 6 2.20 -11.12 -3.45
N VAL A 7 3.21 -10.33 -3.07
CA VAL A 7 3.70 -10.32 -1.70
C VAL A 7 3.44 -8.99 -1.02
N GLU A 8 2.56 -9.00 -0.03
CA GLU A 8 2.22 -7.79 0.71
C GLU A 8 2.84 -7.81 2.10
N SER A 9 3.67 -6.81 2.39
CA SER A 9 4.33 -6.71 3.68
C SER A 9 4.47 -5.26 4.11
N GLY A 10 4.72 -5.05 5.40
CA GLY A 10 4.88 -3.70 5.91
C GLY A 10 3.80 -3.33 6.91
N GLY A 11 2.60 -3.87 6.72
CA GLY A 11 1.50 -3.58 7.62
C GLY A 11 1.61 -4.32 8.93
N ALA A 12 1.81 -3.58 10.02
CA ALA A 12 1.94 -4.18 11.34
C ALA A 12 1.66 -3.15 12.43
N LEU A 13 1.72 -3.59 13.68
CA LEU A 13 1.47 -2.71 14.82
C LEU A 13 2.58 -1.67 14.95
N VAL A 14 2.30 -0.45 14.55
CA VAL A 14 3.27 0.64 14.62
C VAL A 14 2.78 1.74 15.55
N GLN A 15 3.71 2.59 15.99
CA GLN A 15 3.37 3.69 16.88
C GLN A 15 2.91 4.91 16.09
N PRO A 16 2.21 5.83 16.78
CA PRO A 16 1.69 7.05 16.15
C PRO A 16 2.80 8.03 15.78
N GLY A 17 2.50 8.93 14.84
CA GLY A 17 3.49 9.89 14.41
C GLY A 17 4.71 9.25 13.77
N GLY A 18 5.48 10.04 13.04
CA GLY A 18 6.67 9.52 12.39
C GLY A 18 6.48 9.32 10.90
N SER A 19 6.76 8.11 10.43
CA SER A 19 6.62 7.78 9.02
C SER A 19 6.73 6.27 8.79
N LEU A 20 6.01 5.78 7.78
CA LEU A 20 6.02 4.36 7.47
C LEU A 20 6.17 4.15 5.96
N ARG A 21 6.90 3.10 5.59
CA ARG A 21 7.12 2.79 4.18
C ARG A 21 6.81 1.32 3.90
N LEU A 22 5.66 1.07 3.29
CA LEU A 22 5.24 -0.28 2.96
C LEU A 22 5.81 -0.72 1.61
N SER A 23 6.02 -2.02 1.47
CA SER A 23 6.58 -2.58 0.24
C SER A 23 5.73 -3.75 -0.27
N CYS A 24 5.83 -4.03 -1.56
CA CYS A 24 5.07 -5.12 -2.16
C CYS A 24 5.91 -5.85 -3.21
N ALA A 25 6.41 -7.03 -2.85
CA ALA A 25 7.22 -7.82 -3.76
C ALA A 25 6.37 -8.43 -4.87
N ALA A 26 6.92 -8.47 -6.08
CA ALA A 26 6.21 -9.04 -7.23
C ALA A 26 6.76 -10.41 -7.59
N SER A 27 5.93 -11.23 -8.22
CA SER A 27 6.33 -12.57 -8.62
C SER A 27 5.63 -12.99 -9.90
N GLY A 28 6.41 -13.24 -10.94
CA GLY A 28 5.84 -13.65 -12.22
C GLY A 28 5.23 -12.48 -12.98
N PHE A 29 4.92 -11.41 -12.27
CA PHE A 29 4.33 -10.23 -12.88
C PHE A 29 5.25 -9.03 -12.73
N PRO A 30 5.53 -8.35 -13.86
CA PRO A 30 6.40 -7.17 -13.89
C PRO A 30 5.75 -5.96 -13.22
N VAL A 31 6.53 -5.27 -12.39
CA VAL A 31 6.04 -4.10 -11.69
C VAL A 31 6.16 -2.85 -12.56
N ASN A 32 7.12 -2.86 -13.48
CA ASN A 32 7.34 -1.73 -14.37
C ASN A 32 6.51 -1.86 -15.64
N ARG A 33 5.51 -2.74 -15.60
CA ARG A 33 4.65 -2.97 -16.75
C ARG A 33 3.24 -2.46 -16.47
N TYR A 34 2.81 -2.55 -15.22
CA TYR A 34 1.48 -2.11 -14.82
C TYR A 34 1.54 -1.32 -13.50
N SER A 35 0.40 -0.74 -13.12
CA SER A 35 0.32 0.03 -11.90
C SER A 35 -0.11 -0.85 -10.72
N MET A 36 0.14 -0.37 -9.51
CA MET A 36 -0.23 -1.12 -8.30
C MET A 36 -1.48 -0.54 -7.67
N ARG A 37 -2.53 -1.37 -7.58
CA ARG A 37 -3.78 -0.94 -6.99
C ARG A 37 -3.72 -1.00 -5.46
N TRP A 38 -3.83 0.17 -4.84
CA TRP A 38 -3.79 0.25 -3.38
C TRP A 38 -5.15 0.59 -2.81
N TYR A 39 -5.54 -0.10 -1.74
CA TYR A 39 -6.83 0.13 -1.10
C TYR A 39 -6.76 -0.17 0.39
N ARG A 40 -7.67 0.43 1.15
CA ARG A 40 -7.71 0.24 2.59
C ARG A 40 -9.15 0.16 3.09
N GLN A 41 -9.42 -0.82 3.94
CA GLN A 41 -10.76 -1.00 4.49
C GLN A 41 -10.71 -1.16 6.01
N ALA A 42 -11.40 -0.27 6.71
CA ALA A 42 -11.44 -0.32 8.18
C ALA A 42 -12.37 -1.42 8.67
N PRO A 43 -12.15 -1.87 9.91
CA PRO A 43 -12.96 -2.93 10.52
C PRO A 43 -14.38 -2.46 10.83
N GLY A 44 -15.36 -3.04 10.13
CA GLY A 44 -16.74 -2.68 10.35
C GLY A 44 -17.21 -1.60 9.40
N LYS A 45 -16.27 -0.78 8.93
CA LYS A 45 -16.59 0.30 8.00
C LYS A 45 -16.36 -0.13 6.56
N GLU A 46 -16.76 0.73 5.63
CA GLU A 46 -16.60 0.44 4.21
C GLU A 46 -15.14 0.64 3.77
N ARG A 47 -14.82 0.15 2.57
CA ARG A 47 -13.47 0.28 2.04
C ARG A 47 -13.30 1.61 1.31
N GLU A 48 -12.07 2.12 1.29
CA GLU A 48 -11.78 3.39 0.62
C GLU A 48 -10.41 3.34 -0.06
N TRP A 49 -10.37 3.80 -1.31
CA TRP A 49 -9.13 3.80 -2.07
C TRP A 49 -8.07 4.64 -1.38
N VAL A 50 -6.81 4.21 -1.48
CA VAL A 50 -5.70 4.92 -0.86
C VAL A 50 -4.73 5.44 -1.91
N ALA A 51 -4.57 4.68 -2.99
CA ALA A 51 -3.66 5.06 -4.06
C ALA A 51 -3.99 4.30 -5.35
N GLY A 52 -3.86 4.99 -6.48
CA GLY A 52 -4.15 4.36 -7.76
C GLY A 52 -3.36 4.98 -8.89
N MET A 53 -2.55 4.18 -9.56
CA MET A 53 -1.74 4.66 -10.68
C MET A 53 -2.17 3.99 -11.98
N SER A 54 -1.68 4.52 -13.10
CA SER A 54 -2.01 3.98 -14.41
C SER A 54 -0.95 2.98 -14.88
N SER A 55 -1.39 1.95 -15.60
CA SER A 55 -0.47 0.94 -16.10
C SER A 55 0.70 1.56 -16.84
N ALA A 56 0.43 2.68 -17.52
CA ALA A 56 1.46 3.38 -18.28
C ALA A 56 2.63 3.76 -17.39
N GLY A 57 2.34 4.04 -16.12
CA GLY A 57 3.38 4.41 -15.18
C GLY A 57 3.80 5.86 -15.32
N ASP A 58 2.84 6.72 -15.65
CA ASP A 58 3.11 8.14 -15.83
C ASP A 58 2.97 8.89 -14.50
N ARG A 59 1.73 9.09 -14.07
CA ARG A 59 1.45 9.79 -12.83
C ARG A 59 0.45 9.01 -11.97
N SER A 60 0.48 9.26 -10.66
CA SER A 60 -0.42 8.59 -9.74
C SER A 60 -1.69 9.39 -9.53
N SER A 61 -2.68 8.78 -8.89
CA SER A 61 -3.95 9.43 -8.62
C SER A 61 -4.29 9.41 -7.14
N TYR A 62 -4.64 10.57 -6.59
CA TYR A 62 -4.97 10.68 -5.18
C TYR A 62 -5.77 11.95 -4.91
N GLU A 63 -6.91 11.79 -4.23
CA GLU A 63 -7.77 12.92 -3.91
C GLU A 63 -6.97 14.03 -3.24
N ASP A 64 -7.45 15.27 -3.39
CA ASP A 64 -6.78 16.42 -2.80
C ASP A 64 -6.73 16.30 -1.29
N SER A 65 -7.55 15.42 -0.74
CA SER A 65 -7.60 15.22 0.71
C SER A 65 -6.52 14.23 1.15
N VAL A 66 -6.35 13.16 0.37
CA VAL A 66 -5.35 12.15 0.68
C VAL A 66 -3.99 12.53 0.13
N LYS A 67 -3.97 13.40 -0.87
CA LYS A 67 -2.73 13.85 -1.49
C LYS A 67 -1.76 14.35 -0.44
N GLY A 68 -0.47 14.14 -0.68
CA GLY A 68 0.55 14.58 0.25
C GLY A 68 0.59 13.74 1.51
N ARG A 69 -0.07 12.58 1.47
CA ARG A 69 -0.12 11.68 2.60
C ARG A 69 0.26 10.26 2.20
N PHE A 70 -0.19 9.85 1.03
CA PHE A 70 0.10 8.50 0.53
C PHE A 70 0.36 8.54 -0.97
N THR A 71 1.50 7.99 -1.38
CA THR A 71 1.88 7.95 -2.79
C THR A 71 2.26 6.53 -3.22
N ILE A 72 1.97 6.20 -4.48
CA ILE A 72 2.28 4.88 -5.01
C ILE A 72 3.46 4.95 -5.97
N SER A 73 4.37 3.99 -5.86
CA SER A 73 5.54 3.94 -6.72
C SER A 73 6.12 2.53 -6.78
N ARG A 74 6.95 2.28 -7.79
CA ARG A 74 7.57 0.97 -7.97
C ARG A 74 8.89 1.08 -8.70
N ASP A 75 9.75 0.07 -8.54
CA ASP A 75 11.05 0.07 -9.19
C ASP A 75 11.22 -1.18 -10.05
N ASP A 76 11.82 -1.02 -11.22
CA ASP A 76 12.04 -2.13 -12.14
C ASP A 76 13.32 -2.88 -11.78
N ALA A 77 14.32 -2.14 -11.33
CA ALA A 77 15.60 -2.74 -10.94
C ALA A 77 15.43 -3.68 -9.76
N ARG A 78 14.54 -3.31 -8.83
CA ARG A 78 14.30 -4.13 -7.65
C ARG A 78 13.02 -4.96 -7.82
N ASN A 79 12.12 -4.49 -8.68
CA ASN A 79 10.87 -5.18 -8.93
C ASN A 79 10.02 -5.23 -7.67
N THR A 80 9.73 -4.06 -7.10
CA THR A 80 8.92 -3.96 -5.89
C THR A 80 8.18 -2.63 -5.83
N VAL A 81 6.98 -2.65 -5.25
CA VAL A 81 6.17 -1.45 -5.12
C VAL A 81 6.27 -0.86 -3.72
N TYR A 82 6.60 0.42 -3.65
CA TYR A 82 6.74 1.10 -2.36
C TYR A 82 5.54 2.02 -2.11
N LEU A 83 5.18 2.15 -0.84
CA LEU A 83 4.05 3.01 -0.46
C LEU A 83 4.45 3.96 0.67
N GLN A 84 4.69 5.22 0.31
CA GLN A 84 5.08 6.23 1.30
C GLN A 84 3.88 6.64 2.15
N MET A 85 4.11 6.73 3.46
CA MET A 85 3.04 7.11 4.39
C MET A 85 3.49 8.27 5.27
N ASN A 86 3.00 9.46 4.95
CA ASN A 86 3.35 10.66 5.71
C ASN A 86 2.15 11.17 6.51
N SER A 87 2.42 11.94 7.55
CA SER A 87 1.36 12.49 8.39
C SER A 87 0.41 11.39 8.85
N LEU A 88 0.95 10.37 9.50
CA LEU A 88 0.16 9.25 9.98
C LEU A 88 -1.03 9.75 10.81
N LYS A 89 -2.05 8.92 10.95
CA LYS A 89 -3.24 9.27 11.71
C LYS A 89 -3.74 8.08 12.52
N PRO A 90 -4.57 8.35 13.53
CA PRO A 90 -5.15 7.31 14.39
C PRO A 90 -6.15 6.44 13.66
N GLU A 91 -6.84 7.02 12.69
CA GLU A 91 -7.84 6.29 11.91
C GLU A 91 -7.17 5.37 10.90
N ASP A 92 -5.84 5.41 10.86
CA ASP A 92 -5.08 4.58 9.93
C ASP A 92 -5.28 3.10 10.24
N THR A 93 -5.60 2.80 11.50
CA THR A 93 -5.82 1.42 11.92
C THR A 93 -6.76 0.70 10.97
N ALA A 94 -6.21 -0.14 10.10
CA ALA A 94 -7.00 -0.89 9.14
C ALA A 94 -6.14 -1.88 8.36
N VAL A 95 -6.70 -2.43 7.29
CA VAL A 95 -5.98 -3.38 6.45
C VAL A 95 -5.73 -2.81 5.06
N TYR A 96 -4.57 -3.14 4.50
CA TYR A 96 -4.20 -2.67 3.17
C TYR A 96 -3.91 -3.83 2.23
N TYR A 97 -4.71 -3.96 1.18
CA TYR A 97 -4.54 -5.03 0.21
C TYR A 97 -4.20 -4.47 -1.16
N CYS A 98 -3.69 -5.32 -2.04
CA CYS A 98 -3.32 -4.92 -3.39
C CYS A 98 -4.15 -5.66 -4.43
N ASN A 99 -4.12 -5.17 -5.67
CA ASN A 99 -4.88 -5.79 -6.75
C ASN A 99 -4.23 -5.51 -8.10
N VAL A 100 -4.24 -6.50 -8.98
CA VAL A 100 -3.65 -6.36 -10.31
C VAL A 100 -4.41 -7.17 -11.35
N ASN A 101 -4.60 -6.59 -12.52
CA ASN A 101 -5.31 -7.27 -13.60
C ASN A 101 -4.46 -7.34 -14.87
N VAL A 102 -3.74 -8.44 -15.02
CA VAL A 102 -2.88 -8.64 -16.18
C VAL A 102 -3.16 -9.98 -16.85
N GLY A 103 -4.28 -10.06 -17.56
CA GLY A 103 -4.65 -11.30 -18.23
C GLY A 103 -5.50 -12.21 -17.37
N PHE A 104 -5.31 -12.11 -16.06
CA PHE A 104 -6.06 -12.94 -15.12
C PHE A 104 -6.19 -12.24 -13.76
N GLU A 105 -7.36 -12.36 -13.16
CA GLU A 105 -7.61 -11.74 -11.86
C GLU A 105 -6.57 -12.17 -10.84
N TYR A 106 -5.79 -11.21 -10.36
CA TYR A 106 -4.73 -11.48 -9.39
C TYR A 106 -4.74 -10.45 -8.26
N TRP A 107 -5.02 -10.90 -7.05
CA TRP A 107 -5.06 -10.00 -5.89
C TRP A 107 -4.39 -10.65 -4.68
N GLY A 108 -3.66 -9.85 -3.92
CA GLY A 108 -2.98 -10.37 -2.74
C GLY A 108 -3.96 -10.81 -1.66
N GLN A 109 -3.91 -10.13 -0.52
CA GLN A 109 -4.79 -10.46 0.60
C GLN A 109 -5.13 -9.22 1.42
N GLY A 110 -4.12 -8.66 2.06
CA GLY A 110 -4.32 -7.47 2.87
C GLY A 110 -3.57 -7.52 4.18
N THR A 111 -2.74 -6.50 4.43
CA THR A 111 -1.96 -6.43 5.65
C THR A 111 -2.61 -5.51 6.68
N GLN A 112 -2.76 -5.99 7.90
CA GLN A 112 -3.37 -5.21 8.97
C GLN A 112 -2.32 -4.31 9.65
N VAL A 113 -2.72 -3.09 9.95
CA VAL A 113 -1.83 -2.13 10.59
C VAL A 113 -2.50 -1.48 11.80
N THR A 114 -1.71 -1.21 12.84
CA THR A 114 -2.22 -0.58 14.05
C THR A 114 -1.39 0.64 14.44
N VAL A 115 -2.07 1.71 14.84
CA VAL A 115 -1.39 2.93 15.24
C VAL A 115 -1.70 3.28 16.69
N SER A 116 -0.74 3.03 17.58
CA SER A 116 -0.91 3.33 19.00
C SER A 116 -1.25 4.80 19.21
N SER A 117 -1.69 5.12 20.42
CA SER A 117 -2.06 6.49 20.76
C SER A 117 -0.85 7.25 21.31
N HIS A 118 -1.04 8.55 21.55
CA HIS A 118 0.03 9.38 22.07
C HIS A 118 0.58 8.81 23.38
N HIS A 119 1.91 8.74 23.48
CA HIS A 119 2.55 8.21 24.67
C HIS A 119 3.97 8.77 24.81
N HIS A 120 4.65 8.37 25.87
CA HIS A 120 6.01 8.84 26.13
C HIS A 120 7.03 7.85 25.58
N HIS A 121 8.21 8.36 25.20
CA HIS A 121 9.26 7.52 24.66
C HIS A 121 9.76 6.51 25.70
N HIS A 122 10.68 5.65 25.29
CA HIS A 122 11.24 4.64 26.20
C HIS A 122 12.66 4.99 26.59
N HIS A 123 12.92 5.04 27.90
CA HIS A 123 14.25 5.36 28.41
C HIS A 123 14.89 4.15 29.07
N MET A 1 6.35 -19.28 -16.10
CA MET A 1 5.88 -17.97 -15.68
C MET A 1 4.36 -17.97 -15.51
N ALA A 2 3.86 -18.92 -14.73
CA ALA A 2 2.42 -19.04 -14.48
C ALA A 2 2.11 -18.88 -13.00
N GLN A 3 0.95 -18.31 -12.70
CA GLN A 3 0.53 -18.11 -11.32
C GLN A 3 1.49 -17.16 -10.59
N VAL A 4 1.05 -15.92 -10.40
CA VAL A 4 1.86 -14.91 -9.72
C VAL A 4 1.50 -14.83 -8.24
N GLN A 5 2.46 -14.37 -7.43
CA GLN A 5 2.25 -14.24 -5.99
C GLN A 5 2.50 -12.81 -5.54
N LEU A 6 1.64 -12.33 -4.64
CA LEU A 6 1.77 -10.97 -4.12
C LEU A 6 2.17 -10.99 -2.64
N VAL A 7 3.27 -10.30 -2.33
CA VAL A 7 3.75 -10.24 -0.96
C VAL A 7 3.47 -8.87 -0.34
N GLU A 8 2.60 -8.85 0.67
CA GLU A 8 2.24 -7.61 1.35
C GLU A 8 2.89 -7.54 2.73
N SER A 9 3.74 -6.53 2.92
CA SER A 9 4.43 -6.35 4.19
C SER A 9 4.60 -4.87 4.50
N GLY A 10 4.46 -4.52 5.78
CA GLY A 10 4.61 -3.14 6.19
C GLY A 10 3.60 -2.74 7.27
N GLY A 11 2.32 -3.00 6.99
CA GLY A 11 1.29 -2.65 7.95
C GLY A 11 1.50 -3.32 9.30
N ALA A 12 1.73 -2.50 10.32
CA ALA A 12 1.95 -3.02 11.67
C ALA A 12 1.69 -1.93 12.72
N LEU A 13 1.86 -2.29 13.98
CA LEU A 13 1.63 -1.36 15.08
C LEU A 13 2.66 -0.23 15.05
N VAL A 14 2.25 0.93 14.54
CA VAL A 14 3.14 2.09 14.46
C VAL A 14 2.80 3.12 15.53
N GLN A 15 3.78 3.95 15.88
CA GLN A 15 3.58 4.99 16.89
C GLN A 15 2.94 6.23 16.28
N PRO A 16 2.39 7.09 17.15
CA PRO A 16 1.74 8.34 16.72
C PRO A 16 2.73 9.35 16.17
N GLY A 17 2.39 9.94 15.02
CA GLY A 17 3.26 10.93 14.41
C GLY A 17 4.24 10.31 13.43
N GLY A 18 5.32 11.03 13.14
CA GLY A 18 6.32 10.53 12.21
C GLY A 18 5.71 10.06 10.90
N SER A 19 6.33 9.07 10.28
CA SER A 19 5.84 8.54 9.01
C SER A 19 6.54 7.23 8.67
N LEU A 20 5.89 6.42 7.84
CA LEU A 20 6.44 5.14 7.44
C LEU A 20 6.01 4.78 6.02
N ARG A 21 6.74 3.85 5.39
CA ARG A 21 6.42 3.43 4.04
C ARG A 21 6.19 1.92 3.98
N LEU A 22 5.25 1.50 3.15
CA LEU A 22 4.92 0.09 3.01
C LEU A 22 5.63 -0.51 1.79
N SER A 23 5.91 -1.80 1.85
CA SER A 23 6.58 -2.49 0.75
C SER A 23 5.74 -3.67 0.25
N CYS A 24 5.82 -3.93 -1.04
CA CYS A 24 5.07 -5.03 -1.65
C CYS A 24 5.92 -5.79 -2.65
N ALA A 25 6.41 -6.95 -2.25
CA ALA A 25 7.24 -7.77 -3.13
C ALA A 25 6.41 -8.43 -4.22
N ALA A 26 7.00 -8.56 -5.41
CA ALA A 26 6.30 -9.17 -6.54
C ALA A 26 6.86 -10.56 -6.83
N SER A 27 6.01 -11.42 -7.40
CA SER A 27 6.41 -12.79 -7.72
C SER A 27 5.70 -13.28 -8.96
N GLY A 28 6.46 -13.61 -10.00
CA GLY A 28 5.88 -14.09 -11.23
C GLY A 28 5.29 -12.98 -12.08
N PHE A 29 5.00 -11.85 -11.44
CA PHE A 29 4.43 -10.71 -12.14
C PHE A 29 5.37 -9.50 -12.08
N PRO A 30 5.67 -8.94 -13.26
CA PRO A 30 6.56 -7.78 -13.37
C PRO A 30 5.94 -6.51 -12.80
N VAL A 31 6.72 -5.79 -12.00
CA VAL A 31 6.25 -4.54 -11.39
C VAL A 31 6.44 -3.36 -12.34
N ASN A 32 7.38 -3.51 -13.27
CA ASN A 32 7.67 -2.44 -14.22
C ASN A 32 6.80 -2.58 -15.47
N ARG A 33 5.73 -3.37 -15.35
CA ARG A 33 4.82 -3.58 -16.47
C ARG A 33 3.44 -3.00 -16.16
N TYR A 34 3.06 -3.04 -14.88
CA TYR A 34 1.77 -2.52 -14.45
C TYR A 34 1.86 -1.94 -13.04
N SER A 35 0.95 -1.01 -12.74
CA SER A 35 0.92 -0.37 -11.44
C SER A 35 0.10 -1.19 -10.45
N MET A 36 0.37 -0.98 -9.16
CA MET A 36 -0.35 -1.71 -8.11
C MET A 36 -1.39 -0.81 -7.45
N ARG A 37 -2.65 -1.20 -7.53
CA ARG A 37 -3.74 -0.44 -6.94
C ARG A 37 -3.80 -0.65 -5.43
N TRP A 38 -3.66 0.44 -4.69
CA TRP A 38 -3.70 0.39 -3.23
C TRP A 38 -5.07 0.76 -2.70
N TYR A 39 -5.45 0.17 -1.57
CA TYR A 39 -6.75 0.44 -0.96
C TYR A 39 -6.68 0.29 0.55
N ARG A 40 -7.68 0.84 1.25
CA ARG A 40 -7.73 0.77 2.70
C ARG A 40 -9.15 0.50 3.17
N GLN A 41 -9.28 -0.35 4.18
CA GLN A 41 -10.59 -0.69 4.73
C GLN A 41 -10.56 -0.69 6.26
N ALA A 42 -11.39 0.14 6.86
CA ALA A 42 -11.45 0.23 8.32
C ALA A 42 -12.41 -0.82 8.89
N PRO A 43 -12.17 -1.20 10.15
CA PRO A 43 -13.00 -2.20 10.84
C PRO A 43 -14.40 -1.68 11.15
N GLY A 44 -15.40 -2.27 10.52
CA GLY A 44 -16.78 -1.86 10.73
C GLY A 44 -17.25 -0.85 9.70
N LYS A 45 -16.30 -0.12 9.12
CA LYS A 45 -16.63 0.88 8.11
C LYS A 45 -16.41 0.33 6.70
N GLU A 46 -16.87 1.07 5.70
CA GLU A 46 -16.71 0.66 4.31
C GLU A 46 -15.27 0.84 3.84
N ARG A 47 -14.99 0.42 2.62
CA ARG A 47 -13.66 0.53 2.05
C ARG A 47 -13.46 1.88 1.38
N GLU A 48 -12.22 2.36 1.36
CA GLU A 48 -11.91 3.64 0.75
C GLU A 48 -10.55 3.59 0.03
N TRP A 49 -10.54 4.04 -1.22
CA TRP A 49 -9.32 4.04 -2.01
C TRP A 49 -8.24 4.88 -1.35
N VAL A 50 -6.98 4.53 -1.60
CA VAL A 50 -5.86 5.25 -1.02
C VAL A 50 -4.90 5.74 -2.11
N ALA A 51 -4.65 4.89 -3.10
CA ALA A 51 -3.76 5.23 -4.21
C ALA A 51 -3.91 4.25 -5.35
N GLY A 52 -3.63 4.71 -6.57
CA GLY A 52 -3.74 3.86 -7.74
C GLY A 52 -3.19 4.51 -8.99
N MET A 53 -2.21 3.87 -9.61
CA MET A 53 -1.60 4.39 -10.82
C MET A 53 -1.87 3.48 -12.01
N SER A 54 -1.66 4.01 -13.21
CA SER A 54 -1.90 3.25 -14.43
C SER A 54 -0.69 2.37 -14.76
N SER A 55 -0.89 1.42 -15.67
CA SER A 55 0.18 0.51 -16.06
C SER A 55 1.31 1.27 -16.73
N ALA A 56 0.97 2.31 -17.49
CA ALA A 56 1.96 3.12 -18.18
C ALA A 56 2.94 3.74 -17.20
N GLY A 57 2.45 4.06 -16.00
CA GLY A 57 3.30 4.65 -14.99
C GLY A 57 3.59 6.12 -15.27
N ASP A 58 2.62 6.82 -15.84
CA ASP A 58 2.78 8.22 -16.16
C ASP A 58 2.30 9.11 -15.01
N ARG A 59 1.00 9.02 -14.71
CA ARG A 59 0.43 9.81 -13.63
C ARG A 59 -0.41 8.93 -12.71
N SER A 60 -0.28 9.15 -11.40
CA SER A 60 -1.02 8.38 -10.42
C SER A 60 -2.32 9.08 -10.04
N SER A 61 -3.33 8.29 -9.69
CA SER A 61 -4.63 8.84 -9.31
C SER A 61 -4.80 8.83 -7.79
N TYR A 62 -5.20 9.97 -7.24
CA TYR A 62 -5.40 10.10 -5.81
C TYR A 62 -6.29 11.29 -5.47
N GLU A 63 -7.11 11.14 -4.44
CA GLU A 63 -8.02 12.21 -4.03
C GLU A 63 -7.24 13.42 -3.52
N ASP A 64 -7.83 14.60 -3.68
CA ASP A 64 -7.19 15.84 -3.24
C ASP A 64 -6.90 15.80 -1.74
N SER A 65 -7.59 14.91 -1.04
CA SER A 65 -7.42 14.78 0.40
C SER A 65 -6.27 13.83 0.72
N VAL A 66 -6.15 12.77 -0.07
CA VAL A 66 -5.09 11.79 0.12
C VAL A 66 -3.79 12.25 -0.52
N LYS A 67 -3.89 13.14 -1.49
CA LYS A 67 -2.72 13.66 -2.20
C LYS A 67 -1.99 14.69 -1.33
N GLY A 68 -0.67 14.71 -1.43
CA GLY A 68 0.12 15.65 -0.66
C GLY A 68 0.90 14.97 0.45
N ARG A 69 0.39 13.86 0.95
CA ARG A 69 1.05 13.11 2.02
C ARG A 69 1.33 11.68 1.59
N PHE A 70 0.42 11.12 0.80
CA PHE A 70 0.58 9.75 0.32
C PHE A 70 1.05 9.73 -1.13
N THR A 71 1.90 8.75 -1.45
CA THR A 71 2.42 8.63 -2.81
C THR A 71 2.65 7.16 -3.17
N ILE A 72 2.37 6.82 -4.42
CA ILE A 72 2.54 5.45 -4.89
C ILE A 72 3.66 5.37 -5.93
N SER A 73 4.53 4.37 -5.78
CA SER A 73 5.64 4.18 -6.71
C SER A 73 6.13 2.74 -6.69
N ARG A 74 6.98 2.40 -7.65
CA ARG A 74 7.53 1.05 -7.72
C ARG A 74 8.89 1.05 -8.41
N ASP A 75 9.70 0.05 -8.10
CA ASP A 75 11.04 -0.06 -8.68
C ASP A 75 11.17 -1.33 -9.51
N ASP A 76 11.82 -1.22 -10.67
CA ASP A 76 12.01 -2.36 -11.56
C ASP A 76 13.26 -3.14 -11.18
N ALA A 77 14.36 -2.41 -10.93
CA ALA A 77 15.62 -3.03 -10.56
C ALA A 77 15.46 -3.90 -9.32
N ARG A 78 14.62 -3.45 -8.40
CA ARG A 78 14.38 -4.19 -7.16
C ARG A 78 13.17 -5.10 -7.30
N ASN A 79 12.27 -4.75 -8.22
CA ASN A 79 11.07 -5.55 -8.44
C ASN A 79 10.17 -5.54 -7.21
N THR A 80 9.94 -4.35 -6.66
CA THR A 80 9.10 -4.21 -5.48
C THR A 80 8.39 -2.86 -5.46
N VAL A 81 7.20 -2.83 -4.89
CA VAL A 81 6.41 -1.60 -4.81
C VAL A 81 6.54 -0.96 -3.44
N TYR A 82 6.53 0.38 -3.41
CA TYR A 82 6.65 1.12 -2.16
C TYR A 82 5.51 2.11 -2.01
N LEU A 83 5.05 2.30 -0.77
CA LEU A 83 3.95 3.23 -0.49
C LEU A 83 4.32 4.17 0.65
N GLN A 84 4.72 5.39 0.30
CA GLN A 84 5.09 6.39 1.30
C GLN A 84 3.86 6.93 2.02
N MET A 85 4.00 7.19 3.31
CA MET A 85 2.90 7.71 4.11
C MET A 85 3.38 8.79 5.07
N ASN A 86 3.11 10.04 4.72
CA ASN A 86 3.52 11.17 5.55
C ASN A 86 2.35 11.72 6.36
N SER A 87 2.65 12.50 7.39
CA SER A 87 1.62 13.08 8.24
C SER A 87 0.66 12.01 8.74
N LEU A 88 1.18 11.11 9.56
CA LEU A 88 0.38 10.03 10.12
C LEU A 88 -0.90 10.56 10.76
N LYS A 89 -1.89 9.70 10.93
CA LYS A 89 -3.16 10.09 11.53
C LYS A 89 -3.75 8.94 12.34
N PRO A 90 -4.71 9.27 13.22
CA PRO A 90 -5.38 8.28 14.08
C PRO A 90 -6.29 7.36 13.29
N GLU A 91 -6.84 7.88 12.19
CA GLU A 91 -7.74 7.10 11.34
C GLU A 91 -6.96 6.10 10.49
N ASP A 92 -5.63 6.14 10.62
CA ASP A 92 -4.77 5.23 9.87
C ASP A 92 -5.04 3.78 10.25
N THR A 93 -5.48 3.58 11.49
CA THR A 93 -5.77 2.23 11.98
C THR A 93 -6.74 1.50 11.06
N ALA A 94 -6.21 0.59 10.25
CA ALA A 94 -7.03 -0.17 9.32
C ALA A 94 -6.18 -1.15 8.51
N VAL A 95 -6.81 -1.81 7.54
CA VAL A 95 -6.11 -2.76 6.69
C VAL A 95 -5.87 -2.20 5.30
N TYR A 96 -4.72 -2.52 4.73
CA TYR A 96 -4.36 -2.05 3.40
C TYR A 96 -3.99 -3.21 2.49
N TYR A 97 -4.79 -3.42 1.44
CA TYR A 97 -4.56 -4.50 0.50
C TYR A 97 -4.20 -3.95 -0.88
N CYS A 98 -3.90 -4.84 -1.81
CA CYS A 98 -3.54 -4.44 -3.17
C CYS A 98 -4.46 -5.09 -4.19
N ASN A 99 -4.27 -4.75 -5.45
CA ASN A 99 -5.10 -5.30 -6.53
C ASN A 99 -4.36 -5.27 -7.86
N VAL A 100 -4.42 -6.36 -8.60
CA VAL A 100 -3.76 -6.46 -9.90
C VAL A 100 -4.43 -7.50 -10.78
N ASN A 101 -4.62 -7.16 -12.04
CA ASN A 101 -5.25 -8.07 -12.99
C ASN A 101 -4.34 -8.32 -14.19
N VAL A 102 -3.68 -9.47 -14.21
CA VAL A 102 -2.78 -9.82 -15.30
C VAL A 102 -3.16 -11.17 -15.91
N GLY A 103 -4.14 -11.15 -16.81
CA GLY A 103 -4.58 -12.37 -17.45
C GLY A 103 -5.15 -13.38 -16.46
N PHE A 104 -5.39 -12.93 -15.24
CA PHE A 104 -5.93 -13.79 -14.20
C PHE A 104 -6.11 -13.03 -12.89
N GLU A 105 -7.29 -13.17 -12.29
CA GLU A 105 -7.58 -12.49 -11.03
C GLU A 105 -6.52 -12.79 -9.98
N TYR A 106 -5.81 -11.75 -9.55
CA TYR A 106 -4.75 -11.91 -8.56
C TYR A 106 -4.79 -10.77 -7.53
N TRP A 107 -5.03 -11.13 -6.28
CA TRP A 107 -5.10 -10.13 -5.21
C TRP A 107 -4.42 -10.65 -3.95
N GLY A 108 -3.66 -9.78 -3.28
CA GLY A 108 -2.98 -10.17 -2.07
C GLY A 108 -3.93 -10.51 -0.95
N GLN A 109 -3.91 -9.70 0.11
CA GLN A 109 -4.79 -9.93 1.26
C GLN A 109 -5.10 -8.63 1.98
N GLY A 110 -4.06 -8.01 2.55
CA GLY A 110 -4.25 -6.76 3.26
C GLY A 110 -3.54 -6.74 4.60
N THR A 111 -2.72 -5.72 4.82
CA THR A 111 -1.98 -5.60 6.07
C THR A 111 -2.66 -4.60 7.01
N GLN A 112 -2.83 -5.01 8.28
CA GLN A 112 -3.46 -4.15 9.27
C GLN A 112 -2.42 -3.30 9.99
N VAL A 113 -2.79 -2.07 10.30
CA VAL A 113 -1.89 -1.15 11.00
C VAL A 113 -2.54 -0.58 12.25
N THR A 114 -1.73 -0.34 13.28
CA THR A 114 -2.24 0.19 14.53
C THR A 114 -1.42 1.41 14.97
N VAL A 115 -2.04 2.59 14.88
CA VAL A 115 -1.38 3.83 15.27
C VAL A 115 -1.55 4.11 16.75
N SER A 116 -0.51 3.84 17.53
CA SER A 116 -0.56 4.06 18.98
C SER A 116 -0.70 5.54 19.30
N SER A 117 -0.87 5.85 20.58
CA SER A 117 -1.01 7.23 21.03
C SER A 117 0.04 7.59 22.07
N HIS A 118 0.35 6.62 22.93
CA HIS A 118 1.35 6.83 23.98
C HIS A 118 2.65 7.36 23.39
N HIS A 119 3.42 8.06 24.22
CA HIS A 119 4.69 8.63 23.79
C HIS A 119 5.85 7.74 24.23
N HIS A 120 5.98 7.55 25.54
CA HIS A 120 7.05 6.72 26.09
C HIS A 120 7.06 5.34 25.43
N HIS A 121 8.23 4.91 24.99
CA HIS A 121 8.38 3.61 24.34
C HIS A 121 9.73 2.97 24.70
N HIS A 122 9.83 1.67 24.48
CA HIS A 122 11.06 0.94 24.77
C HIS A 122 11.00 -0.47 24.21
N HIS A 123 12.17 -0.99 23.79
CA HIS A 123 12.25 -2.32 23.22
C HIS A 123 13.20 -3.19 24.03
N MET A 1 1.22 -25.42 -15.28
CA MET A 1 0.64 -24.09 -15.10
C MET A 1 1.47 -23.26 -14.12
N ALA A 2 1.29 -21.95 -14.18
CA ALA A 2 2.02 -21.04 -13.30
C ALA A 2 1.40 -19.64 -13.31
N GLN A 3 1.16 -19.11 -12.11
CA GLN A 3 0.57 -17.78 -11.99
C GLN A 3 1.47 -16.86 -11.18
N VAL A 4 1.20 -15.56 -11.24
CA VAL A 4 1.98 -14.56 -10.51
C VAL A 4 1.63 -14.57 -9.02
N GLN A 5 2.58 -14.17 -8.19
CA GLN A 5 2.36 -14.12 -6.75
C GLN A 5 2.59 -12.71 -6.21
N LEU A 6 1.66 -12.25 -5.38
CA LEU A 6 1.75 -10.92 -4.81
C LEU A 6 2.14 -10.99 -3.33
N VAL A 7 3.26 -10.35 -2.99
CA VAL A 7 3.74 -10.34 -1.60
C VAL A 7 3.44 -9.02 -0.92
N GLU A 8 2.65 -9.07 0.15
CA GLU A 8 2.28 -7.87 0.89
C GLU A 8 3.03 -7.80 2.22
N SER A 9 3.68 -6.67 2.47
CA SER A 9 4.43 -6.47 3.70
C SER A 9 4.42 -5.01 4.12
N GLY A 10 4.90 -4.74 5.33
CA GLY A 10 4.94 -3.37 5.83
C GLY A 10 3.90 -3.13 6.90
N GLY A 11 2.66 -3.48 6.61
CA GLY A 11 1.58 -3.27 7.57
C GLY A 11 1.84 -3.98 8.88
N ALA A 12 2.05 -3.21 9.94
CA ALA A 12 2.32 -3.77 11.26
C ALA A 12 2.02 -2.76 12.35
N LEU A 13 2.22 -3.17 13.61
CA LEU A 13 1.98 -2.30 14.74
C LEU A 13 2.97 -1.14 14.77
N VAL A 14 2.51 0.03 14.35
CA VAL A 14 3.36 1.22 14.32
C VAL A 14 2.96 2.21 15.41
N GLN A 15 3.91 3.03 15.83
CA GLN A 15 3.64 4.03 16.86
C GLN A 15 3.19 5.36 16.25
N PRO A 16 2.57 6.21 17.07
CA PRO A 16 2.08 7.52 16.63
C PRO A 16 3.21 8.49 16.31
N GLY A 17 3.01 9.33 15.30
CA GLY A 17 4.02 10.29 14.91
C GLY A 17 4.95 9.76 13.85
N GLY A 18 5.99 10.53 13.53
CA GLY A 18 6.95 10.10 12.52
C GLY A 18 6.28 9.72 11.21
N SER A 19 6.80 8.69 10.57
CA SER A 19 6.24 8.22 9.30
C SER A 19 6.81 6.85 8.93
N LEU A 20 6.06 6.10 8.12
CA LEU A 20 6.48 4.78 7.69
C LEU A 20 6.00 4.48 6.28
N ARG A 21 6.63 3.51 5.64
CA ARG A 21 6.25 3.13 4.28
C ARG A 21 6.06 1.63 4.17
N LEU A 22 5.10 1.20 3.35
CA LEU A 22 4.81 -0.21 3.16
C LEU A 22 5.54 -0.75 1.93
N SER A 23 5.85 -2.05 1.96
CA SER A 23 6.55 -2.68 0.86
C SER A 23 5.69 -3.80 0.25
N CYS A 24 5.84 -3.99 -1.06
CA CYS A 24 5.07 -5.03 -1.76
C CYS A 24 5.94 -5.69 -2.83
N ALA A 25 6.44 -6.89 -2.53
CA ALA A 25 7.27 -7.63 -3.48
C ALA A 25 6.42 -8.27 -4.57
N ALA A 26 6.97 -8.32 -5.78
CA ALA A 26 6.27 -8.92 -6.91
C ALA A 26 6.83 -10.29 -7.25
N SER A 27 6.02 -11.11 -7.90
CA SER A 27 6.44 -12.46 -8.29
C SER A 27 5.77 -12.89 -9.59
N GLY A 28 6.57 -13.15 -10.61
CA GLY A 28 6.05 -13.56 -11.89
C GLY A 28 5.46 -12.40 -12.67
N PHE A 29 5.10 -11.34 -11.97
CA PHE A 29 4.52 -10.16 -12.60
C PHE A 29 5.42 -8.94 -12.44
N PRO A 30 5.79 -8.31 -13.56
CA PRO A 30 6.65 -7.12 -13.57
C PRO A 30 5.95 -5.90 -12.98
N VAL A 31 6.65 -5.20 -12.10
CA VAL A 31 6.10 -4.01 -11.46
C VAL A 31 6.32 -2.77 -12.33
N ASN A 32 7.42 -2.78 -13.09
CA ASN A 32 7.75 -1.66 -13.96
C ASN A 32 6.80 -1.60 -15.15
N ARG A 33 6.17 -2.72 -15.46
CA ARG A 33 5.22 -2.79 -16.57
C ARG A 33 3.87 -2.20 -16.17
N TYR A 34 3.50 -2.39 -14.92
CA TYR A 34 2.23 -1.87 -14.42
C TYR A 34 2.28 -1.66 -12.90
N SER A 35 1.50 -0.69 -12.42
CA SER A 35 1.47 -0.39 -11.00
C SER A 35 0.34 -1.15 -10.31
N MET A 36 0.46 -1.31 -8.99
CA MET A 36 -0.54 -2.02 -8.22
C MET A 36 -1.40 -1.05 -7.41
N ARG A 37 -2.70 -1.05 -7.67
CA ARG A 37 -3.63 -0.18 -6.98
C ARG A 37 -3.67 -0.49 -5.49
N TRP A 38 -3.61 0.54 -4.66
CA TRP A 38 -3.64 0.37 -3.21
C TRP A 38 -5.02 0.69 -2.65
N TYR A 39 -5.38 0.03 -1.56
CA TYR A 39 -6.68 0.24 -0.93
C TYR A 39 -6.62 -0.04 0.57
N ARG A 40 -7.58 0.47 1.30
CA ARG A 40 -7.64 0.27 2.75
C ARG A 40 -9.08 0.22 3.24
N GLN A 41 -9.32 -0.61 4.25
CA GLN A 41 -10.66 -0.75 4.81
C GLN A 41 -10.60 -1.03 6.30
N ALA A 42 -11.31 -0.21 7.09
CA ALA A 42 -11.34 -0.37 8.53
C ALA A 42 -12.19 -1.57 8.94
N PRO A 43 -11.91 -2.11 10.14
CA PRO A 43 -12.63 -3.26 10.68
C PRO A 43 -14.07 -2.92 11.05
N GLY A 44 -15.02 -3.51 10.32
CA GLY A 44 -16.43 -3.26 10.60
C GLY A 44 -16.99 -2.14 9.75
N LYS A 45 -16.11 -1.23 9.32
CA LYS A 45 -16.52 -0.10 8.49
C LYS A 45 -16.37 -0.42 7.01
N GLU A 46 -16.83 0.49 6.16
CA GLU A 46 -16.74 0.30 4.71
C GLU A 46 -15.30 0.49 4.24
N ARG A 47 -15.01 0.01 3.03
CA ARG A 47 -13.68 0.13 2.46
C ARG A 47 -13.52 1.46 1.73
N GLU A 48 -12.27 1.92 1.63
CA GLU A 48 -11.98 3.19 0.96
C GLU A 48 -10.67 3.09 0.18
N TRP A 49 -10.53 3.95 -0.82
CA TRP A 49 -9.33 3.96 -1.65
C TRP A 49 -8.22 4.76 -0.97
N VAL A 50 -6.97 4.42 -1.28
CA VAL A 50 -5.82 5.10 -0.71
C VAL A 50 -4.90 5.64 -1.80
N ALA A 51 -4.69 4.83 -2.84
CA ALA A 51 -3.82 5.23 -3.95
C ALA A 51 -3.96 4.26 -5.12
N GLY A 52 -3.55 4.70 -6.30
CA GLY A 52 -3.62 3.87 -7.48
C GLY A 52 -3.07 4.54 -8.72
N MET A 53 -2.07 3.92 -9.33
CA MET A 53 -1.44 4.47 -10.53
C MET A 53 -1.69 3.56 -11.73
N SER A 54 -1.83 4.18 -12.91
CA SER A 54 -2.07 3.42 -14.13
C SER A 54 -0.88 2.53 -14.46
N SER A 55 -1.07 1.62 -15.40
CA SER A 55 -0.01 0.69 -15.81
C SER A 55 1.13 1.44 -16.47
N ALA A 56 0.80 2.49 -17.21
CA ALA A 56 1.80 3.29 -17.90
C ALA A 56 2.83 3.85 -16.91
N GLY A 57 2.38 4.13 -15.69
CA GLY A 57 3.27 4.66 -14.68
C GLY A 57 3.65 6.11 -14.94
N ASP A 58 2.71 6.86 -15.53
CA ASP A 58 2.95 8.27 -15.83
C ASP A 58 2.46 9.16 -14.69
N ARG A 59 1.17 9.05 -14.38
CA ARG A 59 0.56 9.85 -13.32
C ARG A 59 -0.24 8.96 -12.38
N SER A 60 -0.08 9.20 -11.08
CA SER A 60 -0.80 8.44 -10.07
C SER A 60 -2.11 9.11 -9.68
N SER A 61 -3.11 8.31 -9.36
CA SER A 61 -4.43 8.83 -8.98
C SER A 61 -4.60 8.80 -7.46
N TYR A 62 -5.04 9.93 -6.91
CA TYR A 62 -5.24 10.04 -5.47
C TYR A 62 -6.17 11.20 -5.15
N GLU A 63 -7.03 11.01 -4.14
CA GLU A 63 -7.97 12.05 -3.73
C GLU A 63 -7.23 13.31 -3.29
N ASP A 64 -7.84 14.46 -3.52
CA ASP A 64 -7.25 15.73 -3.14
C ASP A 64 -6.94 15.77 -1.65
N SER A 65 -7.61 14.91 -0.89
CA SER A 65 -7.42 14.86 0.55
C SER A 65 -6.28 13.90 0.90
N VAL A 66 -6.18 12.81 0.17
CA VAL A 66 -5.14 11.81 0.40
C VAL A 66 -3.82 12.25 -0.22
N LYS A 67 -3.90 13.13 -1.21
CA LYS A 67 -2.71 13.63 -1.88
C LYS A 67 -1.99 14.67 -1.03
N GLY A 68 -0.67 14.69 -1.12
CA GLY A 68 0.12 15.64 -0.35
C GLY A 68 0.90 14.97 0.77
N ARG A 69 0.37 13.86 1.28
CA ARG A 69 1.02 13.13 2.36
C ARG A 69 1.35 11.71 1.93
N PHE A 70 0.49 11.13 1.11
CA PHE A 70 0.69 9.76 0.63
C PHE A 70 1.18 9.76 -0.82
N THR A 71 2.01 8.78 -1.15
CA THR A 71 2.54 8.67 -2.51
C THR A 71 2.74 7.21 -2.90
N ILE A 72 2.44 6.90 -4.16
CA ILE A 72 2.59 5.54 -4.67
C ILE A 72 3.70 5.46 -5.71
N SER A 73 4.58 4.48 -5.55
CA SER A 73 5.70 4.29 -6.48
C SER A 73 6.21 2.85 -6.41
N ARG A 74 7.15 2.54 -7.30
CA ARG A 74 7.74 1.20 -7.35
C ARG A 74 9.09 1.22 -8.04
N ASP A 75 9.88 0.17 -7.81
CA ASP A 75 11.20 0.07 -8.42
C ASP A 75 11.29 -1.13 -9.35
N ASP A 76 11.93 -0.94 -10.50
CA ASP A 76 12.07 -2.01 -11.48
C ASP A 76 13.31 -2.84 -11.19
N ALA A 77 14.43 -2.18 -10.95
CA ALA A 77 15.67 -2.87 -10.66
C ALA A 77 15.50 -3.89 -9.53
N ARG A 78 14.64 -3.56 -8.57
CA ARG A 78 14.37 -4.43 -7.44
C ARG A 78 13.05 -5.17 -7.63
N ASN A 79 12.16 -4.59 -8.42
CA ASN A 79 10.86 -5.19 -8.68
C ASN A 79 10.02 -5.23 -7.41
N THR A 80 9.78 -4.07 -6.82
CA THR A 80 9.00 -3.98 -5.59
C THR A 80 8.29 -2.64 -5.49
N VAL A 81 7.09 -2.65 -4.92
CA VAL A 81 6.31 -1.43 -4.75
C VAL A 81 6.43 -0.89 -3.33
N TYR A 82 6.50 0.43 -3.21
CA TYR A 82 6.62 1.08 -1.92
C TYR A 82 5.55 2.16 -1.74
N LEU A 83 4.91 2.17 -0.58
CA LEU A 83 3.87 3.14 -0.27
C LEU A 83 4.28 4.06 0.87
N GLN A 84 4.73 5.25 0.54
CA GLN A 84 5.16 6.22 1.55
C GLN A 84 3.96 6.80 2.28
N MET A 85 4.12 7.02 3.58
CA MET A 85 3.05 7.57 4.40
C MET A 85 3.59 8.60 5.38
N ASN A 86 3.38 9.87 5.08
CA ASN A 86 3.85 10.96 5.94
C ASN A 86 2.75 11.43 6.87
N SER A 87 3.12 11.77 8.10
CA SER A 87 2.16 12.24 9.09
C SER A 87 1.15 11.14 9.43
N LEU A 88 1.60 10.11 10.13
CA LEU A 88 0.74 9.01 10.51
C LEU A 88 -0.54 9.51 11.18
N LYS A 89 -1.57 8.67 11.19
CA LYS A 89 -2.84 9.04 11.79
C LYS A 89 -3.41 7.87 12.60
N PRO A 90 -4.30 8.18 13.55
CA PRO A 90 -4.94 7.18 14.41
C PRO A 90 -5.92 6.30 13.64
N GLU A 91 -6.55 6.87 12.63
CA GLU A 91 -7.51 6.13 11.80
C GLU A 91 -6.80 5.18 10.85
N ASP A 92 -5.48 5.19 10.90
CA ASP A 92 -4.67 4.34 10.03
C ASP A 92 -4.92 2.86 10.35
N THR A 93 -5.30 2.60 11.60
CA THR A 93 -5.57 1.23 12.03
C THR A 93 -6.53 0.53 11.08
N ALA A 94 -5.99 -0.34 10.23
CA ALA A 94 -6.80 -1.08 9.27
C ALA A 94 -5.94 -2.01 8.42
N VAL A 95 -6.56 -2.64 7.42
CA VAL A 95 -5.84 -3.55 6.54
C VAL A 95 -5.60 -2.91 5.18
N TYR A 96 -4.43 -3.17 4.61
CA TYR A 96 -4.07 -2.62 3.31
C TYR A 96 -3.74 -3.73 2.31
N TYR A 97 -4.54 -3.84 1.26
CA TYR A 97 -4.34 -4.87 0.24
C TYR A 97 -3.99 -4.23 -1.10
N CYS A 98 -3.73 -5.07 -2.10
CA CYS A 98 -3.39 -4.59 -3.43
C CYS A 98 -4.39 -5.12 -4.47
N ASN A 99 -4.24 -4.66 -5.71
CA ASN A 99 -5.13 -5.08 -6.78
C ASN A 99 -4.45 -4.89 -8.15
N VAL A 100 -4.48 -5.95 -8.95
CA VAL A 100 -3.87 -5.90 -10.28
C VAL A 100 -4.51 -6.93 -11.21
N ASN A 101 -4.71 -6.55 -12.46
CA ASN A 101 -5.30 -7.44 -13.45
C ASN A 101 -4.40 -7.58 -14.67
N VAL A 102 -3.58 -8.63 -14.67
CA VAL A 102 -2.67 -8.89 -15.78
C VAL A 102 -2.85 -10.30 -16.33
N GLY A 103 -3.79 -10.44 -17.27
CA GLY A 103 -4.05 -11.74 -17.86
C GLY A 103 -5.07 -12.54 -17.07
N PHE A 104 -5.10 -12.32 -15.77
CA PHE A 104 -6.04 -13.04 -14.90
C PHE A 104 -6.16 -12.34 -13.54
N GLU A 105 -7.32 -12.50 -12.92
CA GLU A 105 -7.58 -11.88 -11.61
C GLU A 105 -6.47 -12.25 -10.62
N TYR A 106 -5.71 -11.24 -10.19
CA TYR A 106 -4.63 -11.45 -9.24
C TYR A 106 -4.66 -10.41 -8.13
N TRP A 107 -4.89 -10.86 -6.91
CA TRP A 107 -4.95 -9.97 -5.76
C TRP A 107 -4.25 -10.59 -4.55
N GLY A 108 -3.51 -9.78 -3.81
CA GLY A 108 -2.81 -10.27 -2.64
C GLY A 108 -3.75 -10.72 -1.54
N GLN A 109 -3.77 -9.98 -0.44
CA GLN A 109 -4.64 -10.30 0.69
C GLN A 109 -4.96 -9.06 1.51
N GLY A 110 -3.95 -8.51 2.17
CA GLY A 110 -4.14 -7.32 2.98
C GLY A 110 -3.39 -7.38 4.29
N THR A 111 -2.56 -6.36 4.54
CA THR A 111 -1.77 -6.30 5.75
C THR A 111 -2.42 -5.37 6.79
N GLN A 112 -2.61 -5.88 7.99
CA GLN A 112 -3.22 -5.10 9.06
C GLN A 112 -2.18 -4.23 9.76
N VAL A 113 -2.58 -3.01 10.12
CA VAL A 113 -1.68 -2.08 10.79
C VAL A 113 -2.31 -1.53 12.07
N THR A 114 -1.48 -1.28 13.07
CA THR A 114 -1.96 -0.76 14.35
C THR A 114 -1.19 0.50 14.75
N VAL A 115 -1.86 1.64 14.65
CA VAL A 115 -1.24 2.92 15.00
C VAL A 115 -1.56 3.31 16.43
N SER A 116 -0.60 3.12 17.33
CA SER A 116 -0.79 3.45 18.74
C SER A 116 -1.08 4.93 18.92
N SER A 117 -1.63 5.29 20.08
CA SER A 117 -1.96 6.68 20.37
C SER A 117 -0.90 7.31 21.27
N HIS A 118 -1.06 8.60 21.53
CA HIS A 118 -0.12 9.33 22.39
C HIS A 118 0.11 8.58 23.69
N HIS A 119 1.39 8.36 24.03
CA HIS A 119 1.74 7.65 25.25
C HIS A 119 3.24 7.72 25.50
N HIS A 120 3.71 6.97 26.49
CA HIS A 120 5.13 6.95 26.83
C HIS A 120 5.96 6.35 25.69
N HIS A 121 6.99 7.07 25.27
CA HIS A 121 7.85 6.60 24.18
C HIS A 121 9.27 6.37 24.69
N HIS A 122 10.18 6.06 23.77
CA HIS A 122 11.58 5.80 24.13
C HIS A 122 12.52 6.50 23.15
N HIS A 123 12.22 6.39 21.86
CA HIS A 123 13.04 7.01 20.82
C HIS A 123 12.39 8.30 20.32
N MET A 1 3.36 -25.38 -9.90
CA MET A 1 2.40 -24.34 -10.27
C MET A 1 3.09 -23.22 -11.04
N ALA A 2 2.40 -22.68 -12.04
CA ALA A 2 2.93 -21.60 -12.84
C ALA A 2 2.08 -20.34 -12.73
N GLN A 3 2.24 -19.63 -11.62
CA GLN A 3 1.47 -18.41 -11.39
C GLN A 3 2.33 -17.35 -10.69
N VAL A 4 1.83 -16.13 -10.64
CA VAL A 4 2.54 -15.03 -9.99
C VAL A 4 2.29 -15.01 -8.49
N GLN A 5 3.25 -14.47 -7.75
CA GLN A 5 3.14 -14.40 -6.30
C GLN A 5 3.18 -12.95 -5.83
N LEU A 6 2.35 -12.64 -4.84
CA LEU A 6 2.28 -11.29 -4.29
C LEU A 6 2.82 -11.24 -2.87
N VAL A 7 3.93 -10.53 -2.68
CA VAL A 7 4.54 -10.40 -1.37
C VAL A 7 4.24 -9.04 -0.75
N GLU A 8 3.55 -9.06 0.39
CA GLU A 8 3.20 -7.82 1.08
C GLU A 8 4.03 -7.66 2.34
N SER A 9 4.46 -6.42 2.60
CA SER A 9 5.28 -6.13 3.77
C SER A 9 5.13 -4.66 4.19
N GLY A 10 5.36 -4.39 5.46
CA GLY A 10 5.25 -3.02 5.96
C GLY A 10 4.12 -2.88 6.97
N GLY A 11 2.91 -3.23 6.56
CA GLY A 11 1.77 -3.13 7.46
C GLY A 11 1.94 -3.93 8.72
N ALA A 12 2.38 -3.27 9.79
CA ALA A 12 2.58 -3.93 11.08
C ALA A 12 2.17 -3.03 12.23
N LEU A 13 2.31 -3.54 13.45
CA LEU A 13 1.95 -2.78 14.65
C LEU A 13 2.88 -1.59 14.83
N VAL A 14 2.39 -0.40 14.48
CA VAL A 14 3.17 0.82 14.61
C VAL A 14 2.68 1.67 15.78
N GLN A 15 3.56 2.56 16.27
CA GLN A 15 3.22 3.43 17.39
C GLN A 15 2.59 4.73 16.89
N PRO A 16 1.95 5.46 17.82
CA PRO A 16 1.31 6.74 17.50
C PRO A 16 2.31 7.83 17.18
N GLY A 17 2.13 8.48 16.03
CA GLY A 17 3.03 9.54 15.63
C GLY A 17 4.08 9.07 14.64
N GLY A 18 5.17 9.82 14.54
CA GLY A 18 6.24 9.46 13.62
C GLY A 18 5.72 9.18 12.22
N SER A 19 6.23 8.13 11.61
CA SER A 19 5.83 7.75 10.25
C SER A 19 6.32 6.35 9.90
N LEU A 20 5.67 5.73 8.92
CA LEU A 20 6.03 4.39 8.49
C LEU A 20 5.87 4.25 6.98
N ARG A 21 6.53 3.24 6.41
CA ARG A 21 6.46 2.99 4.98
C ARG A 21 6.12 1.52 4.70
N LEU A 22 5.36 1.30 3.64
CA LEU A 22 4.97 -0.06 3.26
C LEU A 22 5.54 -0.44 1.91
N SER A 23 5.78 -1.73 1.70
CA SER A 23 6.34 -2.23 0.45
C SER A 23 5.63 -3.51 0.01
N CYS A 24 5.70 -3.79 -1.29
CA CYS A 24 5.06 -4.98 -1.84
C CYS A 24 5.91 -5.58 -2.95
N ALA A 25 6.61 -6.67 -2.63
CA ALA A 25 7.46 -7.35 -3.60
C ALA A 25 6.63 -8.09 -4.63
N ALA A 26 7.12 -8.12 -5.87
CA ALA A 26 6.41 -8.81 -6.96
C ALA A 26 7.12 -10.10 -7.33
N SER A 27 6.36 -11.05 -7.86
CA SER A 27 6.91 -12.34 -8.26
C SER A 27 6.17 -12.90 -9.46
N GLY A 28 6.90 -13.12 -10.55
CA GLY A 28 6.29 -13.65 -11.76
C GLY A 28 5.53 -12.59 -12.54
N PHE A 29 5.13 -11.52 -11.85
CA PHE A 29 4.38 -10.45 -12.49
C PHE A 29 5.17 -9.14 -12.43
N PRO A 30 5.45 -8.56 -13.61
CA PRO A 30 6.18 -7.30 -13.72
C PRO A 30 5.39 -6.11 -13.20
N VAL A 31 6.04 -5.27 -12.40
CA VAL A 31 5.38 -4.09 -11.85
C VAL A 31 5.45 -2.92 -12.83
N ASN A 32 6.42 -2.95 -13.74
CA ASN A 32 6.59 -1.90 -14.72
C ASN A 32 5.83 -2.23 -16.00
N ARG A 33 4.89 -3.17 -15.92
CA ARG A 33 4.10 -3.58 -17.06
C ARG A 33 2.64 -3.18 -16.88
N TYR A 34 2.18 -3.19 -15.64
CA TYR A 34 0.79 -2.84 -15.34
C TYR A 34 0.72 -2.03 -14.04
N SER A 35 -0.47 -1.49 -13.76
CA SER A 35 -0.68 -0.69 -12.56
C SER A 35 -1.54 -1.45 -11.55
N MET A 36 -1.18 -1.34 -10.27
CA MET A 36 -1.92 -2.00 -9.21
C MET A 36 -2.80 -1.01 -8.46
N ARG A 37 -4.09 -1.32 -8.37
CA ARG A 37 -5.04 -0.46 -7.68
C ARG A 37 -4.77 -0.44 -6.18
N TRP A 38 -4.45 0.75 -5.66
CA TRP A 38 -4.15 0.90 -4.23
C TRP A 38 -5.40 1.38 -3.48
N TYR A 39 -5.71 0.70 -2.38
CA TYR A 39 -6.87 1.05 -1.57
C TYR A 39 -6.95 0.17 -0.32
N ARG A 40 -7.37 0.77 0.79
CA ARG A 40 -7.49 0.05 2.05
C ARG A 40 -8.89 0.21 2.62
N GLN A 41 -9.24 -0.69 3.55
CA GLN A 41 -10.56 -0.64 4.18
C GLN A 41 -10.44 -0.88 5.68
N ALA A 42 -11.21 -0.12 6.46
CA ALA A 42 -11.21 -0.24 7.91
C ALA A 42 -12.24 -1.25 8.38
N PRO A 43 -12.05 -1.76 9.61
CA PRO A 43 -12.96 -2.75 10.21
C PRO A 43 -14.32 -2.15 10.55
N GLY A 44 -15.36 -2.61 9.85
CA GLY A 44 -16.70 -2.11 10.10
C GLY A 44 -17.08 -1.00 9.14
N LYS A 45 -16.08 -0.29 8.63
CA LYS A 45 -16.32 0.80 7.70
C LYS A 45 -16.05 0.38 6.26
N GLU A 46 -16.63 1.10 5.31
CA GLU A 46 -16.46 0.79 3.90
C GLU A 46 -15.00 0.97 3.48
N ARG A 47 -14.69 0.60 2.24
CA ARG A 47 -13.34 0.72 1.72
C ARG A 47 -13.10 2.11 1.14
N GLU A 48 -11.84 2.53 1.11
CA GLU A 48 -11.49 3.85 0.58
C GLU A 48 -10.17 3.78 -0.19
N TRP A 49 -10.11 4.47 -1.32
CA TRP A 49 -8.91 4.49 -2.15
C TRP A 49 -7.78 5.23 -1.44
N VAL A 50 -6.55 4.86 -1.78
CA VAL A 50 -5.37 5.49 -1.17
C VAL A 50 -4.44 6.02 -2.25
N ALA A 51 -4.34 5.32 -3.36
CA ALA A 51 -3.48 5.72 -4.46
C ALA A 51 -3.80 4.93 -5.73
N GLY A 52 -3.32 5.44 -6.86
CA GLY A 52 -3.57 4.77 -8.14
C GLY A 52 -2.92 5.49 -9.30
N MET A 53 -1.85 4.91 -9.84
CA MET A 53 -1.14 5.50 -10.96
C MET A 53 -1.25 4.61 -12.20
N SER A 54 -1.09 5.21 -13.37
CA SER A 54 -1.18 4.48 -14.62
C SER A 54 0.05 3.59 -14.82
N SER A 55 -0.03 2.67 -15.77
CA SER A 55 1.07 1.75 -16.06
C SER A 55 2.28 2.51 -16.57
N ALA A 56 2.03 3.55 -17.37
CA ALA A 56 3.11 4.35 -17.93
C ALA A 56 3.99 4.93 -16.82
N GLY A 57 3.39 5.24 -15.68
CA GLY A 57 4.13 5.80 -14.57
C GLY A 57 4.46 7.26 -14.77
N ASP A 58 3.52 7.99 -15.38
CA ASP A 58 3.72 9.41 -15.64
C ASP A 58 3.12 10.24 -14.51
N ARG A 59 1.81 10.15 -14.34
CA ARG A 59 1.12 10.90 -13.30
C ARG A 59 0.25 9.97 -12.45
N SER A 60 0.38 10.10 -11.13
CA SER A 60 -0.40 9.27 -10.21
C SER A 60 -1.69 9.97 -9.81
N SER A 61 -2.67 9.18 -9.37
CA SER A 61 -3.96 9.72 -8.96
C SER A 61 -4.14 9.60 -7.45
N TYR A 62 -4.53 10.70 -6.83
CA TYR A 62 -4.74 10.73 -5.38
C TYR A 62 -5.61 11.92 -4.97
N GLU A 63 -6.52 11.67 -4.04
CA GLU A 63 -7.42 12.72 -3.56
C GLU A 63 -6.63 13.89 -2.97
N ASP A 64 -7.21 15.09 -3.06
CA ASP A 64 -6.56 16.28 -2.53
C ASP A 64 -6.29 16.14 -1.04
N SER A 65 -7.00 15.22 -0.40
CA SER A 65 -6.85 14.99 1.04
C SER A 65 -5.72 14.00 1.31
N VAL A 66 -5.62 12.97 0.46
CA VAL A 66 -4.59 11.96 0.62
C VAL A 66 -3.26 12.44 0.04
N LYS A 67 -3.33 13.41 -0.86
CA LYS A 67 -2.13 13.96 -1.49
C LYS A 67 -1.40 14.89 -0.53
N GLY A 68 -0.07 14.89 -0.61
CA GLY A 68 0.73 15.74 0.24
C GLY A 68 1.49 14.96 1.29
N ARG A 69 0.95 13.80 1.68
CA ARG A 69 1.58 12.96 2.68
C ARG A 69 1.79 11.54 2.14
N PHE A 70 0.83 11.07 1.34
CA PHE A 70 0.91 9.74 0.76
C PHE A 70 1.35 9.80 -0.70
N THR A 71 2.21 8.88 -1.10
CA THR A 71 2.71 8.84 -2.46
C THR A 71 2.86 7.39 -2.94
N ILE A 72 2.51 7.15 -4.20
CA ILE A 72 2.62 5.82 -4.78
C ILE A 72 3.75 5.75 -5.79
N SER A 73 4.50 4.64 -5.76
CA SER A 73 5.61 4.45 -6.68
C SER A 73 5.94 2.97 -6.83
N ARG A 74 6.83 2.66 -7.77
CA ARG A 74 7.23 1.28 -8.03
C ARG A 74 8.52 1.22 -8.82
N ASP A 75 9.40 0.28 -8.47
CA ASP A 75 10.68 0.12 -9.15
C ASP A 75 10.63 -1.05 -10.12
N ASP A 76 11.18 -0.84 -11.31
CA ASP A 76 11.20 -1.88 -12.33
C ASP A 76 12.41 -2.78 -12.16
N ALA A 77 13.58 -2.17 -11.99
CA ALA A 77 14.81 -2.93 -11.82
C ALA A 77 14.68 -3.94 -10.69
N ARG A 78 14.02 -3.55 -9.61
CA ARG A 78 13.83 -4.42 -8.46
C ARG A 78 12.46 -5.10 -8.53
N ASN A 79 11.53 -4.48 -9.23
CA ASN A 79 10.19 -5.02 -9.37
C ASN A 79 9.48 -5.08 -8.02
N THR A 80 9.27 -3.91 -7.42
CA THR A 80 8.60 -3.83 -6.13
C THR A 80 7.87 -2.50 -5.97
N VAL A 81 6.74 -2.54 -5.26
CA VAL A 81 5.94 -1.34 -5.04
C VAL A 81 6.19 -0.76 -3.65
N TYR A 82 6.27 0.56 -3.58
CA TYR A 82 6.51 1.24 -2.30
C TYR A 82 5.47 2.32 -2.06
N LEU A 83 4.85 2.30 -0.88
CA LEU A 83 3.84 3.29 -0.53
C LEU A 83 4.25 4.07 0.71
N GLN A 84 4.75 5.29 0.51
CA GLN A 84 5.18 6.14 1.61
C GLN A 84 3.98 6.65 2.40
N MET A 85 4.02 6.44 3.71
CA MET A 85 2.93 6.88 4.58
C MET A 85 3.46 7.80 5.67
N ASN A 86 3.23 9.11 5.51
CA ASN A 86 3.68 10.08 6.49
C ASN A 86 2.52 10.59 7.32
N SER A 87 2.83 11.12 8.50
CA SER A 87 1.80 11.64 9.40
C SER A 87 0.81 10.55 9.79
N LEU A 88 1.30 9.55 10.52
CA LEU A 88 0.46 8.44 10.96
C LEU A 88 -0.77 8.95 11.71
N LYS A 89 -1.80 8.12 11.78
CA LYS A 89 -3.03 8.48 12.46
C LYS A 89 -3.60 7.29 13.22
N PRO A 90 -4.50 7.57 14.18
CA PRO A 90 -5.15 6.53 14.99
C PRO A 90 -6.12 5.68 14.19
N GLU A 91 -6.81 6.32 13.25
CA GLU A 91 -7.78 5.63 12.41
C GLU A 91 -7.08 4.81 11.33
N ASP A 92 -5.76 4.86 11.32
CA ASP A 92 -4.96 4.13 10.35
C ASP A 92 -5.15 2.62 10.52
N THR A 93 -5.48 2.21 11.75
CA THR A 93 -5.69 0.80 12.05
C THR A 93 -6.62 0.15 11.04
N ALA A 94 -6.04 -0.64 10.14
CA ALA A 94 -6.83 -1.33 9.11
C ALA A 94 -5.94 -2.18 8.22
N VAL A 95 -6.53 -2.77 7.19
CA VAL A 95 -5.79 -3.62 6.27
C VAL A 95 -5.60 -2.93 4.92
N TYR A 96 -4.39 -3.03 4.38
CA TYR A 96 -4.07 -2.42 3.10
C TYR A 96 -3.79 -3.47 2.04
N TYR A 97 -4.56 -3.45 0.96
CA TYR A 97 -4.39 -4.40 -0.13
C TYR A 97 -4.56 -3.72 -1.49
N CYS A 98 -4.25 -4.45 -2.55
CA CYS A 98 -4.37 -3.93 -3.90
C CYS A 98 -5.06 -4.93 -4.81
N ASN A 99 -5.07 -4.63 -6.12
CA ASN A 99 -5.70 -5.50 -7.09
C ASN A 99 -4.81 -5.68 -8.32
N VAL A 100 -4.44 -6.92 -8.62
CA VAL A 100 -3.60 -7.22 -9.76
C VAL A 100 -4.31 -8.14 -10.75
N ASN A 101 -4.47 -7.66 -11.98
CA ASN A 101 -5.14 -8.45 -13.02
C ASN A 101 -4.24 -8.59 -14.25
N VAL A 102 -3.48 -9.68 -14.29
CA VAL A 102 -2.58 -9.93 -15.41
C VAL A 102 -2.79 -11.34 -15.97
N GLY A 103 -3.84 -11.50 -16.77
CA GLY A 103 -4.14 -12.79 -17.36
C GLY A 103 -5.04 -13.64 -16.48
N PHE A 104 -5.02 -13.36 -15.18
CA PHE A 104 -5.84 -14.11 -14.22
C PHE A 104 -5.95 -13.35 -12.90
N GLU A 105 -7.15 -13.36 -12.33
CA GLU A 105 -7.39 -12.68 -11.06
C GLU A 105 -6.39 -13.12 -10.01
N TYR A 106 -5.59 -12.17 -9.54
CA TYR A 106 -4.58 -12.45 -8.52
C TYR A 106 -4.62 -11.42 -7.40
N TRP A 107 -4.94 -11.88 -6.19
CA TRP A 107 -5.02 -10.99 -5.04
C TRP A 107 -4.47 -11.68 -3.79
N GLY A 108 -3.55 -11.00 -3.11
CA GLY A 108 -2.95 -11.56 -1.91
C GLY A 108 -1.86 -10.68 -1.34
N GLN A 109 -2.24 -9.52 -0.84
CA GLN A 109 -1.28 -8.58 -0.27
C GLN A 109 -1.95 -7.67 0.76
N GLY A 110 -2.89 -8.23 1.51
CA GLY A 110 -3.59 -7.46 2.52
C GLY A 110 -2.89 -7.47 3.86
N THR A 111 -2.18 -6.38 4.16
CA THR A 111 -1.45 -6.27 5.41
C THR A 111 -2.22 -5.42 6.42
N GLN A 112 -2.36 -5.94 7.64
CA GLN A 112 -3.07 -5.22 8.70
C GLN A 112 -2.10 -4.42 9.56
N VAL A 113 -2.44 -3.15 9.78
CA VAL A 113 -1.61 -2.26 10.59
C VAL A 113 -2.30 -1.89 11.90
N THR A 114 -1.50 -1.72 12.95
CA THR A 114 -2.04 -1.37 14.25
C THR A 114 -1.33 -0.14 14.83
N VAL A 115 -2.03 0.98 14.83
CA VAL A 115 -1.47 2.23 15.35
C VAL A 115 -1.87 2.45 16.81
N SER A 116 -0.95 2.17 17.72
CA SER A 116 -1.21 2.33 19.14
C SER A 116 -1.67 3.75 19.45
N SER A 117 -2.28 3.92 20.62
CA SER A 117 -2.77 5.23 21.04
C SER A 117 -2.30 5.57 22.45
N HIS A 118 -2.39 6.84 22.80
CA HIS A 118 -1.97 7.30 24.13
C HIS A 118 -0.52 6.93 24.39
N HIS A 119 0.40 7.59 23.68
CA HIS A 119 1.82 7.33 23.83
C HIS A 119 2.65 8.44 23.20
N HIS A 120 3.46 9.11 24.02
CA HIS A 120 4.31 10.19 23.54
C HIS A 120 5.54 9.65 22.82
N HIS A 121 6.32 8.84 23.53
CA HIS A 121 7.53 8.26 22.96
C HIS A 121 7.94 7.00 23.72
N HIS A 122 8.99 6.34 23.24
CA HIS A 122 9.48 5.12 23.88
C HIS A 122 10.92 5.29 24.34
N HIS A 123 11.47 4.24 24.96
CA HIS A 123 12.84 4.27 25.45
C HIS A 123 13.81 3.77 24.38
N MET A 1 1.50 -22.77 -10.05
CA MET A 1 1.77 -23.24 -11.40
C MET A 1 0.92 -22.49 -12.42
N ALA A 2 1.56 -21.97 -13.45
CA ALA A 2 0.85 -21.23 -14.51
C ALA A 2 0.00 -20.12 -13.90
N GLN A 3 0.60 -19.31 -13.04
CA GLN A 3 -0.11 -18.21 -12.40
C GLN A 3 0.86 -17.29 -11.66
N VAL A 4 0.54 -15.99 -11.66
CA VAL A 4 1.39 -15.01 -10.99
C VAL A 4 1.20 -15.05 -9.48
N GLN A 5 2.22 -14.64 -8.75
CA GLN A 5 2.17 -14.63 -7.29
C GLN A 5 2.33 -13.22 -6.74
N LEU A 6 1.51 -12.87 -5.76
CA LEU A 6 1.55 -11.55 -5.15
C LEU A 6 2.06 -11.62 -3.72
N VAL A 7 3.15 -10.91 -3.45
CA VAL A 7 3.74 -10.90 -2.12
C VAL A 7 3.69 -9.50 -1.51
N GLU A 8 3.17 -9.42 -0.28
CA GLU A 8 3.07 -8.13 0.41
C GLU A 8 4.08 -8.04 1.54
N SER A 9 4.54 -6.82 1.82
CA SER A 9 5.52 -6.59 2.87
C SER A 9 5.45 -5.16 3.39
N GLY A 10 5.96 -4.94 4.59
CA GLY A 10 5.95 -3.61 5.18
C GLY A 10 4.88 -3.47 6.25
N GLY A 11 3.77 -4.18 6.08
CA GLY A 11 2.69 -4.10 7.05
C GLY A 11 2.97 -4.95 8.28
N ALA A 12 3.18 -4.29 9.41
CA ALA A 12 3.45 -4.99 10.66
C ALA A 12 3.19 -4.09 11.86
N LEU A 13 3.37 -4.64 13.06
CA LEU A 13 3.15 -3.88 14.29
C LEU A 13 4.20 -2.79 14.46
N VAL A 14 3.82 -1.56 14.18
CA VAL A 14 4.72 -0.43 14.31
C VAL A 14 4.30 0.50 15.44
N GLN A 15 5.24 1.32 15.91
CA GLN A 15 4.96 2.25 17.00
C GLN A 15 4.45 3.58 16.45
N PRO A 16 3.82 4.39 17.33
CA PRO A 16 3.27 5.69 16.96
C PRO A 16 4.37 6.71 16.66
N GLY A 17 4.21 7.42 15.55
CA GLY A 17 5.20 8.42 15.16
C GLY A 17 6.07 7.97 14.02
N GLY A 18 7.12 8.73 13.72
CA GLY A 18 8.01 8.39 12.64
C GLY A 18 7.28 8.12 11.33
N SER A 19 7.81 7.21 10.53
CA SER A 19 7.19 6.86 9.25
C SER A 19 7.82 5.59 8.68
N LEU A 20 7.07 4.90 7.83
CA LEU A 20 7.55 3.67 7.22
C LEU A 20 6.96 3.50 5.81
N ARG A 21 7.59 2.64 5.01
CA ARG A 21 7.14 2.39 3.66
C ARG A 21 6.82 0.92 3.44
N LEU A 22 5.80 0.64 2.65
CA LEU A 22 5.40 -0.74 2.37
C LEU A 22 5.88 -1.17 0.99
N SER A 23 6.49 -2.35 0.93
CA SER A 23 6.99 -2.89 -0.33
C SER A 23 6.24 -4.15 -0.72
N CYS A 24 5.85 -4.23 -1.98
CA CYS A 24 5.13 -5.40 -2.49
C CYS A 24 5.93 -6.11 -3.58
N ALA A 25 6.27 -7.37 -3.33
CA ALA A 25 7.03 -8.16 -4.28
C ALA A 25 6.12 -8.74 -5.36
N ALA A 26 6.64 -8.84 -6.58
CA ALA A 26 5.88 -9.38 -7.69
C ALA A 26 6.46 -10.71 -8.16
N SER A 27 5.60 -11.55 -8.76
CA SER A 27 6.03 -12.86 -9.24
C SER A 27 5.22 -13.26 -10.46
N GLY A 28 5.91 -13.48 -11.58
CA GLY A 28 5.25 -13.88 -12.80
C GLY A 28 4.55 -12.72 -13.49
N PHE A 29 4.27 -11.67 -12.72
CA PHE A 29 3.60 -10.49 -13.26
C PHE A 29 4.49 -9.26 -13.16
N PRO A 30 4.72 -8.60 -14.31
CA PRO A 30 5.56 -7.40 -14.37
C PRO A 30 4.90 -6.19 -13.69
N VAL A 31 5.68 -5.49 -12.88
CA VAL A 31 5.18 -4.32 -12.16
C VAL A 31 5.26 -3.07 -13.03
N ASN A 32 6.20 -3.08 -13.99
CA ASN A 32 6.39 -1.95 -14.88
C ASN A 32 5.54 -2.11 -16.15
N ARG A 33 4.56 -3.01 -16.09
CA ARG A 33 3.69 -3.26 -17.23
C ARG A 33 2.26 -2.76 -16.95
N TYR A 34 1.86 -2.84 -15.69
CA TYR A 34 0.52 -2.40 -15.29
C TYR A 34 0.59 -1.53 -14.03
N SER A 35 -0.56 -0.99 -13.66
CA SER A 35 -0.64 -0.13 -12.47
C SER A 35 -1.04 -0.93 -11.24
N MET A 36 -0.55 -0.53 -10.07
CA MET A 36 -0.87 -1.21 -8.83
C MET A 36 -1.91 -0.43 -8.03
N ARG A 37 -3.05 -1.05 -7.79
CA ARG A 37 -4.12 -0.42 -7.04
C ARG A 37 -3.88 -0.54 -5.53
N TRP A 38 -3.79 0.60 -4.85
CA TRP A 38 -3.56 0.62 -3.41
C TRP A 38 -4.85 0.93 -2.66
N TYR A 39 -5.14 0.14 -1.63
CA TYR A 39 -6.34 0.35 -0.83
C TYR A 39 -6.16 -0.18 0.59
N ARG A 40 -7.09 0.15 1.46
CA ARG A 40 -7.03 -0.29 2.85
C ARG A 40 -8.43 -0.40 3.46
N GLN A 41 -8.60 -1.37 4.35
CA GLN A 41 -9.89 -1.58 4.99
C GLN A 41 -9.73 -1.75 6.50
N ALA A 42 -10.46 -0.95 7.28
CA ALA A 42 -10.39 -1.02 8.73
C ALA A 42 -11.51 -1.88 9.29
N PRO A 43 -11.28 -2.46 10.48
CA PRO A 43 -12.26 -3.32 11.14
C PRO A 43 -13.47 -2.54 11.65
N GLY A 44 -14.63 -2.80 11.07
CA GLY A 44 -15.84 -2.12 11.48
C GLY A 44 -16.09 -0.87 10.67
N LYS A 45 -15.03 -0.28 10.13
CA LYS A 45 -15.15 0.94 9.33
C LYS A 45 -14.96 0.63 7.85
N GLU A 46 -15.75 1.30 7.01
CA GLU A 46 -15.67 1.09 5.57
C GLU A 46 -14.24 1.26 5.07
N ARG A 47 -13.99 0.83 3.84
CA ARG A 47 -12.66 0.93 3.24
C ARG A 47 -12.49 2.27 2.52
N GLU A 48 -11.24 2.69 2.38
CA GLU A 48 -10.94 3.96 1.72
C GLU A 48 -9.65 3.85 0.91
N TRP A 49 -9.68 4.39 -0.30
CA TRP A 49 -8.52 4.35 -1.18
C TRP A 49 -7.32 5.05 -0.53
N VAL A 50 -6.12 4.50 -0.77
CA VAL A 50 -4.91 5.06 -0.20
C VAL A 50 -3.98 5.58 -1.29
N ALA A 51 -3.99 4.89 -2.44
CA ALA A 51 -3.15 5.29 -3.56
C ALA A 51 -3.58 4.57 -4.84
N GLY A 52 -3.25 5.16 -5.99
CA GLY A 52 -3.61 4.56 -7.26
C GLY A 52 -2.94 5.25 -8.43
N MET A 53 -2.16 4.49 -9.19
CA MET A 53 -1.47 5.03 -10.35
C MET A 53 -1.98 4.41 -11.64
N SER A 54 -1.58 4.99 -12.77
CA SER A 54 -2.01 4.49 -14.08
C SER A 54 -1.01 3.48 -14.62
N SER A 55 -1.47 2.64 -15.55
CA SER A 55 -0.62 1.62 -16.16
C SER A 55 0.66 2.25 -16.69
N ALA A 56 0.56 3.47 -17.20
CA ALA A 56 1.70 4.17 -17.76
C ALA A 56 2.75 4.43 -16.69
N GLY A 57 2.29 4.64 -15.45
CA GLY A 57 3.21 4.89 -14.35
C GLY A 57 3.92 6.22 -14.49
N ASP A 58 3.19 7.25 -14.91
CA ASP A 58 3.76 8.58 -15.07
C ASP A 58 3.21 9.54 -14.02
N ARG A 59 1.91 9.44 -13.75
CA ARG A 59 1.27 10.29 -12.77
C ARG A 59 0.43 9.48 -11.79
N SER A 60 0.68 9.66 -10.50
CA SER A 60 -0.05 8.94 -9.47
C SER A 60 -1.24 9.75 -8.97
N SER A 61 -2.30 9.05 -8.59
CA SER A 61 -3.52 9.70 -8.10
C SER A 61 -3.65 9.53 -6.60
N TYR A 62 -3.95 10.63 -5.90
CA TYR A 62 -4.11 10.61 -4.45
C TYR A 62 -4.90 11.82 -3.98
N GLU A 63 -5.89 11.57 -3.12
CA GLU A 63 -6.72 12.65 -2.59
C GLU A 63 -5.86 13.76 -2.00
N ASP A 64 -6.38 14.98 -2.00
CA ASP A 64 -5.66 16.13 -1.46
C ASP A 64 -5.37 15.94 0.02
N SER A 65 -6.10 15.01 0.65
CA SER A 65 -5.92 14.74 2.07
C SER A 65 -4.73 13.82 2.31
N VAL A 66 -4.57 12.85 1.42
CA VAL A 66 -3.46 11.89 1.53
C VAL A 66 -2.22 12.41 0.82
N LYS A 67 -2.42 13.32 -0.13
CA LYS A 67 -1.31 13.90 -0.89
C LYS A 67 -0.47 14.81 0.00
N GLY A 68 0.85 14.77 -0.21
CA GLY A 68 1.74 15.60 0.58
C GLY A 68 2.57 14.79 1.56
N ARG A 69 2.02 13.66 2.00
CA ARG A 69 2.71 12.81 2.95
C ARG A 69 2.83 11.38 2.40
N PHE A 70 1.79 10.93 1.71
CA PHE A 70 1.77 9.59 1.14
C PHE A 70 2.03 9.64 -0.37
N THR A 71 2.80 8.67 -0.85
CA THR A 71 3.13 8.59 -2.27
C THR A 71 3.26 7.15 -2.74
N ILE A 72 2.75 6.86 -3.92
CA ILE A 72 2.81 5.51 -4.47
C ILE A 72 3.78 5.46 -5.65
N SER A 73 4.55 4.37 -5.73
CA SER A 73 5.51 4.18 -6.80
C SER A 73 5.86 2.72 -6.98
N ARG A 74 6.67 2.42 -7.99
CA ARG A 74 7.08 1.04 -8.27
C ARG A 74 8.44 1.01 -8.96
N ASP A 75 9.12 -0.12 -8.85
CA ASP A 75 10.43 -0.28 -9.47
C ASP A 75 10.43 -1.42 -10.48
N ASP A 76 10.91 -1.15 -11.68
CA ASP A 76 10.97 -2.15 -12.74
C ASP A 76 12.21 -3.01 -12.61
N ALA A 77 13.31 -2.41 -12.17
CA ALA A 77 14.57 -3.12 -12.00
C ALA A 77 14.50 -4.07 -10.80
N ARG A 78 13.79 -3.64 -9.76
CA ARG A 78 13.66 -4.45 -8.55
C ARG A 78 12.35 -5.23 -8.56
N ASN A 79 11.38 -4.75 -9.33
CA ASN A 79 10.09 -5.40 -9.43
C ASN A 79 9.36 -5.39 -8.08
N THR A 80 9.19 -4.20 -7.52
CA THR A 80 8.51 -4.05 -6.23
C THR A 80 7.83 -2.69 -6.13
N VAL A 81 6.65 -2.68 -5.50
CA VAL A 81 5.90 -1.44 -5.34
C VAL A 81 6.09 -0.87 -3.93
N TYR A 82 6.71 0.30 -3.85
CA TYR A 82 6.96 0.95 -2.58
C TYR A 82 5.88 2.00 -2.28
N LEU A 83 5.45 2.06 -1.03
CA LEU A 83 4.44 3.02 -0.62
C LEU A 83 4.88 3.79 0.63
N GLN A 84 5.33 5.02 0.42
CA GLN A 84 5.79 5.86 1.52
C GLN A 84 4.60 6.32 2.38
N MET A 85 4.81 6.34 3.69
CA MET A 85 3.76 6.75 4.62
C MET A 85 4.32 7.67 5.70
N ASN A 86 3.95 8.94 5.65
CA ASN A 86 4.42 9.93 6.62
C ASN A 86 3.30 10.34 7.56
N SER A 87 3.66 10.96 8.68
CA SER A 87 2.68 11.41 9.65
C SER A 87 1.73 10.28 10.02
N LEU A 88 2.28 9.20 10.57
CA LEU A 88 1.47 8.05 10.97
C LEU A 88 0.32 8.48 11.86
N LYS A 89 -0.70 7.62 11.96
CA LYS A 89 -1.87 7.92 12.78
C LYS A 89 -2.30 6.67 13.55
N PRO A 90 -3.05 6.89 14.65
CA PRO A 90 -3.55 5.80 15.49
C PRO A 90 -4.63 4.98 14.79
N GLU A 91 -5.42 5.63 13.95
CA GLU A 91 -6.49 4.96 13.22
C GLU A 91 -5.93 4.15 12.06
N ASP A 92 -4.61 4.19 11.90
CA ASP A 92 -3.95 3.46 10.83
C ASP A 92 -4.15 1.95 11.00
N THR A 93 -4.37 1.53 12.23
CA THR A 93 -4.57 0.11 12.53
C THR A 93 -5.59 -0.51 11.58
N ALA A 94 -5.11 -1.26 10.60
CA ALA A 94 -5.98 -1.91 9.63
C ALA A 94 -5.20 -2.82 8.71
N VAL A 95 -5.84 -3.28 7.64
CA VAL A 95 -5.20 -4.17 6.67
C VAL A 95 -5.00 -3.47 5.33
N TYR A 96 -3.82 -3.60 4.77
CA TYR A 96 -3.50 -2.98 3.48
C TYR A 96 -3.29 -4.04 2.40
N TYR A 97 -4.13 -4.00 1.37
CA TYR A 97 -4.05 -4.96 0.27
C TYR A 97 -4.01 -4.23 -1.07
N CYS A 98 -3.53 -4.94 -2.09
CA CYS A 98 -3.43 -4.37 -3.43
C CYS A 98 -4.47 -4.99 -4.37
N ASN A 99 -4.40 -4.64 -5.64
CA ASN A 99 -5.33 -5.16 -6.64
C ASN A 99 -4.72 -5.10 -8.04
N VAL A 100 -4.49 -6.27 -8.62
CA VAL A 100 -3.92 -6.35 -9.96
C VAL A 100 -4.72 -7.29 -10.85
N ASN A 101 -5.12 -6.79 -12.02
CA ASN A 101 -5.91 -7.57 -12.96
C ASN A 101 -5.19 -7.70 -14.30
N VAL A 102 -4.43 -8.77 -14.47
CA VAL A 102 -3.70 -9.01 -15.70
C VAL A 102 -4.10 -10.33 -16.34
N GLY A 103 -5.21 -10.31 -17.07
CA GLY A 103 -5.68 -11.52 -17.72
C GLY A 103 -6.63 -12.32 -16.85
N PHE A 104 -6.47 -12.18 -15.54
CA PHE A 104 -7.30 -12.91 -14.58
C PHE A 104 -7.24 -12.26 -13.20
N GLU A 105 -8.40 -12.19 -12.54
CA GLU A 105 -8.47 -11.60 -11.20
C GLU A 105 -7.43 -12.21 -10.28
N TYR A 106 -6.49 -11.40 -9.83
CA TYR A 106 -5.43 -11.87 -8.93
C TYR A 106 -5.23 -10.89 -7.78
N TRP A 107 -5.48 -11.36 -6.56
CA TRP A 107 -5.34 -10.54 -5.37
C TRP A 107 -4.73 -11.34 -4.23
N GLY A 108 -3.67 -10.81 -3.63
CA GLY A 108 -3.01 -11.48 -2.53
C GLY A 108 -1.87 -10.68 -1.94
N GLN A 109 -2.18 -9.48 -1.46
CA GLN A 109 -1.18 -8.60 -0.88
C GLN A 109 -1.71 -7.93 0.38
N GLY A 110 -2.62 -8.60 1.07
CA GLY A 110 -3.20 -8.05 2.29
C GLY A 110 -2.28 -8.20 3.48
N THR A 111 -1.84 -7.08 4.03
CA THR A 111 -0.96 -7.09 5.19
C THR A 111 -1.60 -6.40 6.38
N GLN A 112 -1.30 -6.90 7.58
CA GLN A 112 -1.84 -6.33 8.81
C GLN A 112 -0.84 -5.38 9.47
N VAL A 113 -1.30 -4.18 9.78
CA VAL A 113 -0.46 -3.18 10.42
C VAL A 113 -1.08 -2.66 11.71
N THR A 114 -0.25 -2.42 12.71
CA THR A 114 -0.71 -1.93 14.00
C THR A 114 0.10 -0.71 14.45
N VAL A 115 -0.59 0.25 15.06
CA VAL A 115 0.06 1.47 15.53
C VAL A 115 -0.18 1.67 17.03
N SER A 116 0.84 1.37 17.83
CA SER A 116 0.73 1.52 19.28
C SER A 116 0.38 2.95 19.66
N SER A 117 -0.09 3.14 20.89
CA SER A 117 -0.46 4.47 21.37
C SER A 117 0.09 4.70 22.77
N HIS A 118 1.39 4.52 22.94
CA HIS A 118 2.03 4.73 24.24
C HIS A 118 2.53 6.15 24.38
N HIS A 119 2.99 6.73 23.29
CA HIS A 119 3.50 8.10 23.29
C HIS A 119 2.45 9.07 22.74
N HIS A 120 1.30 9.12 23.40
CA HIS A 120 0.22 10.01 22.99
C HIS A 120 0.72 11.44 22.84
N HIS A 121 0.51 12.01 21.66
CA HIS A 121 0.94 13.38 21.38
C HIS A 121 -0.05 14.39 21.95
N HIS A 122 -1.33 14.05 21.91
CA HIS A 122 -2.37 14.92 22.43
C HIS A 122 -2.95 14.37 23.72
N HIS A 123 -2.70 15.06 24.83
CA HIS A 123 -3.20 14.64 26.13
C HIS A 123 -3.34 15.83 27.07
N MET A 1 -0.63 -23.75 -12.06
CA MET A 1 0.80 -23.48 -11.98
C MET A 1 1.15 -22.20 -12.72
N ALA A 2 2.39 -21.75 -12.57
CA ALA A 2 2.86 -20.53 -13.23
C ALA A 2 2.05 -19.32 -12.77
N GLN A 3 1.67 -19.31 -11.51
CA GLN A 3 0.90 -18.21 -10.94
C GLN A 3 1.81 -17.18 -10.28
N VAL A 4 1.34 -15.94 -10.21
CA VAL A 4 2.11 -14.87 -9.61
C VAL A 4 1.83 -14.77 -8.11
N GLN A 5 2.84 -14.32 -7.36
CA GLN A 5 2.71 -14.18 -5.91
C GLN A 5 2.91 -12.73 -5.48
N LEU A 6 2.01 -12.25 -4.62
CA LEU A 6 2.09 -10.87 -4.13
C LEU A 6 2.66 -10.83 -2.73
N VAL A 7 3.72 -10.05 -2.54
CA VAL A 7 4.36 -9.92 -1.24
C VAL A 7 4.00 -8.58 -0.58
N GLU A 8 3.18 -8.66 0.46
CA GLU A 8 2.76 -7.45 1.18
C GLU A 8 3.46 -7.36 2.53
N SER A 9 4.22 -6.28 2.71
CA SER A 9 4.95 -6.06 3.97
C SER A 9 4.91 -4.60 4.37
N GLY A 10 5.11 -4.34 5.66
CA GLY A 10 5.10 -2.98 6.16
C GLY A 10 4.06 -2.77 7.24
N GLY A 11 2.80 -3.06 6.92
CA GLY A 11 1.73 -2.88 7.87
C GLY A 11 2.01 -3.59 9.19
N ALA A 12 2.17 -2.80 10.25
CA ALA A 12 2.45 -3.36 11.57
C ALA A 12 2.10 -2.35 12.66
N LEU A 13 2.32 -2.75 13.91
CA LEU A 13 2.02 -1.89 15.06
C LEU A 13 2.92 -0.66 15.05
N VAL A 14 2.37 0.47 14.63
CA VAL A 14 3.12 1.73 14.58
C VAL A 14 2.66 2.68 15.69
N GLN A 15 3.56 3.58 16.09
CA GLN A 15 3.25 4.54 17.13
C GLN A 15 2.68 5.83 16.54
N PRO A 16 2.05 6.64 17.39
CA PRO A 16 1.45 7.92 16.96
C PRO A 16 2.50 8.96 16.60
N GLY A 17 2.37 9.53 15.40
CA GLY A 17 3.32 10.53 14.95
C GLY A 17 4.31 9.98 13.95
N GLY A 18 5.38 10.74 13.71
CA GLY A 18 6.40 10.31 12.76
C GLY A 18 5.80 9.89 11.43
N SER A 19 6.47 8.95 10.76
CA SER A 19 6.02 8.47 9.46
C SER A 19 6.77 7.21 9.05
N LEU A 20 6.19 6.46 8.13
CA LEU A 20 6.80 5.22 7.66
C LEU A 20 6.33 4.90 6.24
N ARG A 21 7.09 4.03 5.56
CA ARG A 21 6.76 3.64 4.20
C ARG A 21 6.55 2.13 4.10
N LEU A 22 5.57 1.72 3.30
CA LEU A 22 5.27 0.31 3.12
C LEU A 22 5.98 -0.25 1.90
N SER A 23 6.28 -1.55 1.94
CA SER A 23 6.96 -2.20 0.82
C SER A 23 6.14 -3.37 0.30
N CYS A 24 6.14 -3.55 -1.01
CA CYS A 24 5.39 -4.64 -1.64
C CYS A 24 6.21 -5.29 -2.75
N ALA A 25 6.74 -6.48 -2.47
CA ALA A 25 7.54 -7.20 -3.44
C ALA A 25 6.65 -7.98 -4.41
N ALA A 26 7.08 -8.06 -5.66
CA ALA A 26 6.33 -8.78 -6.69
C ALA A 26 6.95 -10.15 -6.96
N SER A 27 6.13 -11.06 -7.47
CA SER A 27 6.59 -12.41 -7.77
C SER A 27 5.88 -12.97 -9.00
N GLY A 28 6.65 -13.28 -10.04
CA GLY A 28 6.07 -13.81 -11.27
C GLY A 28 5.40 -12.74 -12.10
N PHE A 29 5.02 -11.64 -11.46
CA PHE A 29 4.36 -10.54 -12.15
C PHE A 29 5.21 -9.27 -12.11
N PRO A 30 5.53 -8.74 -13.30
CA PRO A 30 6.34 -7.52 -13.42
C PRO A 30 5.59 -6.28 -12.95
N VAL A 31 6.28 -5.43 -12.19
CA VAL A 31 5.68 -4.20 -11.68
C VAL A 31 5.80 -3.07 -12.70
N ASN A 32 6.81 -3.16 -13.57
CA ASN A 32 7.03 -2.15 -14.58
C ASN A 32 6.32 -2.51 -15.88
N ARG A 33 5.36 -3.43 -15.79
CA ARG A 33 4.59 -3.86 -16.96
C ARG A 33 3.14 -3.40 -16.85
N TYR A 34 2.63 -3.34 -15.63
CA TYR A 34 1.25 -2.92 -15.40
C TYR A 34 1.17 -1.90 -14.26
N SER A 35 -0.03 -1.38 -14.03
CA SER A 35 -0.24 -0.40 -12.97
C SER A 35 -0.62 -1.09 -11.66
N MET A 36 -0.08 -0.58 -10.56
CA MET A 36 -0.36 -1.13 -9.25
C MET A 36 -1.35 -0.26 -8.48
N ARG A 37 -2.49 -0.85 -8.13
CA ARG A 37 -3.53 -0.13 -7.40
C ARG A 37 -3.56 -0.54 -5.94
N TRP A 38 -3.42 0.43 -5.05
CA TRP A 38 -3.43 0.16 -3.61
C TRP A 38 -4.80 0.45 -3.01
N TYR A 39 -5.15 -0.29 -1.97
CA TYR A 39 -6.44 -0.12 -1.30
C TYR A 39 -6.36 -0.56 0.16
N ARG A 40 -7.34 -0.13 0.94
CA ARG A 40 -7.39 -0.48 2.36
C ARG A 40 -8.83 -0.43 2.89
N GLN A 41 -9.07 -1.16 3.97
CA GLN A 41 -10.41 -1.20 4.57
C GLN A 41 -10.32 -1.08 6.09
N ALA A 42 -11.08 -0.14 6.65
CA ALA A 42 -11.09 0.07 8.09
C ALA A 42 -12.20 -0.73 8.75
N PRO A 43 -12.03 -1.04 10.05
CA PRO A 43 -13.01 -1.81 10.82
C PRO A 43 -14.28 -1.01 11.09
N GLY A 44 -15.39 -1.46 10.51
CA GLY A 44 -16.65 -0.79 10.70
C GLY A 44 -16.92 0.26 9.62
N LYS A 45 -15.85 0.78 9.04
CA LYS A 45 -15.98 1.79 7.99
C LYS A 45 -15.94 1.15 6.61
N GLU A 46 -16.51 1.84 5.62
CA GLU A 46 -16.55 1.34 4.26
C GLU A 46 -15.19 1.46 3.59
N ARG A 47 -14.91 0.55 2.66
CA ARG A 47 -13.63 0.55 1.96
C ARG A 47 -13.34 1.93 1.36
N GLU A 48 -12.07 2.32 1.40
CA GLU A 48 -11.66 3.61 0.87
C GLU A 48 -10.30 3.51 0.16
N TRP A 49 -10.28 3.84 -1.12
CA TRP A 49 -9.05 3.79 -1.90
C TRP A 49 -7.93 4.54 -1.21
N VAL A 50 -6.69 4.15 -1.49
CA VAL A 50 -5.52 4.80 -0.89
C VAL A 50 -4.62 5.39 -1.96
N ALA A 51 -4.42 4.65 -3.04
CA ALA A 51 -3.58 5.10 -4.15
C ALA A 51 -3.92 4.37 -5.43
N GLY A 52 -3.61 4.99 -6.56
CA GLY A 52 -3.89 4.39 -7.86
C GLY A 52 -3.11 5.03 -8.99
N MET A 53 -2.22 4.26 -9.59
CA MET A 53 -1.41 4.76 -10.69
C MET A 53 -1.74 4.05 -12.00
N SER A 54 -1.25 4.58 -13.11
CA SER A 54 -1.50 3.99 -14.42
C SER A 54 -0.32 3.15 -14.87
N SER A 55 -0.54 2.31 -15.87
CA SER A 55 0.50 1.44 -16.41
C SER A 55 1.73 2.26 -16.80
N ALA A 56 1.49 3.47 -17.29
CA ALA A 56 2.59 4.35 -17.70
C ALA A 56 3.56 4.59 -16.55
N GLY A 57 3.03 4.61 -15.33
CA GLY A 57 3.86 4.84 -14.17
C GLY A 57 4.54 6.20 -14.19
N ASP A 58 3.87 7.18 -14.78
CA ASP A 58 4.42 8.53 -14.87
C ASP A 58 3.82 9.42 -13.78
N ARG A 59 2.50 9.37 -13.63
CA ARG A 59 1.81 10.18 -12.63
C ARG A 59 0.84 9.33 -11.82
N SER A 60 0.85 9.53 -10.50
CA SER A 60 -0.03 8.79 -9.61
C SER A 60 -1.33 9.54 -9.37
N SER A 61 -2.44 8.81 -9.34
CA SER A 61 -3.75 9.41 -9.11
C SER A 61 -4.17 9.25 -7.66
N TYR A 62 -4.60 10.36 -7.05
CA TYR A 62 -5.03 10.35 -5.66
C TYR A 62 -5.88 11.58 -5.34
N GLU A 63 -6.85 11.41 -4.44
CA GLU A 63 -7.72 12.50 -4.06
C GLU A 63 -6.92 13.69 -3.55
N ASP A 64 -7.48 14.89 -3.70
CA ASP A 64 -6.82 16.10 -3.25
C ASP A 64 -6.96 16.27 -1.74
N SER A 65 -7.95 15.59 -1.16
CA SER A 65 -8.19 15.67 0.28
C SER A 65 -7.19 14.81 1.04
N VAL A 66 -6.59 13.86 0.34
CA VAL A 66 -5.61 12.96 0.96
C VAL A 66 -4.22 13.16 0.35
N LYS A 67 -4.19 13.67 -0.88
CA LYS A 67 -2.94 13.92 -1.57
C LYS A 67 -1.97 14.69 -0.69
N GLY A 68 -0.69 14.30 -0.74
CA GLY A 68 0.32 14.99 0.06
C GLY A 68 0.82 14.11 1.19
N ARG A 69 -0.02 13.21 1.68
CA ARG A 69 0.35 12.32 2.77
C ARG A 69 0.58 10.90 2.26
N PHE A 70 -0.22 10.48 1.30
CA PHE A 70 -0.11 9.15 0.73
C PHE A 70 0.29 9.22 -0.74
N THR A 71 1.36 8.50 -1.09
CA THR A 71 1.85 8.49 -2.47
C THR A 71 2.29 7.09 -2.88
N ILE A 72 1.92 6.68 -4.09
CA ILE A 72 2.29 5.37 -4.59
C ILE A 72 3.51 5.45 -5.50
N SER A 73 4.38 4.44 -5.41
CA SER A 73 5.58 4.40 -6.21
C SER A 73 6.10 2.96 -6.34
N ARG A 74 6.79 2.69 -7.44
CA ARG A 74 7.34 1.35 -7.68
C ARG A 74 8.59 1.43 -8.56
N ASP A 75 9.58 0.61 -8.23
CA ASP A 75 10.83 0.58 -8.99
C ASP A 75 10.93 -0.68 -9.83
N ASP A 76 11.42 -0.54 -11.05
CA ASP A 76 11.57 -1.68 -11.95
C ASP A 76 12.91 -2.37 -11.74
N ALA A 77 13.97 -1.58 -11.63
CA ALA A 77 15.31 -2.12 -11.42
C ALA A 77 15.35 -3.01 -10.18
N ARG A 78 14.58 -2.64 -9.17
CA ARG A 78 14.52 -3.42 -7.93
C ARG A 78 13.35 -4.39 -7.94
N ASN A 79 12.35 -4.09 -8.75
CA ASN A 79 11.16 -4.94 -8.85
C ASN A 79 10.40 -4.97 -7.52
N THR A 80 10.23 -3.81 -6.92
CA THR A 80 9.53 -3.71 -5.64
C THR A 80 8.67 -2.45 -5.59
N VAL A 81 7.62 -2.49 -4.77
CA VAL A 81 6.72 -1.35 -4.62
C VAL A 81 6.95 -0.64 -3.28
N TYR A 82 6.68 0.66 -3.26
CA TYR A 82 6.85 1.46 -2.05
C TYR A 82 5.66 2.39 -1.84
N LEU A 83 5.25 2.52 -0.58
CA LEU A 83 4.12 3.39 -0.25
C LEU A 83 4.49 4.34 0.90
N GLN A 84 4.76 5.59 0.55
CA GLN A 84 5.13 6.59 1.55
C GLN A 84 3.90 7.04 2.34
N MET A 85 4.09 7.23 3.64
CA MET A 85 3.00 7.66 4.51
C MET A 85 3.47 8.76 5.46
N ASN A 86 2.93 9.96 5.26
CA ASN A 86 3.29 11.11 6.10
C ASN A 86 2.12 11.53 6.96
N SER A 87 2.40 12.33 7.99
CA SER A 87 1.37 12.81 8.90
C SER A 87 0.46 11.67 9.35
N LEU A 88 1.06 10.68 10.00
CA LEU A 88 0.32 9.52 10.50
C LEU A 88 -0.92 9.97 11.28
N LYS A 89 -1.89 9.07 11.40
CA LYS A 89 -3.12 9.36 12.13
C LYS A 89 -3.62 8.13 12.87
N PRO A 90 -4.48 8.35 13.88
CA PRO A 90 -5.06 7.26 14.68
C PRO A 90 -6.03 6.40 13.89
N GLU A 91 -6.67 7.00 12.88
CA GLU A 91 -7.62 6.28 12.05
C GLU A 91 -6.91 5.36 11.07
N ASP A 92 -5.59 5.38 11.11
CA ASP A 92 -4.78 4.55 10.22
C ASP A 92 -5.02 3.07 10.51
N THR A 93 -5.40 2.76 11.74
CA THR A 93 -5.66 1.38 12.14
C THR A 93 -6.59 0.69 11.14
N ALA A 94 -6.01 -0.17 10.31
CA ALA A 94 -6.78 -0.90 9.31
C ALA A 94 -5.88 -1.81 8.48
N VAL A 95 -6.48 -2.48 7.50
CA VAL A 95 -5.73 -3.38 6.62
C VAL A 95 -5.53 -2.78 5.24
N TYR A 96 -4.34 -2.94 4.69
CA TYR A 96 -4.03 -2.42 3.37
C TYR A 96 -3.65 -3.54 2.41
N TYR A 97 -4.45 -3.70 1.35
CA TYR A 97 -4.20 -4.74 0.36
C TYR A 97 -3.90 -4.13 -1.00
N CYS A 98 -3.59 -4.98 -1.98
CA CYS A 98 -3.28 -4.52 -3.32
C CYS A 98 -4.31 -5.03 -4.33
N ASN A 99 -4.09 -4.73 -5.60
CA ASN A 99 -5.00 -5.15 -6.66
C ASN A 99 -4.32 -5.09 -8.02
N VAL A 100 -4.33 -6.21 -8.74
CA VAL A 100 -3.72 -6.28 -10.06
C VAL A 100 -4.41 -7.33 -10.92
N ASN A 101 -4.76 -6.94 -12.15
CA ASN A 101 -5.43 -7.85 -13.08
C ASN A 101 -4.56 -8.08 -14.32
N VAL A 102 -3.79 -9.16 -14.30
CA VAL A 102 -2.91 -9.51 -15.41
C VAL A 102 -3.14 -10.93 -15.87
N GLY A 103 -4.26 -11.17 -16.54
CA GLY A 103 -4.59 -12.49 -17.03
C GLY A 103 -5.37 -13.31 -16.01
N PHE A 104 -5.15 -13.02 -14.73
CA PHE A 104 -5.84 -13.73 -13.66
C PHE A 104 -6.04 -12.84 -12.45
N GLU A 105 -7.20 -12.95 -11.82
CA GLU A 105 -7.52 -12.15 -10.64
C GLU A 105 -6.44 -12.29 -9.59
N TYR A 106 -5.74 -11.18 -9.31
CA TYR A 106 -4.67 -11.18 -8.32
C TYR A 106 -4.73 -9.92 -7.46
N TRP A 107 -4.97 -10.11 -6.16
CA TRP A 107 -5.06 -8.99 -5.23
C TRP A 107 -4.26 -9.28 -3.96
N GLY A 108 -3.55 -8.27 -3.47
CA GLY A 108 -2.77 -8.44 -2.26
C GLY A 108 -3.56 -9.07 -1.13
N GLN A 109 -2.85 -9.62 -0.15
CA GLN A 109 -3.50 -10.25 0.99
C GLN A 109 -4.11 -9.22 1.91
N GLY A 110 -3.30 -8.26 2.35
CA GLY A 110 -3.79 -7.22 3.24
C GLY A 110 -3.08 -7.22 4.57
N THR A 111 -2.29 -6.18 4.83
CA THR A 111 -1.55 -6.06 6.07
C THR A 111 -2.26 -5.13 7.05
N GLN A 112 -2.53 -5.63 8.25
CA GLN A 112 -3.20 -4.83 9.28
C GLN A 112 -2.21 -3.98 10.05
N VAL A 113 -2.55 -2.71 10.23
CA VAL A 113 -1.68 -1.78 10.95
C VAL A 113 -2.35 -1.27 12.22
N THR A 114 -1.54 -1.03 13.25
CA THR A 114 -2.05 -0.54 14.52
C THR A 114 -1.36 0.75 14.94
N VAL A 115 -2.08 1.87 14.86
CA VAL A 115 -1.52 3.16 15.23
C VAL A 115 -1.91 3.53 16.65
N SER A 116 -0.96 3.39 17.58
CA SER A 116 -1.21 3.70 18.98
C SER A 116 -1.60 5.16 19.15
N SER A 117 -2.22 5.48 20.28
CA SER A 117 -2.66 6.83 20.57
C SER A 117 -2.14 7.30 21.92
N HIS A 118 -1.28 8.31 21.92
CA HIS A 118 -0.72 8.84 23.15
C HIS A 118 0.02 7.77 23.92
N HIS A 119 0.91 7.05 23.24
CA HIS A 119 1.69 6.00 23.87
C HIS A 119 2.93 5.67 23.04
N HIS A 120 3.92 5.06 23.70
CA HIS A 120 5.16 4.69 23.02
C HIS A 120 5.80 3.48 23.68
N HIS A 121 6.34 2.58 22.86
CA HIS A 121 6.98 1.37 23.36
C HIS A 121 8.47 1.37 23.04
N HIS A 122 8.80 1.31 21.75
CA HIS A 122 10.18 1.30 21.32
C HIS A 122 10.52 2.58 20.55
N HIS A 123 11.79 2.96 20.57
CA HIS A 123 12.24 4.17 19.89
C HIS A 123 13.21 3.81 18.75
N MET A 1 3.85 -23.38 -17.35
CA MET A 1 3.39 -22.05 -16.96
C MET A 1 2.64 -22.11 -15.63
N ALA A 2 2.26 -20.93 -15.13
CA ALA A 2 1.52 -20.85 -13.87
C ALA A 2 1.05 -19.43 -13.61
N GLN A 3 -0.02 -19.30 -12.83
CA GLN A 3 -0.58 -17.99 -12.51
C GLN A 3 0.47 -17.11 -11.85
N VAL A 4 0.12 -15.84 -11.64
CA VAL A 4 1.02 -14.89 -11.02
C VAL A 4 0.94 -14.95 -9.51
N GLN A 5 2.05 -14.65 -8.85
CA GLN A 5 2.11 -14.68 -7.38
C GLN A 5 2.40 -13.29 -6.82
N LEU A 6 1.65 -12.90 -5.79
CA LEU A 6 1.83 -11.60 -5.16
C LEU A 6 2.57 -11.74 -3.84
N VAL A 7 3.69 -11.02 -3.72
CA VAL A 7 4.50 -11.06 -2.51
C VAL A 7 4.29 -9.80 -1.67
N GLU A 8 3.62 -9.95 -0.53
CA GLU A 8 3.36 -8.82 0.35
C GLU A 8 4.25 -8.88 1.59
N SER A 9 5.00 -7.82 1.83
CA SER A 9 5.90 -7.75 2.97
C SER A 9 6.04 -6.32 3.46
N GLY A 10 6.14 -6.15 4.77
CA GLY A 10 6.29 -4.83 5.35
C GLY A 10 5.31 -4.58 6.48
N GLY A 11 4.01 -4.70 6.18
CA GLY A 11 3.00 -4.48 7.17
C GLY A 11 3.24 -5.28 8.45
N ALA A 12 3.69 -4.60 9.49
CA ALA A 12 3.97 -5.25 10.77
C ALA A 12 3.80 -4.28 11.92
N LEU A 13 4.01 -4.77 13.14
CA LEU A 13 3.89 -3.94 14.34
C LEU A 13 4.98 -2.88 14.37
N VAL A 14 4.62 -1.65 14.04
CA VAL A 14 5.57 -0.54 14.04
C VAL A 14 5.29 0.41 15.20
N GLN A 15 6.31 1.18 15.58
CA GLN A 15 6.18 2.13 16.68
C GLN A 15 5.73 3.50 16.17
N PRO A 16 5.22 4.33 17.08
CA PRO A 16 4.75 5.68 16.75
C PRO A 16 5.89 6.62 16.38
N GLY A 17 5.61 7.55 15.47
CA GLY A 17 6.62 8.50 15.05
C GLY A 17 7.54 7.93 13.98
N GLY A 18 8.26 8.80 13.28
CA GLY A 18 9.16 8.37 12.24
C GLY A 18 8.45 8.06 10.94
N SER A 19 8.94 7.06 10.22
CA SER A 19 8.34 6.67 8.94
C SER A 19 8.87 5.31 8.49
N LEU A 20 8.13 4.67 7.60
CA LEU A 20 8.52 3.35 7.08
C LEU A 20 7.93 3.12 5.69
N ARG A 21 8.52 2.18 4.96
CA ARG A 21 8.05 1.85 3.62
C ARG A 21 7.77 0.35 3.49
N LEU A 22 6.74 0.01 2.72
CA LEU A 22 6.39 -1.39 2.50
C LEU A 22 7.01 -1.93 1.22
N SER A 23 7.25 -3.23 1.19
CA SER A 23 7.85 -3.87 0.02
C SER A 23 6.94 -4.96 -0.53
N CYS A 24 6.56 -4.82 -1.79
CA CYS A 24 5.69 -5.80 -2.44
C CYS A 24 6.33 -6.36 -3.71
N ALA A 25 6.88 -7.56 -3.60
CA ALA A 25 7.53 -8.21 -4.73
C ALA A 25 6.50 -8.81 -5.68
N ALA A 26 6.80 -8.78 -6.97
CA ALA A 26 5.91 -9.33 -7.98
C ALA A 26 6.40 -10.69 -8.47
N SER A 27 5.47 -11.50 -8.98
CA SER A 27 5.81 -12.83 -9.48
C SER A 27 4.92 -13.20 -10.65
N GLY A 28 5.54 -13.44 -11.80
CA GLY A 28 4.79 -13.81 -12.99
C GLY A 28 4.10 -12.62 -13.63
N PHE A 29 3.88 -11.57 -12.84
CA PHE A 29 3.22 -10.38 -13.34
C PHE A 29 4.14 -9.17 -13.27
N PRO A 30 4.35 -8.52 -14.44
CA PRO A 30 5.22 -7.34 -14.53
C PRO A 30 4.63 -6.12 -13.84
N VAL A 31 5.47 -5.41 -13.11
CA VAL A 31 5.04 -4.21 -12.39
C VAL A 31 5.09 -2.98 -13.30
N ASN A 32 5.96 -3.02 -14.30
CA ASN A 32 6.11 -1.91 -15.23
C ASN A 32 5.17 -2.07 -16.42
N ARG A 33 4.17 -2.94 -16.27
CA ARG A 33 3.20 -3.18 -17.33
C ARG A 33 1.82 -2.68 -16.94
N TYR A 34 1.52 -2.74 -15.65
CA TYR A 34 0.23 -2.29 -15.14
C TYR A 34 0.39 -1.57 -13.81
N SER A 35 -0.69 -0.96 -13.33
CA SER A 35 -0.68 -0.23 -12.07
C SER A 35 -1.34 -1.04 -10.96
N MET A 36 -0.82 -0.91 -9.75
CA MET A 36 -1.36 -1.63 -8.60
C MET A 36 -2.20 -0.71 -7.74
N ARG A 37 -3.48 -1.06 -7.59
CA ARG A 37 -4.39 -0.25 -6.78
C ARG A 37 -4.18 -0.51 -5.29
N TRP A 38 -3.87 0.55 -4.56
CA TRP A 38 -3.64 0.44 -3.12
C TRP A 38 -4.90 0.79 -2.33
N TYR A 39 -5.17 0.01 -1.30
CA TYR A 39 -6.35 0.25 -0.46
C TYR A 39 -6.12 -0.26 0.96
N ARG A 40 -6.84 0.32 1.91
CA ARG A 40 -6.72 -0.06 3.31
C ARG A 40 -8.01 0.21 4.07
N GLN A 41 -8.35 -0.67 5.01
CA GLN A 41 -9.56 -0.51 5.81
C GLN A 41 -9.27 -0.72 7.29
N ALA A 42 -9.67 0.24 8.11
CA ALA A 42 -9.45 0.16 9.55
C ALA A 42 -10.69 -0.35 10.26
N PRO A 43 -10.49 -1.01 11.41
CA PRO A 43 -11.59 -1.56 12.21
C PRO A 43 -12.42 -0.47 12.87
N GLY A 44 -13.75 -0.58 12.73
CA GLY A 44 -14.63 0.40 13.31
C GLY A 44 -15.30 1.29 12.27
N LYS A 45 -14.65 1.44 11.13
CA LYS A 45 -15.18 2.25 10.04
C LYS A 45 -15.06 1.53 8.71
N GLU A 46 -15.63 2.13 7.67
CA GLU A 46 -15.59 1.54 6.33
C GLU A 46 -14.19 1.64 5.73
N ARG A 47 -14.01 1.07 4.56
CA ARG A 47 -12.72 1.09 3.88
C ARG A 47 -12.54 2.38 3.08
N GLU A 48 -11.29 2.82 2.94
CA GLU A 48 -10.99 4.03 2.20
C GLU A 48 -9.70 3.88 1.40
N TRP A 49 -9.72 4.38 0.16
CA TRP A 49 -8.56 4.29 -0.72
C TRP A 49 -7.34 4.93 -0.06
N VAL A 50 -6.15 4.46 -0.44
CA VAL A 50 -4.91 4.98 0.11
C VAL A 50 -3.99 5.47 -1.00
N ALA A 51 -4.01 4.79 -2.12
CA ALA A 51 -3.17 5.16 -3.26
C ALA A 51 -3.61 4.44 -4.53
N GLY A 52 -3.44 5.10 -5.68
CA GLY A 52 -3.82 4.50 -6.94
C GLY A 52 -3.39 5.34 -8.13
N MET A 53 -2.71 4.70 -9.08
CA MET A 53 -2.24 5.40 -10.27
C MET A 53 -2.56 4.59 -11.54
N SER A 54 -2.38 5.22 -12.69
CA SER A 54 -2.65 4.56 -13.96
C SER A 54 -1.52 3.61 -14.33
N SER A 55 -1.83 2.62 -15.16
CA SER A 55 -0.83 1.65 -15.59
C SER A 55 0.39 2.34 -16.20
N ALA A 56 0.16 3.47 -16.85
CA ALA A 56 1.24 4.24 -17.46
C ALA A 56 2.30 4.61 -16.44
N GLY A 57 1.87 4.82 -15.19
CA GLY A 57 2.81 5.18 -14.14
C GLY A 57 3.39 6.55 -14.33
N ASP A 58 2.57 7.49 -14.82
CA ASP A 58 3.02 8.85 -15.05
C ASP A 58 2.60 9.76 -13.90
N ARG A 59 1.33 9.70 -13.54
CA ARG A 59 0.79 10.52 -12.45
C ARG A 59 -0.02 9.67 -11.48
N SER A 60 0.24 9.84 -10.19
CA SER A 60 -0.47 9.08 -9.17
C SER A 60 -1.69 9.85 -8.67
N SER A 61 -2.74 9.12 -8.32
CA SER A 61 -3.98 9.73 -7.84
C SER A 61 -4.17 9.46 -6.35
N TYR A 62 -4.45 10.52 -5.59
CA TYR A 62 -4.66 10.40 -4.16
C TYR A 62 -5.38 11.63 -3.62
N GLU A 63 -6.11 11.44 -2.52
CA GLU A 63 -6.85 12.53 -1.90
C GLU A 63 -5.91 13.64 -1.45
N ASP A 64 -6.42 14.87 -1.43
CA ASP A 64 -5.62 16.01 -1.02
C ASP A 64 -5.50 16.09 0.50
N SER A 65 -6.40 15.39 1.19
CA SER A 65 -6.41 15.38 2.65
C SER A 65 -5.34 14.42 3.17
N VAL A 66 -4.90 13.51 2.32
CA VAL A 66 -3.89 12.53 2.69
C VAL A 66 -2.62 12.69 1.87
N LYS A 67 -2.77 13.28 0.68
CA LYS A 67 -1.64 13.51 -0.21
C LYS A 67 -0.49 14.17 0.53
N GLY A 68 0.73 13.71 0.23
CA GLY A 68 1.91 14.27 0.88
C GLY A 68 2.55 13.30 1.85
N ARG A 69 1.73 12.42 2.42
CA ARG A 69 2.22 11.43 3.38
C ARG A 69 2.29 10.05 2.75
N PHE A 70 1.25 9.68 2.03
CA PHE A 70 1.20 8.38 1.37
C PHE A 70 1.40 8.52 -0.13
N THR A 71 2.36 7.77 -0.66
CA THR A 71 2.66 7.81 -2.09
C THR A 71 2.86 6.41 -2.65
N ILE A 72 2.32 6.18 -3.85
CA ILE A 72 2.44 4.88 -4.49
C ILE A 72 3.49 4.90 -5.59
N SER A 73 4.33 3.88 -5.62
CA SER A 73 5.39 3.79 -6.62
C SER A 73 5.86 2.35 -6.78
N ARG A 74 6.66 2.10 -7.82
CA ARG A 74 7.17 0.77 -8.09
C ARG A 74 8.47 0.84 -8.90
N ASP A 75 9.38 -0.08 -8.61
CA ASP A 75 10.66 -0.12 -9.32
C ASP A 75 10.69 -1.26 -10.33
N ASP A 76 10.77 -0.91 -11.61
CA ASP A 76 10.80 -1.89 -12.68
C ASP A 76 12.12 -2.67 -12.66
N ALA A 77 13.20 -1.98 -12.31
CA ALA A 77 14.52 -2.61 -12.26
C ALA A 77 14.51 -3.83 -11.36
N ARG A 78 13.71 -3.78 -10.30
CA ARG A 78 13.60 -4.89 -9.36
C ARG A 78 12.20 -5.48 -9.38
N ASN A 79 11.39 -5.07 -10.34
CA ASN A 79 10.03 -5.56 -10.46
C ASN A 79 9.37 -5.69 -9.11
N THR A 80 9.47 -4.63 -8.29
CA THR A 80 8.89 -4.63 -6.96
C THR A 80 8.22 -3.30 -6.66
N VAL A 81 7.10 -3.35 -5.95
CA VAL A 81 6.35 -2.15 -5.59
C VAL A 81 6.66 -1.72 -4.17
N TYR A 82 6.65 -0.40 -3.93
CA TYR A 82 6.94 0.13 -2.61
C TYR A 82 5.92 1.21 -2.24
N LEU A 83 5.57 1.25 -0.96
CA LEU A 83 4.60 2.23 -0.46
C LEU A 83 5.23 3.12 0.62
N GLN A 84 5.59 4.34 0.23
CA GLN A 84 6.19 5.28 1.16
C GLN A 84 5.16 5.78 2.17
N MET A 85 5.58 5.90 3.42
CA MET A 85 4.70 6.38 4.49
C MET A 85 5.41 7.37 5.39
N ASN A 86 5.12 8.65 5.21
CA ASN A 86 5.74 9.70 6.02
C ASN A 86 4.79 10.18 7.10
N SER A 87 5.33 10.47 8.28
CA SER A 87 4.53 10.94 9.41
C SER A 87 3.53 9.88 9.85
N LEU A 88 4.05 8.78 10.38
CA LEU A 88 3.20 7.68 10.84
C LEU A 88 2.10 8.20 11.76
N LYS A 89 0.95 7.53 11.74
CA LYS A 89 -0.18 7.92 12.56
C LYS A 89 -0.67 6.74 13.40
N PRO A 90 -1.31 7.04 14.54
CA PRO A 90 -1.84 6.03 15.45
C PRO A 90 -3.03 5.29 14.86
N GLU A 91 -3.84 6.00 14.08
CA GLU A 91 -5.01 5.40 13.46
C GLU A 91 -4.62 4.54 12.27
N ASP A 92 -3.32 4.46 12.00
CA ASP A 92 -2.82 3.67 10.89
C ASP A 92 -3.12 2.18 11.10
N THR A 93 -3.28 1.78 12.36
CA THR A 93 -3.59 0.40 12.69
C THR A 93 -4.70 -0.15 11.82
N ALA A 94 -4.34 -0.98 10.85
CA ALA A 94 -5.32 -1.58 9.95
C ALA A 94 -4.64 -2.53 8.96
N VAL A 95 -5.43 -3.02 8.00
CA VAL A 95 -4.90 -3.93 7.00
C VAL A 95 -4.77 -3.24 5.64
N TYR A 96 -3.63 -3.44 4.99
CA TYR A 96 -3.38 -2.83 3.69
C TYR A 96 -3.33 -3.90 2.60
N TYR A 97 -4.27 -3.81 1.66
CA TYR A 97 -4.34 -4.76 0.56
C TYR A 97 -4.47 -4.04 -0.78
N CYS A 98 -4.11 -4.73 -1.86
CA CYS A 98 -4.19 -4.16 -3.19
C CYS A 98 -5.04 -5.04 -4.11
N ASN A 99 -5.00 -4.74 -5.40
CA ASN A 99 -5.77 -5.50 -6.39
C ASN A 99 -5.19 -5.32 -7.79
N VAL A 100 -5.12 -6.41 -8.55
CA VAL A 100 -4.60 -6.36 -9.90
C VAL A 100 -5.38 -7.29 -10.83
N ASN A 101 -5.71 -6.79 -12.02
CA ASN A 101 -6.47 -7.56 -12.99
C ASN A 101 -5.72 -7.64 -14.32
N VAL A 102 -4.95 -8.69 -14.50
CA VAL A 102 -4.18 -8.88 -15.73
C VAL A 102 -4.50 -10.22 -16.38
N GLY A 103 -5.63 -10.28 -17.08
CA GLY A 103 -6.04 -11.51 -17.74
C GLY A 103 -6.91 -12.39 -16.86
N PHE A 104 -6.71 -12.28 -15.54
CA PHE A 104 -7.49 -13.07 -14.59
C PHE A 104 -7.48 -12.42 -13.21
N GLU A 105 -8.61 -12.47 -12.53
CA GLU A 105 -8.72 -11.89 -11.20
C GLU A 105 -7.65 -12.44 -10.27
N TYR A 106 -6.77 -11.55 -9.80
CA TYR A 106 -5.68 -11.94 -8.91
C TYR A 106 -5.56 -10.96 -7.75
N TRP A 107 -5.79 -11.46 -6.54
CA TRP A 107 -5.69 -10.63 -5.34
C TRP A 107 -5.05 -11.40 -4.19
N GLY A 108 -4.13 -10.74 -3.48
CA GLY A 108 -3.47 -11.37 -2.37
C GLY A 108 -2.28 -10.57 -1.86
N GLN A 109 -2.56 -9.39 -1.33
CA GLN A 109 -1.51 -8.53 -0.81
C GLN A 109 -1.96 -7.80 0.46
N GLY A 110 -2.81 -8.47 1.24
CA GLY A 110 -3.31 -7.89 2.47
C GLY A 110 -2.36 -8.07 3.63
N THR A 111 -1.80 -6.97 4.13
CA THR A 111 -0.87 -7.02 5.24
C THR A 111 -1.42 -6.30 6.46
N GLN A 112 -1.06 -6.77 7.64
CA GLN A 112 -1.53 -6.17 8.89
C GLN A 112 -0.44 -5.33 9.53
N VAL A 113 -0.81 -4.14 10.00
CA VAL A 113 0.14 -3.23 10.64
C VAL A 113 -0.40 -2.73 11.97
N THR A 114 0.51 -2.59 12.94
CA THR A 114 0.12 -2.11 14.27
C THR A 114 1.00 -0.95 14.71
N VAL A 115 0.44 0.25 14.72
CA VAL A 115 1.17 1.45 15.12
C VAL A 115 0.94 1.76 16.60
N SER A 116 1.94 1.42 17.42
CA SER A 116 1.85 1.66 18.86
C SER A 116 1.62 3.14 19.15
N SER A 117 1.16 3.44 20.37
CA SER A 117 0.91 4.81 20.77
C SER A 117 1.54 5.11 22.12
N HIS A 118 1.80 6.38 22.38
CA HIS A 118 2.40 6.81 23.64
C HIS A 118 1.44 7.70 24.44
N HIS A 119 0.69 8.52 23.72
CA HIS A 119 -0.26 9.42 24.36
C HIS A 119 -1.54 9.54 23.53
N HIS A 120 -2.62 9.98 24.17
CA HIS A 120 -3.90 10.13 23.50
C HIS A 120 -4.16 11.59 23.16
N HIS A 121 -4.87 11.83 22.06
CA HIS A 121 -5.19 13.18 21.63
C HIS A 121 -6.56 13.61 22.15
N HIS A 122 -6.94 14.85 21.85
CA HIS A 122 -8.23 15.38 22.30
C HIS A 122 -8.79 16.36 21.28
N HIS A 123 -9.98 16.89 21.55
CA HIS A 123 -10.62 17.84 20.65
C HIS A 123 -9.98 19.22 20.77
N MET A 1 0.80 -23.85 -18.15
CA MET A 1 0.08 -22.85 -17.38
C MET A 1 0.98 -22.24 -16.32
N ALA A 2 0.83 -20.94 -16.09
CA ALA A 2 1.64 -20.24 -15.09
C ALA A 2 0.76 -19.41 -14.17
N GLN A 3 1.29 -19.04 -13.01
CA GLN A 3 0.56 -18.24 -12.04
C GLN A 3 1.49 -17.31 -11.28
N VAL A 4 1.10 -16.05 -11.18
CA VAL A 4 1.90 -15.05 -10.47
C VAL A 4 1.60 -15.06 -8.98
N GLN A 5 2.59 -14.67 -8.19
CA GLN A 5 2.44 -14.64 -6.74
C GLN A 5 2.54 -13.21 -6.21
N LEU A 6 1.66 -12.86 -5.27
CA LEU A 6 1.65 -11.52 -4.69
C LEU A 6 2.29 -11.53 -3.30
N VAL A 7 3.13 -10.54 -3.04
CA VAL A 7 3.81 -10.43 -1.76
C VAL A 7 3.74 -9.00 -1.22
N GLU A 8 3.04 -8.83 -0.10
CA GLU A 8 2.89 -7.51 0.51
C GLU A 8 3.74 -7.40 1.78
N SER A 9 4.24 -6.21 2.05
CA SER A 9 5.07 -5.98 3.22
C SER A 9 4.93 -4.54 3.71
N GLY A 10 5.70 -4.19 4.74
CA GLY A 10 5.64 -2.84 5.29
C GLY A 10 4.56 -2.69 6.33
N GLY A 11 3.35 -3.15 6.00
CA GLY A 11 2.24 -3.04 6.92
C GLY A 11 2.53 -3.70 8.25
N ALA A 12 2.79 -2.88 9.27
CA ALA A 12 3.09 -3.37 10.61
C ALA A 12 2.85 -2.30 11.66
N LEU A 13 3.10 -2.65 12.92
CA LEU A 13 2.91 -1.71 14.02
C LEU A 13 3.90 -0.56 13.92
N VAL A 14 3.43 0.59 13.45
CA VAL A 14 4.26 1.77 13.31
C VAL A 14 3.95 2.80 14.40
N GLN A 15 4.96 3.57 14.78
CA GLN A 15 4.79 4.59 15.80
C GLN A 15 4.12 5.84 15.23
N PRO A 16 3.49 6.64 16.11
CA PRO A 16 2.81 7.87 15.71
C PRO A 16 3.78 8.95 15.27
N GLY A 17 3.34 9.80 14.34
CA GLY A 17 4.17 10.87 13.85
C GLY A 17 5.10 10.42 12.75
N GLY A 18 5.97 11.33 12.30
CA GLY A 18 6.91 10.99 11.23
C GLY A 18 6.21 10.38 10.03
N SER A 19 6.84 9.35 9.45
CA SER A 19 6.28 8.68 8.28
C SER A 19 7.02 7.37 8.01
N LEU A 20 6.42 6.53 7.18
CA LEU A 20 7.02 5.25 6.83
C LEU A 20 6.69 4.86 5.39
N ARG A 21 7.46 3.94 4.84
CA ARG A 21 7.24 3.47 3.47
C ARG A 21 6.86 2.00 3.44
N LEU A 22 5.91 1.66 2.59
CA LEU A 22 5.44 0.28 2.47
C LEU A 22 6.20 -0.46 1.36
N SER A 23 6.30 -1.77 1.50
CA SER A 23 6.99 -2.58 0.51
C SER A 23 6.05 -3.58 -0.14
N CYS A 24 6.34 -3.95 -1.38
CA CYS A 24 5.50 -4.89 -2.12
C CYS A 24 6.34 -5.67 -3.14
N ALA A 25 6.55 -6.96 -2.87
CA ALA A 25 7.33 -7.80 -3.76
C ALA A 25 6.43 -8.46 -4.81
N ALA A 26 6.97 -8.65 -6.02
CA ALA A 26 6.23 -9.26 -7.11
C ALA A 26 6.80 -10.63 -7.45
N SER A 27 5.95 -11.49 -8.00
CA SER A 27 6.36 -12.84 -8.37
C SER A 27 5.67 -13.29 -9.66
N GLY A 28 6.47 -13.55 -10.69
CA GLY A 28 5.92 -13.98 -11.96
C GLY A 28 5.29 -12.84 -12.74
N PHE A 29 4.95 -11.77 -12.04
CA PHE A 29 4.34 -10.60 -12.67
C PHE A 29 5.22 -9.38 -12.53
N PRO A 30 5.56 -8.75 -13.66
CA PRO A 30 6.41 -7.56 -13.69
C PRO A 30 5.71 -6.33 -13.11
N VAL A 31 6.43 -5.56 -12.30
CA VAL A 31 5.89 -4.37 -11.68
C VAL A 31 6.02 -3.17 -12.59
N ASN A 32 6.99 -3.22 -13.51
CA ASN A 32 7.22 -2.13 -14.45
C ASN A 32 6.42 -2.35 -15.73
N ARG A 33 5.42 -3.22 -15.67
CA ARG A 33 4.59 -3.51 -16.82
C ARG A 33 3.15 -3.06 -16.58
N TYR A 34 2.72 -3.11 -15.32
CA TYR A 34 1.36 -2.70 -14.96
C TYR A 34 1.38 -1.83 -13.71
N SER A 35 0.20 -1.33 -13.34
CA SER A 35 0.07 -0.47 -12.16
C SER A 35 -0.53 -1.25 -11.00
N MET A 36 -0.15 -0.86 -9.78
CA MET A 36 -0.65 -1.52 -8.58
C MET A 36 -1.71 -0.66 -7.90
N ARG A 37 -2.92 -1.20 -7.78
CA ARG A 37 -4.02 -0.49 -7.15
C ARG A 37 -4.03 -0.72 -5.64
N TRP A 38 -3.87 0.35 -4.88
CA TRP A 38 -3.86 0.26 -3.43
C TRP A 38 -5.19 0.70 -2.84
N TYR A 39 -5.55 0.14 -1.69
CA TYR A 39 -6.80 0.47 -1.03
C TYR A 39 -6.67 0.32 0.48
N ARG A 40 -7.67 0.83 1.20
CA ARG A 40 -7.67 0.75 2.65
C ARG A 40 -9.02 0.28 3.18
N GLN A 41 -9.02 -0.35 4.35
CA GLN A 41 -10.25 -0.86 4.95
C GLN A 41 -10.10 -1.00 6.46
N ALA A 42 -10.94 -0.29 7.21
CA ALA A 42 -10.90 -0.33 8.66
C ALA A 42 -11.86 -1.39 9.20
N PRO A 43 -11.61 -1.84 10.44
CA PRO A 43 -12.45 -2.84 11.10
C PRO A 43 -13.82 -2.31 11.46
N GLY A 44 -14.85 -2.85 10.83
CA GLY A 44 -16.21 -2.41 11.10
C GLY A 44 -16.67 -1.32 10.15
N LYS A 45 -15.72 -0.57 9.60
CA LYS A 45 -16.04 0.51 8.68
C LYS A 45 -15.90 0.04 7.23
N GLU A 46 -16.29 0.90 6.29
CA GLU A 46 -16.21 0.56 4.87
C GLU A 46 -14.80 0.79 4.34
N ARG A 47 -14.57 0.38 3.10
CA ARG A 47 -13.27 0.54 2.47
C ARG A 47 -13.13 1.92 1.83
N GLU A 48 -11.89 2.39 1.72
CA GLU A 48 -11.63 3.70 1.13
C GLU A 48 -10.35 3.67 0.31
N TRP A 49 -10.47 4.05 -0.96
CA TRP A 49 -9.32 4.07 -1.87
C TRP A 49 -8.18 4.89 -1.28
N VAL A 50 -6.95 4.54 -1.66
CA VAL A 50 -5.77 5.24 -1.17
C VAL A 50 -4.89 5.70 -2.33
N ALA A 51 -4.72 4.83 -3.32
CA ALA A 51 -3.90 5.16 -4.48
C ALA A 51 -4.25 4.26 -5.66
N GLY A 52 -3.99 4.75 -6.87
CA GLY A 52 -4.28 3.97 -8.06
C GLY A 52 -3.63 4.54 -9.30
N MET A 53 -2.78 3.74 -9.94
CA MET A 53 -2.08 4.17 -11.15
C MET A 53 -2.54 3.37 -12.36
N SER A 54 -2.16 3.82 -13.55
CA SER A 54 -2.53 3.14 -14.78
C SER A 54 -1.40 2.24 -15.27
N SER A 55 -1.76 1.13 -15.91
CA SER A 55 -0.78 0.18 -16.42
C SER A 55 0.27 0.89 -17.28
N ALA A 56 -0.15 1.94 -17.98
CA ALA A 56 0.75 2.70 -18.83
C ALA A 56 1.93 3.23 -18.04
N GLY A 57 1.70 3.54 -16.77
CA GLY A 57 2.76 4.05 -15.93
C GLY A 57 3.07 5.51 -16.20
N ASP A 58 2.05 6.27 -16.58
CA ASP A 58 2.21 7.69 -16.87
C ASP A 58 2.06 8.53 -15.61
N ARG A 59 0.82 8.67 -15.14
CA ARG A 59 0.53 9.45 -13.95
C ARG A 59 -0.36 8.67 -12.99
N SER A 60 -0.19 8.93 -11.70
CA SER A 60 -0.98 8.24 -10.68
C SER A 60 -2.22 9.05 -10.33
N SER A 61 -3.27 8.35 -9.88
CA SER A 61 -4.52 9.00 -9.51
C SER A 61 -4.71 8.98 -7.99
N TYR A 62 -5.10 10.12 -7.44
CA TYR A 62 -5.31 10.24 -6.00
C TYR A 62 -6.18 11.45 -5.68
N GLU A 63 -7.06 11.30 -4.69
CA GLU A 63 -7.94 12.39 -4.28
C GLU A 63 -7.14 13.61 -3.85
N ASP A 64 -7.71 14.79 -4.08
CA ASP A 64 -7.04 16.04 -3.71
C ASP A 64 -6.74 16.07 -2.22
N SER A 65 -7.44 15.24 -1.46
CA SER A 65 -7.25 15.18 -0.01
C SER A 65 -6.13 14.20 0.35
N VAL A 66 -6.09 13.08 -0.37
CA VAL A 66 -5.07 12.06 -0.12
C VAL A 66 -3.75 12.44 -0.77
N LYS A 67 -3.81 13.30 -1.78
CA LYS A 67 -2.62 13.75 -2.50
C LYS A 67 -1.82 14.73 -1.65
N GLY A 68 -0.50 14.68 -1.79
CA GLY A 68 0.36 15.58 -1.03
C GLY A 68 1.16 14.84 0.04
N ARG A 69 0.59 13.74 0.54
CA ARG A 69 1.25 12.95 1.58
C ARG A 69 1.42 11.51 1.12
N PHE A 70 0.44 11.00 0.39
CA PHE A 70 0.48 9.63 -0.11
C PHE A 70 0.85 9.59 -1.58
N THR A 71 1.74 8.67 -1.95
CA THR A 71 2.18 8.53 -3.32
C THR A 71 2.48 7.07 -3.66
N ILE A 72 2.04 6.64 -4.83
CA ILE A 72 2.26 5.26 -5.27
C ILE A 72 3.33 5.20 -6.35
N SER A 73 4.27 4.27 -6.19
CA SER A 73 5.36 4.10 -7.15
C SER A 73 5.95 2.70 -7.08
N ARG A 74 6.89 2.41 -7.97
CA ARG A 74 7.53 1.10 -8.00
C ARG A 74 8.88 1.17 -8.71
N ASP A 75 9.64 0.09 -8.64
CA ASP A 75 10.95 0.02 -9.28
C ASP A 75 11.08 -1.24 -10.14
N ASP A 76 11.66 -1.08 -11.32
CA ASP A 76 11.85 -2.20 -12.23
C ASP A 76 13.16 -2.93 -11.94
N ALA A 77 14.20 -2.15 -11.64
CA ALA A 77 15.51 -2.73 -11.33
C ALA A 77 15.43 -3.68 -10.16
N ARG A 78 14.57 -3.37 -9.20
CA ARG A 78 14.40 -4.21 -8.01
C ARG A 78 13.11 -5.01 -8.09
N ASN A 79 12.16 -4.51 -8.87
CA ASN A 79 10.87 -5.17 -9.04
C ASN A 79 10.09 -5.17 -7.74
N THR A 80 9.90 -3.98 -7.17
CA THR A 80 9.17 -3.84 -5.92
C THR A 80 8.36 -2.54 -5.90
N VAL A 81 7.15 -2.60 -5.34
CA VAL A 81 6.29 -1.44 -5.25
C VAL A 81 6.36 -0.79 -3.87
N TYR A 82 6.55 0.53 -3.85
CA TYR A 82 6.64 1.26 -2.60
C TYR A 82 5.49 2.26 -2.46
N LEU A 83 5.02 2.43 -1.24
CA LEU A 83 3.91 3.35 -0.96
C LEU A 83 4.26 4.29 0.18
N GLN A 84 4.63 5.52 -0.15
CA GLN A 84 4.98 6.52 0.85
C GLN A 84 3.75 6.99 1.61
N MET A 85 3.90 7.21 2.91
CA MET A 85 2.79 7.66 3.74
C MET A 85 3.26 8.73 4.73
N ASN A 86 2.70 9.93 4.59
CA ASN A 86 3.06 11.04 5.48
C ASN A 86 1.87 11.45 6.34
N SER A 87 2.14 12.32 7.31
CA SER A 87 1.09 12.79 8.21
C SER A 87 0.33 11.62 8.83
N LEU A 88 1.05 10.73 9.48
CA LEU A 88 0.44 9.57 10.12
C LEU A 88 -0.69 9.98 11.05
N LYS A 89 -1.58 9.04 11.35
CA LYS A 89 -2.70 9.31 12.23
C LYS A 89 -3.08 8.06 13.03
N PRO A 90 -3.84 8.26 14.12
CA PRO A 90 -4.29 7.17 14.98
C PRO A 90 -5.32 6.27 14.30
N GLU A 91 -6.08 6.84 13.37
CA GLU A 91 -7.09 6.09 12.66
C GLU A 91 -6.47 5.21 11.58
N ASP A 92 -5.14 5.26 11.49
CA ASP A 92 -4.41 4.45 10.51
C ASP A 92 -4.60 2.96 10.77
N THR A 93 -4.84 2.62 12.03
CA THR A 93 -5.05 1.23 12.42
C THR A 93 -6.09 0.56 11.53
N ALA A 94 -5.63 -0.25 10.58
CA ALA A 94 -6.53 -0.95 9.68
C ALA A 94 -5.75 -1.90 8.76
N VAL A 95 -6.46 -2.52 7.82
CA VAL A 95 -5.83 -3.45 6.89
C VAL A 95 -5.94 -2.92 5.45
N TYR A 96 -4.86 -3.09 4.69
CA TYR A 96 -4.82 -2.64 3.30
C TYR A 96 -4.68 -3.83 2.35
N TYR A 97 -5.13 -3.65 1.11
CA TYR A 97 -5.06 -4.69 0.10
C TYR A 97 -4.58 -4.13 -1.23
N CYS A 98 -4.44 -5.00 -2.22
CA CYS A 98 -3.99 -4.59 -3.55
C CYS A 98 -4.86 -5.24 -4.63
N ASN A 99 -4.61 -4.85 -5.87
CA ASN A 99 -5.37 -5.39 -7.00
C ASN A 99 -4.54 -5.35 -8.28
N VAL A 100 -4.29 -6.53 -8.85
CA VAL A 100 -3.51 -6.64 -10.08
C VAL A 100 -4.19 -7.56 -11.08
N ASN A 101 -4.37 -7.08 -12.30
CA ASN A 101 -5.01 -7.85 -13.35
C ASN A 101 -4.05 -8.08 -14.52
N VAL A 102 -3.35 -9.21 -14.49
CA VAL A 102 -2.40 -9.55 -15.55
C VAL A 102 -2.74 -10.89 -16.19
N GLY A 103 -3.73 -10.87 -17.08
CA GLY A 103 -4.14 -12.09 -17.76
C GLY A 103 -5.24 -12.82 -17.02
N PHE A 104 -5.35 -12.57 -15.72
CA PHE A 104 -6.36 -13.21 -14.90
C PHE A 104 -6.46 -12.54 -13.53
N GLU A 105 -7.68 -12.43 -13.01
CA GLU A 105 -7.92 -11.80 -11.71
C GLU A 105 -7.02 -12.43 -10.65
N TYR A 106 -6.14 -11.61 -10.07
CA TYR A 106 -5.23 -12.09 -9.03
C TYR A 106 -5.18 -11.11 -7.86
N TRP A 107 -5.63 -11.57 -6.71
CA TRP A 107 -5.64 -10.74 -5.51
C TRP A 107 -5.26 -11.55 -4.28
N GLY A 108 -4.29 -11.04 -3.51
CA GLY A 108 -3.85 -11.74 -2.32
C GLY A 108 -2.77 -10.98 -1.57
N GLN A 109 -3.19 -10.08 -0.69
CA GLN A 109 -2.26 -9.28 0.10
C GLN A 109 -2.74 -9.11 1.53
N GLY A 110 -3.70 -8.19 1.71
CA GLY A 110 -4.25 -7.95 3.03
C GLY A 110 -3.16 -7.78 4.09
N THR A 111 -2.67 -6.55 4.23
CA THR A 111 -1.62 -6.26 5.21
C THR A 111 -2.20 -5.53 6.42
N GLN A 112 -1.78 -5.96 7.61
CA GLN A 112 -2.24 -5.34 8.84
C GLN A 112 -1.25 -4.30 9.34
N VAL A 113 -1.76 -3.12 9.66
CA VAL A 113 -0.91 -2.03 10.16
C VAL A 113 -1.51 -1.39 11.40
N THR A 114 -0.65 -0.98 12.33
CA THR A 114 -1.09 -0.35 13.56
C THR A 114 -0.35 0.96 13.81
N VAL A 115 -1.04 1.90 14.45
CA VAL A 115 -0.44 3.20 14.75
C VAL A 115 -0.49 3.49 16.25
N SER A 116 0.64 3.32 16.91
CA SER A 116 0.73 3.57 18.35
C SER A 116 0.49 5.04 18.66
N SER A 117 0.39 5.35 19.95
CA SER A 117 0.15 6.72 20.40
C SER A 117 1.11 7.10 21.52
N HIS A 118 0.85 6.57 22.71
CA HIS A 118 1.69 6.85 23.87
C HIS A 118 3.12 6.40 23.63
N HIS A 119 4.01 6.72 24.56
CA HIS A 119 5.41 6.34 24.45
C HIS A 119 5.97 5.89 25.80
N HIS A 120 7.27 5.67 25.86
CA HIS A 120 7.92 5.25 27.09
C HIS A 120 7.61 6.20 28.23
N HIS A 121 6.85 5.72 29.22
CA HIS A 121 6.48 6.54 30.37
C HIS A 121 6.70 5.79 31.67
N HIS A 122 6.50 6.47 32.79
CA HIS A 122 6.69 5.86 34.10
C HIS A 122 5.63 6.35 35.08
N HIS A 123 5.73 5.91 36.33
CA HIS A 123 4.78 6.30 37.36
C HIS A 123 5.11 7.69 37.90
N MET A 1 1.61 -25.25 -15.59
CA MET A 1 0.86 -24.11 -15.07
C MET A 1 1.77 -23.15 -14.32
N ALA A 2 1.66 -21.87 -14.63
CA ALA A 2 2.47 -20.85 -13.99
C ALA A 2 1.65 -19.60 -13.66
N GLN A 3 1.73 -19.17 -12.41
CA GLN A 3 0.98 -17.99 -11.97
C GLN A 3 1.88 -17.04 -11.18
N VAL A 4 1.49 -15.76 -11.14
CA VAL A 4 2.27 -14.76 -10.42
C VAL A 4 1.96 -14.81 -8.92
N GLN A 5 2.93 -14.37 -8.12
CA GLN A 5 2.78 -14.37 -6.67
C GLN A 5 2.86 -12.95 -6.12
N LEU A 6 2.03 -12.65 -5.12
CA LEU A 6 2.02 -11.33 -4.51
C LEU A 6 2.63 -11.38 -3.11
N VAL A 7 3.61 -10.51 -2.87
CA VAL A 7 4.27 -10.45 -1.57
C VAL A 7 3.93 -9.15 -0.84
N GLU A 8 3.22 -9.28 0.27
CA GLU A 8 2.83 -8.11 1.07
C GLU A 8 3.66 -8.03 2.34
N SER A 9 4.27 -6.87 2.56
CA SER A 9 5.10 -6.65 3.74
C SER A 9 5.01 -5.20 4.21
N GLY A 10 5.32 -4.98 5.48
CA GLY A 10 5.26 -3.64 6.04
C GLY A 10 4.13 -3.46 7.03
N GLY A 11 2.91 -3.72 6.57
CA GLY A 11 1.75 -3.58 7.44
C GLY A 11 1.91 -4.33 8.75
N ALA A 12 2.09 -3.58 9.83
CA ALA A 12 2.26 -4.19 11.15
C ALA A 12 1.95 -3.19 12.26
N LEU A 13 2.05 -3.64 13.50
CA LEU A 13 1.78 -2.78 14.65
C LEU A 13 2.83 -1.67 14.76
N VAL A 14 2.45 -0.47 14.34
CA VAL A 14 3.36 0.67 14.40
C VAL A 14 2.87 1.71 15.41
N GLN A 15 3.80 2.53 15.91
CA GLN A 15 3.46 3.56 16.88
C GLN A 15 3.10 4.86 16.18
N PRO A 16 2.43 5.76 16.91
CA PRO A 16 2.01 7.06 16.40
C PRO A 16 3.19 8.00 16.15
N GLY A 17 2.98 9.01 15.33
CA GLY A 17 4.04 9.96 15.03
C GLY A 17 4.97 9.47 13.94
N GLY A 18 5.94 10.31 13.58
CA GLY A 18 6.88 9.94 12.53
C GLY A 18 6.20 9.49 11.26
N SER A 19 6.76 8.47 10.61
CA SER A 19 6.19 7.95 9.38
C SER A 19 6.82 6.61 9.01
N LEU A 20 6.14 5.84 8.17
CA LEU A 20 6.63 4.54 7.74
C LEU A 20 6.18 4.23 6.32
N ARG A 21 6.86 3.29 5.68
CA ARG A 21 6.54 2.89 4.32
C ARG A 21 6.33 1.39 4.21
N LEU A 22 5.40 0.98 3.36
CA LEU A 22 5.10 -0.43 3.16
C LEU A 22 5.88 -1.01 1.99
N SER A 23 6.16 -2.30 2.05
CA SER A 23 6.91 -2.97 0.98
C SER A 23 6.06 -4.05 0.33
N CYS A 24 6.20 -4.17 -1.00
CA CYS A 24 5.43 -5.16 -1.75
C CYS A 24 6.31 -5.78 -2.84
N ALA A 25 6.77 -7.00 -2.60
CA ALA A 25 7.61 -7.71 -3.57
C ALA A 25 6.76 -8.39 -4.63
N ALA A 26 7.19 -8.27 -5.88
CA ALA A 26 6.46 -8.88 -6.99
C ALA A 26 7.08 -10.22 -7.38
N SER A 27 6.26 -11.11 -7.94
CA SER A 27 6.71 -12.43 -8.34
C SER A 27 5.99 -12.89 -9.60
N GLY A 28 6.74 -13.12 -10.67
CA GLY A 28 6.15 -13.57 -11.91
C GLY A 28 5.49 -12.44 -12.68
N PHE A 29 5.15 -11.38 -11.97
CA PHE A 29 4.50 -10.22 -12.59
C PHE A 29 5.37 -8.98 -12.47
N PRO A 30 5.64 -8.33 -13.61
CA PRO A 30 6.47 -7.12 -13.66
C PRO A 30 5.77 -5.92 -13.03
N VAL A 31 6.51 -5.18 -12.21
CA VAL A 31 5.97 -4.01 -11.54
C VAL A 31 6.08 -2.77 -12.43
N ASN A 32 7.07 -2.77 -13.31
CA ASN A 32 7.29 -1.64 -14.22
C ASN A 32 6.52 -1.84 -15.52
N ARG A 33 5.55 -2.74 -15.49
CA ARG A 33 4.74 -3.03 -16.68
C ARG A 33 3.31 -2.51 -16.49
N TYR A 34 2.83 -2.57 -15.25
CA TYR A 34 1.48 -2.10 -14.94
C TYR A 34 1.45 -1.37 -13.61
N SER A 35 0.28 -0.84 -13.26
CA SER A 35 0.11 -0.12 -12.00
C SER A 35 -0.59 -0.98 -10.97
N MET A 36 -0.26 -0.75 -9.69
CA MET A 36 -0.86 -1.51 -8.60
C MET A 36 -1.91 -0.68 -7.88
N ARG A 37 -3.15 -1.17 -7.89
CA ARG A 37 -4.25 -0.47 -7.23
C ARG A 37 -4.26 -0.74 -5.73
N TRP A 38 -4.12 0.32 -4.95
CA TRP A 38 -4.11 0.20 -3.50
C TRP A 38 -5.37 0.78 -2.89
N TYR A 39 -5.82 0.21 -1.78
CA TYR A 39 -7.01 0.68 -1.10
C TYR A 39 -7.14 0.06 0.29
N ARG A 40 -7.41 0.90 1.28
CA ARG A 40 -7.54 0.44 2.65
C ARG A 40 -9.01 0.46 3.09
N GLN A 41 -9.36 -0.43 4.02
CA GLN A 41 -10.73 -0.51 4.52
C GLN A 41 -10.74 -0.81 6.01
N ALA A 42 -11.44 0.02 6.77
CA ALA A 42 -11.54 -0.17 8.22
C ALA A 42 -12.37 -1.40 8.56
N PRO A 43 -12.18 -1.90 9.79
CA PRO A 43 -12.90 -3.10 10.26
C PRO A 43 -14.38 -2.82 10.49
N GLY A 44 -15.23 -3.50 9.72
CA GLY A 44 -16.66 -3.31 9.86
C GLY A 44 -17.13 -1.98 9.31
N LYS A 45 -16.34 -1.40 8.40
CA LYS A 45 -16.67 -0.12 7.80
C LYS A 45 -16.42 -0.14 6.30
N GLU A 46 -16.96 0.85 5.59
CA GLU A 46 -16.79 0.94 4.15
C GLU A 46 -15.32 1.08 3.79
N ARG A 47 -14.97 0.68 2.56
CA ARG A 47 -13.59 0.76 2.09
C ARG A 47 -13.28 2.16 1.54
N GLU A 48 -12.02 2.53 1.57
CA GLU A 48 -11.59 3.84 1.08
C GLU A 48 -10.27 3.73 0.33
N TRP A 49 -10.27 4.17 -0.93
CA TRP A 49 -9.07 4.13 -1.76
C TRP A 49 -7.92 4.88 -1.09
N VAL A 50 -6.70 4.46 -1.40
CA VAL A 50 -5.51 5.09 -0.83
C VAL A 50 -4.59 5.63 -1.93
N ALA A 51 -4.54 4.92 -3.05
CA ALA A 51 -3.71 5.33 -4.18
C ALA A 51 -4.02 4.51 -5.42
N GLY A 52 -3.86 5.13 -6.59
CA GLY A 52 -4.13 4.44 -7.84
C GLY A 52 -3.39 5.04 -9.00
N MET A 53 -2.56 4.22 -9.65
CA MET A 53 -1.77 4.67 -10.79
C MET A 53 -2.20 3.95 -12.07
N SER A 54 -1.74 4.45 -13.21
CA SER A 54 -2.08 3.87 -14.50
C SER A 54 -0.99 2.91 -14.96
N SER A 55 -1.39 1.89 -15.73
CA SER A 55 -0.45 0.89 -16.23
C SER A 55 0.72 1.56 -16.94
N ALA A 56 0.43 2.68 -17.61
CA ALA A 56 1.46 3.42 -18.34
C ALA A 56 2.60 3.83 -17.41
N GLY A 57 2.27 4.08 -16.14
CA GLY A 57 3.28 4.48 -15.18
C GLY A 57 3.75 5.91 -15.39
N ASP A 58 2.81 6.80 -15.69
CA ASP A 58 3.14 8.21 -15.91
C ASP A 58 2.91 9.03 -14.65
N ARG A 59 1.65 9.18 -14.28
CA ARG A 59 1.29 9.95 -13.08
C ARG A 59 0.32 9.16 -12.21
N SER A 60 0.43 9.36 -10.89
CA SER A 60 -0.45 8.67 -9.94
C SER A 60 -1.68 9.51 -9.63
N SER A 61 -2.82 8.85 -9.50
CA SER A 61 -4.07 9.54 -9.19
C SER A 61 -4.38 9.48 -7.70
N TYR A 62 -4.68 10.63 -7.12
CA TYR A 62 -4.99 10.71 -5.70
C TYR A 62 -5.76 11.99 -5.38
N GLU A 63 -6.69 11.90 -4.43
CA GLU A 63 -7.49 13.04 -4.03
C GLU A 63 -6.63 14.13 -3.39
N ASP A 64 -7.04 15.38 -3.53
CA ASP A 64 -6.31 16.50 -2.97
C ASP A 64 -6.16 16.35 -1.46
N SER A 65 -7.03 15.53 -0.87
CA SER A 65 -6.99 15.30 0.57
C SER A 65 -6.03 14.18 0.93
N VAL A 66 -6.01 13.14 0.10
CA VAL A 66 -5.12 12.01 0.32
C VAL A 66 -3.71 12.31 -0.16
N LYS A 67 -3.58 13.26 -1.06
CA LYS A 67 -2.29 13.65 -1.60
C LYS A 67 -1.51 14.49 -0.59
N GLY A 68 -0.19 14.33 -0.58
CA GLY A 68 0.64 15.08 0.34
C GLY A 68 1.22 14.21 1.44
N ARG A 69 0.50 13.15 1.79
CA ARG A 69 0.95 12.24 2.84
C ARG A 69 1.12 10.83 2.29
N PHE A 70 0.25 10.45 1.36
CA PHE A 70 0.30 9.12 0.76
C PHE A 70 0.66 9.21 -0.72
N THR A 71 1.58 8.35 -1.15
CA THR A 71 2.01 8.33 -2.54
C THR A 71 2.37 6.91 -2.98
N ILE A 72 1.89 6.53 -4.17
CA ILE A 72 2.16 5.20 -4.70
C ILE A 72 3.37 5.22 -5.65
N SER A 73 4.24 4.23 -5.51
CA SER A 73 5.42 4.14 -6.35
C SER A 73 5.94 2.70 -6.39
N ARG A 74 6.95 2.46 -7.23
CA ARG A 74 7.54 1.14 -7.37
C ARG A 74 8.89 1.22 -8.07
N ASP A 75 9.70 0.18 -7.89
CA ASP A 75 11.02 0.13 -8.50
C ASP A 75 11.12 -1.04 -9.48
N ASP A 76 11.72 -0.78 -10.64
CA ASP A 76 11.88 -1.81 -11.66
C ASP A 76 13.16 -2.62 -11.43
N ALA A 77 14.25 -1.91 -11.20
CA ALA A 77 15.54 -2.56 -10.97
C ALA A 77 15.44 -3.62 -9.88
N ARG A 78 14.59 -3.35 -8.89
CA ARG A 78 14.40 -4.29 -7.78
C ARG A 78 13.07 -5.03 -7.92
N ASN A 79 12.14 -4.42 -8.65
CA ASN A 79 10.82 -5.02 -8.86
C ASN A 79 10.05 -5.12 -7.56
N THR A 80 9.75 -3.97 -6.96
CA THR A 80 9.02 -3.92 -5.70
C THR A 80 8.23 -2.63 -5.57
N VAL A 81 7.01 -2.74 -5.05
CA VAL A 81 6.15 -1.57 -4.87
C VAL A 81 6.18 -1.08 -3.43
N TYR A 82 6.27 0.23 -3.25
CA TYR A 82 6.32 0.83 -1.92
C TYR A 82 5.25 1.91 -1.78
N LEU A 83 4.81 2.13 -0.55
CA LEU A 83 3.78 3.13 -0.27
C LEU A 83 4.22 4.06 0.87
N GLN A 84 4.64 5.27 0.51
CA GLN A 84 5.08 6.24 1.50
C GLN A 84 3.89 6.78 2.31
N MET A 85 4.08 6.87 3.63
CA MET A 85 3.03 7.35 4.51
C MET A 85 3.59 8.37 5.50
N ASN A 86 3.32 9.65 5.24
CA ASN A 86 3.80 10.73 6.10
C ASN A 86 2.70 11.16 7.08
N SER A 87 3.10 11.49 8.30
CA SER A 87 2.16 11.92 9.32
C SER A 87 1.13 10.82 9.61
N LEU A 88 1.56 9.77 10.29
CA LEU A 88 0.68 8.67 10.63
C LEU A 88 -0.61 9.16 11.27
N LYS A 89 -1.65 8.35 11.22
CA LYS A 89 -2.94 8.71 11.80
C LYS A 89 -3.51 7.54 12.61
N PRO A 90 -4.44 7.86 13.53
CA PRO A 90 -5.09 6.86 14.38
C PRO A 90 -6.03 5.96 13.60
N GLU A 91 -6.63 6.50 12.54
CA GLU A 91 -7.55 5.72 11.71
C GLU A 91 -6.79 4.76 10.81
N ASP A 92 -5.47 4.74 10.93
CA ASP A 92 -4.63 3.87 10.13
C ASP A 92 -4.94 2.41 10.43
N THR A 93 -5.42 2.14 11.65
CA THR A 93 -5.74 0.78 12.05
C THR A 93 -6.73 0.14 11.09
N ALA A 94 -6.21 -0.69 10.18
CA ALA A 94 -7.06 -1.37 9.20
C ALA A 94 -6.24 -2.31 8.34
N VAL A 95 -6.84 -2.77 7.25
CA VAL A 95 -6.15 -3.68 6.32
C VAL A 95 -5.97 -3.04 4.96
N TYR A 96 -4.83 -3.31 4.33
CA TYR A 96 -4.53 -2.76 3.01
C TYR A 96 -4.45 -3.87 1.96
N TYR A 97 -5.28 -3.76 0.93
CA TYR A 97 -5.30 -4.75 -0.14
C TYR A 97 -4.72 -4.17 -1.43
N CYS A 98 -4.57 -5.02 -2.44
CA CYS A 98 -4.03 -4.60 -3.73
C CYS A 98 -4.93 -5.05 -4.87
N ASN A 99 -4.53 -4.70 -6.10
CA ASN A 99 -5.30 -5.06 -7.28
C ASN A 99 -4.40 -5.24 -8.49
N VAL A 100 -4.11 -6.48 -8.85
CA VAL A 100 -3.25 -6.77 -9.98
C VAL A 100 -4.00 -7.57 -11.04
N ASN A 101 -3.89 -7.13 -12.30
CA ASN A 101 -4.56 -7.81 -13.40
C ASN A 101 -3.57 -8.18 -14.49
N VAL A 102 -3.05 -9.41 -14.42
CA VAL A 102 -2.08 -9.89 -15.41
C VAL A 102 -2.54 -11.21 -16.02
N GLY A 103 -3.41 -11.13 -17.02
CA GLY A 103 -3.92 -12.32 -17.67
C GLY A 103 -5.04 -12.98 -16.90
N PHE A 104 -5.26 -12.52 -15.67
CA PHE A 104 -6.32 -13.07 -14.83
C PHE A 104 -6.35 -12.36 -13.48
N GLU A 105 -7.57 -12.13 -12.98
CA GLU A 105 -7.75 -11.45 -11.70
C GLU A 105 -6.92 -12.12 -10.61
N TYR A 106 -5.95 -11.39 -10.07
CA TYR A 106 -5.08 -11.91 -9.02
C TYR A 106 -5.03 -10.94 -7.83
N TRP A 107 -5.54 -11.39 -6.69
CA TRP A 107 -5.55 -10.58 -5.48
C TRP A 107 -5.24 -11.43 -4.26
N GLY A 108 -4.27 -10.98 -3.47
CA GLY A 108 -3.89 -11.71 -2.27
C GLY A 108 -2.86 -10.98 -1.44
N GLN A 109 -3.32 -10.19 -0.47
CA GLN A 109 -2.43 -9.43 0.38
C GLN A 109 -3.09 -9.13 1.73
N GLY A 110 -3.89 -8.08 1.77
CA GLY A 110 -4.57 -7.70 2.99
C GLY A 110 -3.66 -7.75 4.20
N THR A 111 -2.91 -6.68 4.43
CA THR A 111 -1.99 -6.61 5.55
C THR A 111 -2.59 -5.82 6.71
N GLN A 112 -2.57 -6.42 7.90
CA GLN A 112 -3.12 -5.77 9.08
C GLN A 112 -2.12 -4.80 9.69
N VAL A 113 -2.58 -3.59 9.99
CA VAL A 113 -1.71 -2.56 10.58
C VAL A 113 -2.37 -1.93 11.79
N THR A 114 -1.55 -1.58 12.79
CA THR A 114 -2.05 -0.95 14.00
C THR A 114 -1.29 0.33 14.32
N VAL A 115 -2.01 1.36 14.75
CA VAL A 115 -1.41 2.63 15.09
C VAL A 115 -1.74 3.04 16.52
N SER A 116 -0.77 2.87 17.42
CA SER A 116 -0.96 3.20 18.82
C SER A 116 -1.23 4.70 18.98
N SER A 117 -1.76 5.08 20.14
CA SER A 117 -2.06 6.47 20.43
C SER A 117 -0.96 7.12 21.25
N HIS A 118 -0.87 8.45 21.18
CA HIS A 118 0.14 9.19 21.92
C HIS A 118 -0.02 8.98 23.42
N HIS A 119 0.78 8.07 23.98
CA HIS A 119 0.74 7.77 25.41
C HIS A 119 1.97 8.31 26.12
N HIS A 120 3.13 8.11 25.50
CA HIS A 120 4.39 8.57 26.07
C HIS A 120 5.42 8.86 24.98
N HIS A 121 6.06 10.02 25.07
CA HIS A 121 7.06 10.41 24.09
C HIS A 121 8.25 9.46 24.11
N HIS A 122 8.66 8.97 22.94
CA HIS A 122 9.78 8.05 22.83
C HIS A 122 10.94 8.71 22.10
N HIS A 123 12.12 8.69 22.72
CA HIS A 123 13.31 9.27 22.12
C HIS A 123 13.59 8.67 20.75
N MET A 1 0.49 -25.06 -10.47
CA MET A 1 0.05 -23.66 -10.45
C MET A 1 0.97 -22.79 -11.30
N ALA A 2 0.40 -22.16 -12.32
CA ALA A 2 1.16 -21.29 -13.20
C ALA A 2 0.56 -19.89 -13.26
N GLN A 3 0.57 -19.20 -12.12
CA GLN A 3 0.02 -17.86 -12.04
C GLN A 3 0.97 -16.92 -11.29
N VAL A 4 0.64 -15.64 -11.28
CA VAL A 4 1.46 -14.65 -10.60
C VAL A 4 1.20 -14.65 -9.09
N GLN A 5 2.19 -14.22 -8.32
CA GLN A 5 2.06 -14.17 -6.87
C GLN A 5 2.41 -12.78 -6.34
N LEU A 6 1.66 -12.33 -5.35
CA LEU A 6 1.87 -11.02 -4.74
C LEU A 6 2.42 -11.16 -3.33
N VAL A 7 3.54 -10.48 -3.07
CA VAL A 7 4.16 -10.53 -1.75
C VAL A 7 3.89 -9.24 -0.97
N GLU A 8 3.07 -9.35 0.07
CA GLU A 8 2.72 -8.20 0.89
C GLU A 8 3.44 -8.26 2.24
N SER A 9 4.28 -7.26 2.51
CA SER A 9 5.03 -7.21 3.76
C SER A 9 5.10 -5.78 4.27
N GLY A 10 5.19 -5.63 5.60
CA GLY A 10 5.27 -4.32 6.20
C GLY A 10 4.12 -4.04 7.14
N GLY A 11 2.96 -4.60 6.83
CA GLY A 11 1.78 -4.39 7.66
C GLY A 11 1.82 -5.22 8.92
N ALA A 12 1.99 -4.55 10.06
CA ALA A 12 2.04 -5.23 11.35
C ALA A 12 1.76 -4.26 12.49
N LEU A 13 1.80 -4.77 13.72
CA LEU A 13 1.53 -3.95 14.89
C LEU A 13 2.61 -2.88 15.06
N VAL A 14 2.26 -1.64 14.72
CA VAL A 14 3.19 -0.53 14.84
C VAL A 14 2.68 0.51 15.82
N GLN A 15 3.57 1.38 16.28
CA GLN A 15 3.21 2.43 17.22
C GLN A 15 2.83 3.71 16.49
N PRO A 16 2.12 4.60 17.19
CA PRO A 16 1.67 5.88 16.63
C PRO A 16 2.84 6.84 16.38
N GLY A 17 2.61 7.83 15.52
CA GLY A 17 3.65 8.80 15.22
C GLY A 17 4.86 8.17 14.57
N GLY A 18 5.68 8.99 13.93
CA GLY A 18 6.88 8.49 13.27
C GLY A 18 6.71 8.40 11.77
N SER A 19 7.05 7.25 11.20
CA SER A 19 6.95 7.03 9.77
C SER A 19 7.11 5.55 9.42
N LEU A 20 6.38 5.10 8.41
CA LEU A 20 6.44 3.70 7.99
C LEU A 20 6.53 3.61 6.46
N ARG A 21 7.22 2.58 5.98
CA ARG A 21 7.38 2.38 4.55
C ARG A 21 7.03 0.94 4.16
N LEU A 22 5.84 0.77 3.59
CA LEU A 22 5.38 -0.55 3.18
C LEU A 22 5.86 -0.88 1.77
N SER A 23 6.04 -2.17 1.50
CA SER A 23 6.51 -2.62 0.19
C SER A 23 5.72 -3.83 -0.28
N CYS A 24 5.70 -4.05 -1.59
CA CYS A 24 4.99 -5.19 -2.17
C CYS A 24 5.78 -5.80 -3.32
N ALA A 25 6.42 -6.94 -3.05
CA ALA A 25 7.21 -7.63 -4.07
C ALA A 25 6.31 -8.28 -5.11
N ALA A 26 6.77 -8.29 -6.36
CA ALA A 26 6.01 -8.88 -7.45
C ALA A 26 6.56 -10.26 -7.82
N SER A 27 5.69 -11.11 -8.35
CA SER A 27 6.09 -12.45 -8.74
C SER A 27 5.28 -12.94 -9.95
N GLY A 28 5.98 -13.23 -11.04
CA GLY A 28 5.32 -13.70 -12.24
C GLY A 28 4.68 -12.57 -13.03
N PHE A 29 4.41 -11.46 -12.34
CA PHE A 29 3.80 -10.30 -12.97
C PHE A 29 4.73 -9.09 -12.94
N PRO A 30 5.02 -8.53 -14.12
CA PRO A 30 5.90 -7.36 -14.25
C PRO A 30 5.28 -6.10 -13.69
N VAL A 31 6.04 -5.37 -12.87
CA VAL A 31 5.55 -4.13 -12.27
C VAL A 31 5.80 -2.95 -13.19
N ASN A 32 6.78 -3.07 -14.07
CA ASN A 32 7.11 -2.01 -15.00
C ASN A 32 6.34 -2.17 -16.32
N ARG A 33 5.29 -2.98 -16.27
CA ARG A 33 4.47 -3.23 -17.45
C ARG A 33 3.07 -2.62 -17.28
N TYR A 34 2.58 -2.62 -16.05
CA TYR A 34 1.26 -2.07 -15.75
C TYR A 34 1.25 -1.40 -14.38
N SER A 35 0.12 -0.80 -14.03
CA SER A 35 -0.03 -0.12 -12.76
C SER A 35 -0.80 -0.99 -11.76
N MET A 36 -0.46 -0.88 -10.49
CA MET A 36 -1.12 -1.65 -9.44
C MET A 36 -2.00 -0.76 -8.58
N ARG A 37 -3.31 -1.07 -8.57
CA ARG A 37 -4.26 -0.29 -7.79
C ARG A 37 -4.12 -0.59 -6.29
N TRP A 38 -3.97 0.46 -5.49
CA TRP A 38 -3.82 0.30 -4.05
C TRP A 38 -5.12 0.64 -3.33
N TYR A 39 -5.48 -0.17 -2.35
CA TYR A 39 -6.71 0.04 -1.59
C TYR A 39 -6.56 -0.47 -0.15
N ARG A 40 -7.42 0.00 0.73
CA ARG A 40 -7.38 -0.40 2.13
C ARG A 40 -8.79 -0.53 2.70
N GLN A 41 -9.03 -1.61 3.42
CA GLN A 41 -10.34 -1.86 4.02
C GLN A 41 -10.30 -1.63 5.53
N ALA A 42 -11.13 -0.71 6.01
CA ALA A 42 -11.19 -0.40 7.43
C ALA A 42 -12.23 -1.26 8.14
N PRO A 43 -12.03 -1.47 9.44
CA PRO A 43 -12.95 -2.29 10.26
C PRO A 43 -14.30 -1.59 10.48
N GLY A 44 -15.35 -2.17 9.91
CA GLY A 44 -16.67 -1.60 10.05
C GLY A 44 -17.02 -0.65 8.92
N LYS A 45 -16.00 -0.07 8.30
CA LYS A 45 -16.20 0.86 7.20
C LYS A 45 -16.04 0.15 5.86
N GLU A 46 -16.34 0.87 4.77
CA GLU A 46 -16.21 0.31 3.44
C GLU A 46 -14.79 0.47 2.90
N ARG A 47 -14.54 -0.07 1.72
CA ARG A 47 -13.22 0.01 1.10
C ARG A 47 -12.89 1.44 0.70
N GLU A 48 -11.75 1.93 1.17
CA GLU A 48 -11.32 3.28 0.86
C GLU A 48 -10.01 3.28 0.08
N TRP A 49 -10.01 3.94 -1.07
CA TRP A 49 -8.82 4.01 -1.91
C TRP A 49 -7.66 4.67 -1.16
N VAL A 50 -6.46 4.16 -1.37
CA VAL A 50 -5.26 4.69 -0.72
C VAL A 50 -4.30 5.27 -1.74
N ALA A 51 -4.24 4.64 -2.91
CA ALA A 51 -3.34 5.10 -3.97
C ALA A 51 -3.67 4.41 -5.30
N GLY A 52 -3.16 4.97 -6.39
CA GLY A 52 -3.42 4.39 -7.70
C GLY A 52 -2.73 5.16 -8.81
N MET A 53 -1.88 4.47 -9.57
CA MET A 53 -1.15 5.08 -10.68
C MET A 53 -1.59 4.50 -12.01
N SER A 54 -1.16 5.13 -13.10
CA SER A 54 -1.51 4.67 -14.44
C SER A 54 -0.43 3.77 -15.00
N SER A 55 -0.82 2.89 -15.93
CA SER A 55 0.12 1.97 -16.55
C SER A 55 1.33 2.71 -17.10
N ALA A 56 1.10 3.90 -17.63
CA ALA A 56 2.19 4.71 -18.18
C ALA A 56 3.19 5.10 -17.10
N GLY A 57 2.71 5.27 -15.88
CA GLY A 57 3.58 5.65 -14.78
C GLY A 57 4.04 7.08 -14.87
N ASP A 58 3.18 7.95 -15.36
CA ASP A 58 3.51 9.38 -15.50
C ASP A 58 3.18 10.13 -14.22
N ARG A 59 1.91 10.07 -13.80
CA ARG A 59 1.47 10.76 -12.59
C ARG A 59 0.66 9.81 -11.71
N SER A 60 0.78 10.01 -10.40
CA SER A 60 0.06 9.17 -9.43
C SER A 60 -1.28 9.81 -9.07
N SER A 61 -2.21 8.97 -8.61
CA SER A 61 -3.54 9.44 -8.24
C SER A 61 -3.79 9.21 -6.75
N TYR A 62 -4.25 10.25 -6.07
CA TYR A 62 -4.53 10.17 -4.63
C TYR A 62 -5.47 11.29 -4.20
N GLU A 63 -6.42 10.96 -3.33
CA GLU A 63 -7.38 11.93 -2.84
C GLU A 63 -6.67 13.17 -2.29
N ASP A 64 -7.31 14.32 -2.43
CA ASP A 64 -6.75 15.58 -1.96
C ASP A 64 -6.48 15.52 -0.45
N SER A 65 -7.13 14.58 0.22
CA SER A 65 -6.97 14.42 1.67
C SER A 65 -5.79 13.51 1.98
N VAL A 66 -5.63 12.46 1.18
CA VAL A 66 -4.54 11.51 1.38
C VAL A 66 -3.24 12.03 0.77
N LYS A 67 -3.36 12.95 -0.18
CA LYS A 67 -2.20 13.53 -0.84
C LYS A 67 -1.44 14.46 0.11
N GLY A 68 -0.12 14.48 -0.02
CA GLY A 68 0.69 15.33 0.82
C GLY A 68 1.50 14.53 1.84
N ARG A 69 0.98 13.38 2.23
CA ARG A 69 1.66 12.52 3.20
C ARG A 69 1.86 11.11 2.63
N PHE A 70 0.89 10.65 1.86
CA PHE A 70 0.96 9.32 1.25
C PHE A 70 1.31 9.41 -0.22
N THR A 71 2.16 8.50 -0.68
CA THR A 71 2.59 8.48 -2.08
C THR A 71 2.83 7.05 -2.56
N ILE A 72 2.54 6.80 -3.83
CA ILE A 72 2.73 5.48 -4.41
C ILE A 72 3.89 5.48 -5.39
N SER A 73 4.65 4.38 -5.40
CA SER A 73 5.80 4.25 -6.30
C SER A 73 6.16 2.78 -6.50
N ARG A 74 6.77 2.49 -7.66
CA ARG A 74 7.17 1.12 -7.97
C ARG A 74 8.54 1.10 -8.63
N ASP A 75 9.31 0.05 -8.36
CA ASP A 75 10.65 -0.09 -8.92
C ASP A 75 10.69 -1.25 -9.91
N ASP A 76 11.28 -1.00 -11.08
CA ASP A 76 11.40 -2.03 -12.11
C ASP A 76 12.66 -2.86 -11.91
N ALA A 77 13.79 -2.19 -11.75
CA ALA A 77 15.06 -2.88 -11.54
C ALA A 77 14.96 -3.89 -10.42
N ARG A 78 14.18 -3.56 -9.40
CA ARG A 78 14.01 -4.45 -8.25
C ARG A 78 12.71 -5.25 -8.37
N ASN A 79 11.77 -4.73 -9.16
CA ASN A 79 10.49 -5.39 -9.36
C ASN A 79 9.69 -5.44 -8.06
N THR A 80 9.61 -4.30 -7.37
CA THR A 80 8.88 -4.22 -6.12
C THR A 80 8.19 -2.87 -5.96
N VAL A 81 7.05 -2.86 -5.29
CA VAL A 81 6.30 -1.62 -5.07
C VAL A 81 6.54 -1.08 -3.68
N TYR A 82 6.43 0.24 -3.53
CA TYR A 82 6.63 0.88 -2.24
C TYR A 82 5.54 1.90 -1.96
N LEU A 83 5.15 2.02 -0.69
CA LEU A 83 4.11 2.95 -0.28
C LEU A 83 4.56 3.81 0.89
N GLN A 84 4.98 5.03 0.59
CA GLN A 84 5.45 5.95 1.63
C GLN A 84 4.28 6.46 2.46
N MET A 85 4.37 6.27 3.78
CA MET A 85 3.32 6.71 4.69
C MET A 85 3.85 7.77 5.66
N ASN A 86 3.50 9.02 5.40
CA ASN A 86 3.95 10.12 6.25
C ASN A 86 2.83 10.58 7.18
N SER A 87 3.21 11.13 8.32
CA SER A 87 2.24 11.61 9.31
C SER A 87 1.24 10.51 9.65
N LEU A 88 1.72 9.44 10.26
CA LEU A 88 0.87 8.31 10.64
C LEU A 88 -0.36 8.80 11.41
N LYS A 89 -1.41 7.99 11.41
CA LYS A 89 -2.64 8.33 12.11
C LYS A 89 -3.24 7.10 12.79
N PRO A 90 -4.15 7.34 13.75
CA PRO A 90 -4.82 6.26 14.48
C PRO A 90 -5.80 5.49 13.61
N GLU A 91 -6.35 6.17 12.61
CA GLU A 91 -7.31 5.55 11.70
C GLU A 91 -6.61 4.62 10.72
N ASP A 92 -5.28 4.57 10.81
CA ASP A 92 -4.50 3.71 9.93
C ASP A 92 -4.84 2.24 10.15
N THR A 93 -5.28 1.91 11.35
CA THR A 93 -5.65 0.54 11.69
C THR A 93 -6.59 -0.05 10.64
N ALA A 94 -6.04 -0.89 9.78
CA ALA A 94 -6.83 -1.53 8.72
C ALA A 94 -5.98 -2.47 7.89
N VAL A 95 -6.57 -3.02 6.84
CA VAL A 95 -5.86 -3.95 5.94
C VAL A 95 -5.54 -3.27 4.62
N TYR A 96 -4.39 -3.64 4.04
CA TYR A 96 -3.97 -3.08 2.77
C TYR A 96 -3.67 -4.18 1.75
N TYR A 97 -4.45 -4.20 0.67
CA TYR A 97 -4.28 -5.20 -0.37
C TYR A 97 -3.94 -4.54 -1.70
N CYS A 98 -3.54 -5.36 -2.68
CA CYS A 98 -3.19 -4.86 -4.01
C CYS A 98 -4.26 -5.23 -5.02
N ASN A 99 -4.13 -4.70 -6.23
CA ASN A 99 -5.09 -4.96 -7.29
C ASN A 99 -4.45 -4.78 -8.67
N VAL A 100 -4.45 -5.85 -9.46
CA VAL A 100 -3.87 -5.82 -10.79
C VAL A 100 -4.58 -6.78 -11.73
N ASN A 101 -4.56 -6.46 -13.02
CA ASN A 101 -5.21 -7.31 -14.03
C ASN A 101 -4.23 -7.67 -15.14
N VAL A 102 -3.58 -8.83 -15.00
CA VAL A 102 -2.63 -9.29 -15.99
C VAL A 102 -2.94 -10.72 -16.43
N GLY A 103 -3.83 -10.84 -17.42
CA GLY A 103 -4.20 -12.15 -17.91
C GLY A 103 -5.33 -12.77 -17.13
N PHE A 104 -5.41 -12.44 -15.84
CA PHE A 104 -6.45 -12.97 -14.97
C PHE A 104 -6.61 -12.11 -13.72
N GLU A 105 -7.80 -12.13 -13.14
CA GLU A 105 -8.08 -11.35 -11.94
C GLU A 105 -7.08 -11.67 -10.84
N TYR A 106 -6.25 -10.69 -10.49
CA TYR A 106 -5.24 -10.87 -9.46
C TYR A 106 -5.25 -9.69 -8.48
N TRP A 107 -5.59 -9.97 -7.23
CA TRP A 107 -5.63 -8.93 -6.21
C TRP A 107 -5.02 -9.43 -4.90
N GLY A 108 -4.09 -8.65 -4.36
CA GLY A 108 -3.43 -9.02 -3.11
C GLY A 108 -4.43 -9.42 -2.04
N GLN A 109 -3.93 -10.12 -1.01
CA GLN A 109 -4.78 -10.55 0.08
C GLN A 109 -5.09 -9.40 1.02
N GLY A 110 -4.07 -8.93 1.72
CA GLY A 110 -4.25 -7.83 2.66
C GLY A 110 -3.48 -8.03 3.95
N THR A 111 -2.67 -7.04 4.31
CA THR A 111 -1.88 -7.11 5.53
C THR A 111 -2.53 -6.33 6.67
N GLN A 112 -2.69 -6.98 7.82
CA GLN A 112 -3.30 -6.34 8.98
C GLN A 112 -2.30 -5.46 9.70
N VAL A 113 -2.64 -4.18 9.85
CA VAL A 113 -1.76 -3.23 10.53
C VAL A 113 -2.49 -2.54 11.68
N THR A 114 -1.77 -2.32 12.78
CA THR A 114 -2.34 -1.66 13.95
C THR A 114 -1.47 -0.52 14.42
N VAL A 115 -2.10 0.60 14.80
CA VAL A 115 -1.38 1.76 15.27
C VAL A 115 -1.78 2.11 16.71
N SER A 116 -0.92 1.77 17.66
CA SER A 116 -1.19 2.04 19.07
C SER A 116 -1.51 3.51 19.29
N SER A 117 -2.02 3.83 20.47
CA SER A 117 -2.38 5.21 20.79
C SER A 117 -1.62 5.68 22.05
N HIS A 118 -0.35 5.32 22.12
CA HIS A 118 0.48 5.72 23.26
C HIS A 118 1.80 6.32 22.79
N HIS A 119 1.77 7.62 22.49
CA HIS A 119 2.96 8.32 22.02
C HIS A 119 3.98 8.46 23.15
N HIS A 120 5.21 8.82 22.79
CA HIS A 120 6.28 8.99 23.77
C HIS A 120 6.53 10.48 24.05
N HIS A 121 6.38 10.87 25.31
CA HIS A 121 6.58 12.25 25.70
C HIS A 121 7.47 12.34 26.94
N HIS A 122 8.62 12.99 26.79
CA HIS A 122 9.57 13.15 27.90
C HIS A 122 10.42 14.40 27.71
N HIS A 123 10.51 15.21 28.76
CA HIS A 123 11.29 16.43 28.72
C HIS A 123 10.82 17.34 27.59
N MET A 1 5.29 -21.78 -13.16
CA MET A 1 3.90 -21.87 -12.75
C MET A 1 3.00 -21.03 -13.66
N ALA A 2 1.72 -21.39 -13.72
CA ALA A 2 0.77 -20.67 -14.55
C ALA A 2 -0.08 -19.72 -13.71
N GLN A 3 0.58 -18.89 -12.92
CA GLN A 3 -0.11 -17.93 -12.07
C GLN A 3 0.88 -16.99 -11.39
N VAL A 4 0.49 -15.72 -11.27
CA VAL A 4 1.35 -14.72 -10.64
C VAL A 4 1.11 -14.66 -9.13
N GLN A 5 2.14 -14.28 -8.39
CA GLN A 5 2.05 -14.19 -6.93
C GLN A 5 2.35 -12.77 -6.46
N LEU A 6 1.52 -12.27 -5.56
CA LEU A 6 1.69 -10.92 -5.02
C LEU A 6 2.23 -10.98 -3.58
N VAL A 7 3.35 -10.31 -3.35
CA VAL A 7 3.96 -10.28 -2.03
C VAL A 7 3.71 -8.94 -1.34
N GLU A 8 3.02 -8.99 -0.21
CA GLU A 8 2.71 -7.77 0.55
C GLU A 8 3.59 -7.67 1.79
N SER A 9 4.47 -6.67 1.80
CA SER A 9 5.38 -6.46 2.92
C SER A 9 5.37 -5.00 3.36
N GLY A 10 5.79 -4.76 4.59
CA GLY A 10 5.82 -3.40 5.11
C GLY A 10 4.86 -3.21 6.26
N GLY A 11 3.61 -3.61 6.06
CA GLY A 11 2.61 -3.46 7.10
C GLY A 11 3.01 -4.13 8.40
N ALA A 12 3.26 -3.33 9.42
CA ALA A 12 3.64 -3.86 10.72
C ALA A 12 3.36 -2.85 11.83
N LEU A 13 3.68 -3.23 13.07
CA LEU A 13 3.47 -2.36 14.22
C LEU A 13 4.38 -1.14 14.15
N VAL A 14 3.83 0.00 13.75
CA VAL A 14 4.59 1.23 13.65
C VAL A 14 4.26 2.19 14.80
N GLN A 15 5.21 3.03 15.16
CA GLN A 15 5.02 3.99 16.24
C GLN A 15 4.48 5.31 15.70
N PRO A 16 3.93 6.14 16.60
CA PRO A 16 3.37 7.44 16.24
C PRO A 16 4.45 8.45 15.84
N GLY A 17 4.20 9.17 14.75
CA GLY A 17 5.15 10.15 14.28
C GLY A 17 6.03 9.61 13.16
N GLY A 18 7.06 10.38 12.80
CA GLY A 18 7.96 9.97 11.74
C GLY A 18 7.23 9.59 10.47
N SER A 19 7.73 8.59 9.76
CA SER A 19 7.12 8.15 8.51
C SER A 19 7.69 6.80 8.07
N LEU A 20 6.92 6.07 7.28
CA LEU A 20 7.36 4.76 6.79
C LEU A 20 6.79 4.49 5.41
N ARG A 21 7.40 3.54 4.70
CA ARG A 21 6.96 3.18 3.36
C ARG A 21 6.75 1.68 3.24
N LEU A 22 5.75 1.28 2.47
CA LEU A 22 5.44 -0.12 2.26
C LEU A 22 6.00 -0.63 0.93
N SER A 23 6.32 -1.92 0.88
CA SER A 23 6.86 -2.51 -0.33
C SER A 23 6.08 -3.76 -0.72
N CYS A 24 5.84 -3.92 -2.02
CA CYS A 24 5.09 -5.07 -2.53
C CYS A 24 5.87 -5.77 -3.64
N ALA A 25 6.47 -6.91 -3.31
CA ALA A 25 7.24 -7.68 -4.28
C ALA A 25 6.32 -8.36 -5.29
N ALA A 26 6.73 -8.35 -6.56
CA ALA A 26 5.96 -8.96 -7.63
C ALA A 26 6.49 -10.35 -7.96
N SER A 27 5.61 -11.20 -8.50
CA SER A 27 5.99 -12.55 -8.86
C SER A 27 5.19 -13.04 -10.08
N GLY A 28 5.90 -13.36 -11.15
CA GLY A 28 5.25 -13.83 -12.36
C GLY A 28 4.63 -12.70 -13.15
N PHE A 29 4.36 -11.59 -12.48
CA PHE A 29 3.75 -10.43 -13.12
C PHE A 29 4.69 -9.22 -13.09
N PRO A 30 4.99 -8.67 -14.27
CA PRO A 30 5.88 -7.51 -14.40
C PRO A 30 5.25 -6.24 -13.86
N VAL A 31 6.03 -5.47 -13.11
CA VAL A 31 5.56 -4.21 -12.53
C VAL A 31 5.68 -3.06 -13.52
N ASN A 32 6.64 -3.19 -14.44
CA ASN A 32 6.87 -2.15 -15.45
C ASN A 32 5.89 -2.31 -16.62
N ARG A 33 5.02 -3.30 -16.53
CA ARG A 33 4.04 -3.56 -17.58
C ARG A 33 2.67 -3.00 -17.18
N TYR A 34 2.37 -3.03 -15.89
CA TYR A 34 1.09 -2.52 -15.40
C TYR A 34 1.29 -1.74 -14.11
N SER A 35 0.20 -1.17 -13.60
CA SER A 35 0.24 -0.38 -12.37
C SER A 35 -0.36 -1.16 -11.20
N MET A 36 0.10 -0.85 -10.00
CA MET A 36 -0.38 -1.52 -8.80
C MET A 36 -1.36 -0.63 -8.04
N ARG A 37 -2.59 -1.10 -7.89
CA ARG A 37 -3.62 -0.35 -7.18
C ARG A 37 -3.56 -0.64 -5.67
N TRP A 38 -3.42 0.41 -4.89
CA TRP A 38 -3.35 0.28 -3.44
C TRP A 38 -4.71 0.53 -2.80
N TYR A 39 -5.03 -0.23 -1.76
CA TYR A 39 -6.31 -0.08 -1.07
C TYR A 39 -6.26 -0.76 0.30
N ARG A 40 -6.71 -0.03 1.33
CA ARG A 40 -6.73 -0.57 2.68
C ARG A 40 -8.05 -0.26 3.38
N GLN A 41 -8.51 -1.19 4.21
CA GLN A 41 -9.76 -1.02 4.92
C GLN A 41 -9.58 -1.30 6.42
N ALA A 42 -10.16 -0.45 7.26
CA ALA A 42 -10.07 -0.63 8.69
C ALA A 42 -11.20 -1.51 9.22
N PRO A 43 -10.95 -2.16 10.37
CA PRO A 43 -11.94 -3.04 11.00
C PRO A 43 -13.13 -2.28 11.56
N GLY A 44 -14.30 -2.50 10.98
CA GLY A 44 -15.50 -1.82 11.44
C GLY A 44 -15.76 -0.53 10.69
N LYS A 45 -14.70 0.06 10.16
CA LYS A 45 -14.82 1.31 9.42
C LYS A 45 -15.02 1.05 7.94
N GLU A 46 -15.38 2.09 7.19
CA GLU A 46 -15.60 1.97 5.76
C GLU A 46 -14.27 1.86 5.01
N ARG A 47 -14.30 1.18 3.86
CA ARG A 47 -13.10 1.00 3.05
C ARG A 47 -12.91 2.17 2.10
N GLU A 48 -11.68 2.66 2.01
CA GLU A 48 -11.37 3.78 1.13
C GLU A 48 -10.02 3.57 0.43
N TRP A 49 -9.95 3.98 -0.83
CA TRP A 49 -8.72 3.84 -1.60
C TRP A 49 -7.58 4.63 -0.96
N VAL A 50 -6.35 4.16 -1.16
CA VAL A 50 -5.18 4.82 -0.61
C VAL A 50 -4.27 5.36 -1.72
N ALA A 51 -4.22 4.62 -2.83
CA ALA A 51 -3.40 5.02 -3.96
C ALA A 51 -3.75 4.21 -5.20
N GLY A 52 -3.58 4.83 -6.37
CA GLY A 52 -3.89 4.15 -7.62
C GLY A 52 -3.16 4.76 -8.80
N MET A 53 -2.43 3.94 -9.54
CA MET A 53 -1.69 4.41 -10.71
C MET A 53 -2.18 3.71 -11.98
N SER A 54 -1.95 4.35 -13.12
CA SER A 54 -2.37 3.79 -14.40
C SER A 54 -1.27 2.94 -15.01
N SER A 55 -1.66 1.94 -15.81
CA SER A 55 -0.70 1.05 -16.45
C SER A 55 0.39 1.85 -17.17
N ALA A 56 0.01 3.01 -17.69
CA ALA A 56 0.95 3.87 -18.41
C ALA A 56 2.15 4.22 -17.54
N GLY A 57 1.91 4.34 -16.23
CA GLY A 57 2.98 4.66 -15.31
C GLY A 57 3.48 6.08 -15.48
N ASP A 58 2.56 6.99 -15.81
CA ASP A 58 2.92 8.39 -16.01
C ASP A 58 2.58 9.22 -14.77
N ARG A 59 1.32 9.17 -14.36
CA ARG A 59 0.87 9.92 -13.20
C ARG A 59 0.04 9.04 -12.26
N SER A 60 -0.05 9.44 -11.01
CA SER A 60 -0.81 8.68 -10.02
C SER A 60 -2.13 9.37 -9.69
N SER A 61 -2.99 8.68 -8.95
CA SER A 61 -4.28 9.23 -8.56
C SER A 61 -4.50 9.10 -7.06
N TYR A 62 -4.97 10.18 -6.44
CA TYR A 62 -5.22 10.18 -5.00
C TYR A 62 -6.17 11.31 -4.62
N GLU A 63 -7.11 11.01 -3.73
CA GLU A 63 -8.08 12.00 -3.28
C GLU A 63 -7.38 13.25 -2.78
N ASP A 64 -8.04 14.40 -2.95
CA ASP A 64 -7.49 15.68 -2.51
C ASP A 64 -7.21 15.66 -1.02
N SER A 65 -7.84 14.74 -0.31
CA SER A 65 -7.66 14.63 1.14
C SER A 65 -6.48 13.72 1.47
N VAL A 66 -6.33 12.65 0.70
CA VAL A 66 -5.23 11.71 0.91
C VAL A 66 -3.94 12.22 0.29
N LYS A 67 -4.07 13.12 -0.68
CA LYS A 67 -2.91 13.70 -1.35
C LYS A 67 -2.15 14.64 -0.43
N GLY A 68 -0.84 14.70 -0.60
CA GLY A 68 -0.02 15.56 0.23
C GLY A 68 0.86 14.79 1.18
N ARG A 69 0.41 13.60 1.57
CA ARG A 69 1.16 12.76 2.50
C ARG A 69 1.09 11.29 2.08
N PHE A 70 0.85 11.07 0.79
CA PHE A 70 0.76 9.70 0.27
C PHE A 70 1.07 9.68 -1.22
N THR A 71 1.97 8.78 -1.62
CA THR A 71 2.36 8.65 -3.01
C THR A 71 2.70 7.20 -3.36
N ILE A 72 2.33 6.79 -4.56
CA ILE A 72 2.60 5.42 -5.01
C ILE A 72 3.74 5.39 -6.02
N SER A 73 4.72 4.54 -5.78
CA SER A 73 5.87 4.40 -6.67
C SER A 73 6.08 2.96 -7.08
N ARG A 74 7.06 2.73 -7.95
CA ARG A 74 7.37 1.39 -8.43
C ARG A 74 8.84 1.26 -8.79
N ASP A 75 9.28 0.05 -9.09
CA ASP A 75 10.67 -0.21 -9.46
C ASP A 75 10.76 -1.35 -10.46
N ASP A 76 11.30 -1.06 -11.64
CA ASP A 76 11.44 -2.08 -12.68
C ASP A 76 12.77 -2.81 -12.53
N ALA A 77 13.80 -2.09 -12.10
CA ALA A 77 15.12 -2.68 -11.91
C ALA A 77 15.06 -3.88 -10.97
N ARG A 78 14.17 -3.80 -9.99
CA ARG A 78 14.01 -4.88 -9.01
C ARG A 78 12.63 -5.52 -9.12
N ASN A 79 11.72 -4.84 -9.82
CA ASN A 79 10.36 -5.34 -9.99
C ASN A 79 9.62 -5.37 -8.67
N THR A 80 9.39 -4.20 -8.09
CA THR A 80 8.69 -4.09 -6.82
C THR A 80 7.98 -2.75 -6.70
N VAL A 81 6.85 -2.75 -5.99
CA VAL A 81 6.07 -1.53 -5.80
C VAL A 81 6.32 -0.93 -4.42
N TYR A 82 6.47 0.39 -4.37
CA TYR A 82 6.72 1.08 -3.11
C TYR A 82 5.61 2.10 -2.82
N LEU A 83 5.27 2.24 -1.55
CA LEU A 83 4.22 3.18 -1.14
C LEU A 83 4.71 4.06 0.01
N GLN A 84 5.01 5.31 -0.29
CA GLN A 84 5.48 6.25 0.71
C GLN A 84 4.32 6.79 1.55
N MET A 85 4.56 6.97 2.84
CA MET A 85 3.54 7.48 3.75
C MET A 85 4.13 8.50 4.72
N ASN A 86 3.87 9.78 4.45
CA ASN A 86 4.36 10.85 5.29
C ASN A 86 3.34 11.24 6.34
N SER A 87 3.82 11.68 7.51
CA SER A 87 2.93 12.09 8.59
C SER A 87 1.95 10.97 8.94
N LEU A 88 2.46 9.93 9.59
CA LEU A 88 1.62 8.80 9.98
C LEU A 88 0.36 9.26 10.70
N LYS A 89 -0.65 8.41 10.72
CA LYS A 89 -1.91 8.73 11.39
C LYS A 89 -2.40 7.56 12.23
N PRO A 90 -3.26 7.86 13.22
CA PRO A 90 -3.81 6.83 14.11
C PRO A 90 -4.81 5.92 13.40
N GLU A 91 -5.50 6.47 12.40
CA GLU A 91 -6.47 5.70 11.63
C GLU A 91 -5.79 4.74 10.67
N ASP A 92 -4.46 4.80 10.64
CA ASP A 92 -3.67 3.93 9.76
C ASP A 92 -3.87 2.47 10.13
N THR A 93 -4.17 2.21 11.40
CA THR A 93 -4.38 0.86 11.89
C THR A 93 -5.39 0.11 11.02
N ALA A 94 -4.90 -0.76 10.16
CA ALA A 94 -5.77 -1.53 9.28
C ALA A 94 -4.95 -2.46 8.39
N VAL A 95 -5.63 -3.15 7.46
CA VAL A 95 -4.97 -4.06 6.55
C VAL A 95 -4.80 -3.44 5.17
N TYR A 96 -3.62 -3.57 4.61
CA TYR A 96 -3.32 -3.02 3.29
C TYR A 96 -3.12 -4.13 2.26
N TYR A 97 -3.99 -4.17 1.26
CA TYR A 97 -3.91 -5.18 0.21
C TYR A 97 -3.75 -4.54 -1.15
N CYS A 98 -3.18 -5.29 -2.09
CA CYS A 98 -2.96 -4.79 -3.44
C CYS A 98 -4.07 -5.27 -4.38
N ASN A 99 -4.01 -4.82 -5.63
CA ASN A 99 -5.01 -5.20 -6.62
C ASN A 99 -4.48 -4.98 -8.04
N VAL A 100 -4.54 -6.02 -8.86
CA VAL A 100 -4.07 -5.95 -10.23
C VAL A 100 -4.81 -6.94 -11.13
N ASN A 101 -5.22 -6.47 -12.30
CA ASN A 101 -5.94 -7.31 -13.25
C ASN A 101 -5.14 -7.49 -14.54
N VAL A 102 -4.40 -8.59 -14.62
CA VAL A 102 -3.59 -8.87 -15.80
C VAL A 102 -3.92 -10.25 -16.37
N GLY A 103 -5.08 -10.36 -16.99
CA GLY A 103 -5.50 -11.62 -17.58
C GLY A 103 -6.29 -12.47 -16.61
N PHE A 104 -5.99 -12.32 -15.32
CA PHE A 104 -6.68 -13.09 -14.29
C PHE A 104 -6.77 -12.30 -12.99
N GLU A 105 -7.90 -12.42 -12.30
CA GLU A 105 -8.12 -11.71 -11.05
C GLU A 105 -6.99 -11.99 -10.06
N TYR A 106 -6.23 -10.95 -9.74
CA TYR A 106 -5.11 -11.09 -8.81
C TYR A 106 -5.05 -9.90 -7.85
N TRP A 107 -5.22 -10.18 -6.56
CA TRP A 107 -5.19 -9.13 -5.54
C TRP A 107 -4.33 -9.57 -4.35
N GLY A 108 -3.50 -8.66 -3.86
CA GLY A 108 -2.65 -8.96 -2.73
C GLY A 108 -3.42 -9.56 -1.57
N GLN A 109 -2.70 -10.10 -0.59
CA GLN A 109 -3.33 -10.71 0.58
C GLN A 109 -3.87 -9.64 1.52
N GLY A 110 -2.96 -8.91 2.17
CA GLY A 110 -3.37 -7.87 3.10
C GLY A 110 -2.54 -7.85 4.36
N THR A 111 -1.72 -6.81 4.52
CA THR A 111 -0.86 -6.68 5.70
C THR A 111 -1.48 -5.73 6.72
N GLN A 112 -1.62 -6.22 7.95
CA GLN A 112 -2.19 -5.41 9.03
C GLN A 112 -1.12 -4.53 9.67
N VAL A 113 -1.46 -3.26 9.89
CA VAL A 113 -0.54 -2.32 10.51
C VAL A 113 -1.08 -1.79 11.82
N THR A 114 -0.19 -1.51 12.76
CA THR A 114 -0.58 -0.99 14.07
C THR A 114 0.16 0.30 14.40
N VAL A 115 -0.54 1.42 14.34
CA VAL A 115 0.04 2.72 14.63
C VAL A 115 -0.23 3.13 16.07
N SER A 116 0.78 2.96 16.93
CA SER A 116 0.65 3.32 18.34
C SER A 116 0.35 4.81 18.50
N SER A 117 -0.16 5.18 19.67
CA SER A 117 -0.50 6.56 19.95
C SER A 117 0.54 7.20 20.87
N HIS A 118 0.57 8.53 20.89
CA HIS A 118 1.51 9.26 21.72
C HIS A 118 0.79 9.95 22.88
N HIS A 119 0.05 9.18 23.67
CA HIS A 119 -0.68 9.72 24.80
C HIS A 119 -0.34 8.96 26.08
N HIS A 120 -0.25 7.64 25.98
CA HIS A 120 0.06 6.80 27.13
C HIS A 120 1.58 6.67 27.29
N HIS A 121 2.16 7.49 28.16
CA HIS A 121 3.60 7.46 28.40
C HIS A 121 3.97 6.27 29.28
N HIS A 122 5.17 5.75 29.10
CA HIS A 122 5.64 4.61 29.88
C HIS A 122 5.83 5.01 31.34
N HIS A 123 5.36 4.14 32.24
CA HIS A 123 5.47 4.39 33.67
C HIS A 123 6.81 3.88 34.21
N MET A 1 0.74 -25.16 -15.63
CA MET A 1 1.14 -25.21 -14.23
C MET A 1 2.07 -24.05 -13.90
N ALA A 2 1.49 -22.87 -13.71
CA ALA A 2 2.26 -21.68 -13.37
C ALA A 2 1.36 -20.55 -12.88
N GLN A 3 1.68 -20.03 -11.70
CA GLN A 3 0.90 -18.94 -11.11
C GLN A 3 1.80 -17.89 -10.49
N VAL A 4 1.36 -16.63 -10.53
CA VAL A 4 2.13 -15.53 -9.97
C VAL A 4 1.99 -15.48 -8.45
N GLN A 5 3.00 -14.93 -7.79
CA GLN A 5 2.99 -14.83 -6.33
C GLN A 5 2.99 -13.37 -5.89
N LEU A 6 2.22 -13.07 -4.85
CA LEU A 6 2.12 -11.71 -4.34
C LEU A 6 2.63 -11.64 -2.90
N VAL A 7 3.76 -10.97 -2.71
CA VAL A 7 4.35 -10.82 -1.39
C VAL A 7 4.30 -9.37 -0.92
N GLU A 8 3.50 -9.12 0.12
CA GLU A 8 3.36 -7.77 0.66
C GLU A 8 4.08 -7.65 2.00
N SER A 9 4.55 -6.45 2.30
CA SER A 9 5.27 -6.19 3.54
C SER A 9 5.13 -4.73 3.97
N GLY A 10 5.43 -4.46 5.24
CA GLY A 10 5.32 -3.11 5.74
C GLY A 10 4.19 -2.94 6.73
N GLY A 11 3.00 -3.40 6.34
CA GLY A 11 1.84 -3.29 7.21
C GLY A 11 2.01 -4.07 8.50
N ALA A 12 2.49 -3.40 9.54
CA ALA A 12 2.69 -4.04 10.83
C ALA A 12 2.34 -3.09 11.97
N LEU A 13 2.49 -3.57 13.20
CA LEU A 13 2.19 -2.78 14.37
C LEU A 13 3.14 -1.59 14.50
N VAL A 14 2.66 -0.41 14.12
CA VAL A 14 3.48 0.79 14.19
C VAL A 14 3.02 1.71 15.33
N GLN A 15 3.92 2.56 15.80
CA GLN A 15 3.60 3.48 16.89
C GLN A 15 3.09 4.81 16.33
N PRO A 16 2.46 5.61 17.21
CA PRO A 16 1.91 6.92 16.83
C PRO A 16 3.00 7.93 16.52
N GLY A 17 2.91 8.55 15.35
CA GLY A 17 3.90 9.54 14.96
C GLY A 17 4.89 9.01 13.96
N GLY A 18 6.02 9.71 13.80
CA GLY A 18 7.04 9.28 12.86
C GLY A 18 6.47 9.00 11.48
N SER A 19 6.93 7.92 10.86
CA SER A 19 6.48 7.55 9.53
C SER A 19 6.93 6.13 9.17
N LEU A 20 6.22 5.51 8.24
CA LEU A 20 6.55 4.15 7.80
C LEU A 20 6.27 3.97 6.32
N ARG A 21 6.89 2.96 5.72
CA ARG A 21 6.71 2.68 4.30
C ARG A 21 6.37 1.22 4.07
N LEU A 22 5.53 0.95 3.08
CA LEU A 22 5.11 -0.41 2.76
C LEU A 22 5.67 -0.84 1.41
N SER A 23 6.14 -2.09 1.34
CA SER A 23 6.71 -2.63 0.11
C SER A 23 5.78 -3.68 -0.50
N CYS A 24 6.02 -4.01 -1.76
CA CYS A 24 5.21 -5.01 -2.45
C CYS A 24 6.04 -5.77 -3.49
N ALA A 25 6.46 -6.98 -3.12
CA ALA A 25 7.26 -7.81 -4.01
C ALA A 25 6.39 -8.47 -5.07
N ALA A 26 6.95 -8.63 -6.27
CA ALA A 26 6.22 -9.25 -7.37
C ALA A 26 6.92 -10.54 -7.82
N SER A 27 6.12 -11.52 -8.24
CA SER A 27 6.65 -12.80 -8.69
C SER A 27 5.78 -13.39 -9.79
N GLY A 28 6.38 -13.61 -10.96
CA GLY A 28 5.63 -14.17 -12.07
C GLY A 28 4.83 -13.12 -12.82
N PHE A 29 4.51 -12.03 -12.14
CA PHE A 29 3.74 -10.95 -12.75
C PHE A 29 4.55 -9.66 -12.80
N PRO A 30 4.67 -9.08 -14.00
CA PRO A 30 5.43 -7.84 -14.21
C PRO A 30 4.72 -6.63 -13.60
N VAL A 31 5.47 -5.83 -12.85
CA VAL A 31 4.92 -4.64 -12.21
C VAL A 31 4.97 -3.44 -13.15
N ASN A 32 5.96 -3.44 -14.05
CA ASN A 32 6.12 -2.35 -15.00
C ASN A 32 5.35 -2.63 -16.29
N ARG A 33 4.42 -3.58 -16.23
CA ARG A 33 3.62 -3.95 -17.38
C ARG A 33 2.17 -3.47 -17.22
N TYR A 34 1.70 -3.47 -15.98
CA TYR A 34 0.32 -3.05 -15.70
C TYR A 34 0.29 -2.14 -14.47
N SER A 35 -0.88 -1.55 -14.21
CA SER A 35 -1.05 -0.66 -13.07
C SER A 35 -1.76 -1.37 -11.92
N MET A 36 -1.32 -1.08 -10.71
CA MET A 36 -1.91 -1.69 -9.52
C MET A 36 -2.67 -0.66 -8.69
N ARG A 37 -3.91 -0.99 -8.36
CA ARG A 37 -4.76 -0.09 -7.58
C ARG A 37 -4.52 -0.29 -6.08
N TRP A 38 -4.20 0.79 -5.39
CA TRP A 38 -3.95 0.74 -3.96
C TRP A 38 -5.16 1.25 -3.18
N TYR A 39 -5.44 0.58 -2.05
CA TYR A 39 -6.57 0.98 -1.21
C TYR A 39 -6.64 0.11 0.04
N ARG A 40 -7.43 0.55 1.01
CA ARG A 40 -7.59 -0.18 2.27
C ARG A 40 -8.97 0.05 2.87
N GLN A 41 -9.36 -0.83 3.79
CA GLN A 41 -10.66 -0.73 4.43
C GLN A 41 -10.55 -0.98 5.93
N ALA A 42 -11.22 -0.15 6.72
CA ALA A 42 -11.19 -0.29 8.17
C ALA A 42 -12.35 -1.14 8.66
N PRO A 43 -12.21 -1.69 9.88
CA PRO A 43 -13.24 -2.53 10.49
C PRO A 43 -14.48 -1.75 10.88
N GLY A 44 -15.60 -2.04 10.21
CA GLY A 44 -16.84 -1.35 10.50
C GLY A 44 -17.05 -0.14 9.62
N LYS A 45 -15.96 0.43 9.13
CA LYS A 45 -16.03 1.61 8.27
C LYS A 45 -15.96 1.20 6.79
N GLU A 46 -16.42 2.09 5.92
CA GLU A 46 -16.42 1.83 4.49
C GLU A 46 -14.99 1.84 3.94
N ARG A 47 -14.82 1.26 2.75
CA ARG A 47 -13.51 1.20 2.12
C ARG A 47 -13.25 2.45 1.29
N GLU A 48 -11.98 2.84 1.23
CA GLU A 48 -11.58 4.04 0.47
C GLU A 48 -10.25 3.81 -0.22
N TRP A 49 -10.06 4.50 -1.35
CA TRP A 49 -8.83 4.38 -2.12
C TRP A 49 -7.71 5.22 -1.49
N VAL A 50 -6.51 4.65 -1.44
CA VAL A 50 -5.36 5.34 -0.86
C VAL A 50 -4.54 6.02 -1.95
N ALA A 51 -4.43 5.38 -3.11
CA ALA A 51 -3.67 5.93 -4.23
C ALA A 51 -3.81 5.06 -5.46
N GLY A 52 -3.56 5.65 -6.63
CA GLY A 52 -3.66 4.91 -7.87
C GLY A 52 -2.98 5.61 -9.03
N MET A 53 -2.15 4.87 -9.76
CA MET A 53 -1.43 5.43 -10.90
C MET A 53 -1.64 4.59 -12.15
N SER A 54 -1.40 5.19 -13.31
CA SER A 54 -1.56 4.49 -14.58
C SER A 54 -0.42 3.49 -14.79
N SER A 55 -0.66 2.51 -15.67
CA SER A 55 0.34 1.50 -15.96
C SER A 55 1.67 2.14 -16.35
N ALA A 56 1.60 3.25 -17.08
CA ALA A 56 2.80 3.96 -17.51
C ALA A 56 3.60 4.46 -16.31
N GLY A 57 2.90 4.80 -15.23
CA GLY A 57 3.57 5.28 -14.03
C GLY A 57 4.17 6.65 -14.23
N ASP A 58 3.45 7.54 -14.91
CA ASP A 58 3.93 8.89 -15.15
C ASP A 58 3.10 9.91 -14.37
N ARG A 59 1.81 9.66 -14.25
CA ARG A 59 0.90 10.55 -13.53
C ARG A 59 0.04 9.78 -12.55
N SER A 60 0.25 10.03 -11.26
CA SER A 60 -0.52 9.35 -10.22
C SER A 60 -1.71 10.19 -9.79
N SER A 61 -2.77 9.51 -9.33
CA SER A 61 -3.97 10.20 -8.89
C SER A 61 -4.13 10.10 -7.37
N TYR A 62 -4.40 11.24 -6.74
CA TYR A 62 -4.58 11.29 -5.29
C TYR A 62 -5.33 12.55 -4.87
N GLU A 63 -6.22 12.39 -3.90
CA GLU A 63 -7.01 13.52 -3.40
C GLU A 63 -6.12 14.59 -2.80
N ASP A 64 -6.57 15.84 -2.86
CA ASP A 64 -5.81 16.96 -2.31
C ASP A 64 -5.54 16.76 -0.83
N SER A 65 -6.33 15.89 -0.20
CA SER A 65 -6.18 15.62 1.23
C SER A 65 -5.16 14.51 1.46
N VAL A 66 -5.19 13.51 0.59
CA VAL A 66 -4.26 12.38 0.71
C VAL A 66 -2.89 12.73 0.13
N LYS A 67 -2.87 13.73 -0.76
CA LYS A 67 -1.63 14.17 -1.39
C LYS A 67 -0.77 14.95 -0.40
N GLY A 68 0.54 14.80 -0.52
CA GLY A 68 1.46 15.50 0.37
C GLY A 68 2.15 14.56 1.34
N ARG A 69 1.47 13.48 1.69
CA ARG A 69 2.03 12.50 2.63
C ARG A 69 2.07 11.10 1.99
N PHE A 70 1.07 10.80 1.18
CA PHE A 70 0.99 9.49 0.52
C PHE A 70 1.36 9.61 -0.95
N THR A 71 2.19 8.68 -1.42
CA THR A 71 2.64 8.68 -2.81
C THR A 71 2.85 7.26 -3.32
N ILE A 72 2.40 7.00 -4.53
CA ILE A 72 2.54 5.68 -5.13
C ILE A 72 3.74 5.63 -6.06
N SER A 73 4.46 4.51 -6.04
CA SER A 73 5.64 4.33 -6.88
C SER A 73 5.95 2.85 -7.07
N ARG A 74 6.79 2.55 -8.06
CA ARG A 74 7.16 1.18 -8.37
C ARG A 74 8.43 1.13 -9.20
N ASP A 75 9.16 0.03 -9.09
CA ASP A 75 10.41 -0.14 -9.84
C ASP A 75 10.36 -1.41 -10.69
N ASP A 76 10.90 -1.33 -11.90
CA ASP A 76 10.93 -2.48 -12.81
C ASP A 76 12.15 -3.35 -12.54
N ALA A 77 13.31 -2.72 -12.49
CA ALA A 77 14.57 -3.44 -12.26
C ALA A 77 14.48 -4.26 -10.97
N ARG A 78 13.77 -3.74 -9.98
CA ARG A 78 13.63 -4.42 -8.70
C ARG A 78 12.32 -5.23 -8.67
N ASN A 79 11.36 -4.81 -9.49
CA ASN A 79 10.08 -5.50 -9.55
C ASN A 79 9.37 -5.45 -8.19
N THR A 80 9.24 -4.27 -7.63
CA THR A 80 8.59 -4.09 -6.34
C THR A 80 7.92 -2.73 -6.24
N VAL A 81 6.70 -2.72 -5.69
CA VAL A 81 5.94 -1.48 -5.54
C VAL A 81 6.03 -0.96 -4.12
N TYR A 82 6.43 0.30 -3.98
CA TYR A 82 6.56 0.93 -2.67
C TYR A 82 5.49 2.01 -2.48
N LEU A 83 5.00 2.13 -1.25
CA LEU A 83 3.99 3.11 -0.93
C LEU A 83 4.38 3.92 0.32
N GLN A 84 4.84 5.15 0.10
CA GLN A 84 5.25 6.02 1.18
C GLN A 84 4.04 6.51 1.97
N MET A 85 4.15 6.47 3.30
CA MET A 85 3.06 6.90 4.17
C MET A 85 3.58 7.83 5.26
N ASN A 86 3.34 9.12 5.08
CA ASN A 86 3.78 10.13 6.05
C ASN A 86 2.62 10.62 6.90
N SER A 87 2.93 11.19 8.05
CA SER A 87 1.91 11.71 8.96
C SER A 87 0.93 10.61 9.36
N LEU A 88 1.45 9.59 10.03
CA LEU A 88 0.63 8.47 10.48
C LEU A 88 -0.61 8.96 11.22
N LYS A 89 -1.62 8.10 11.30
CA LYS A 89 -2.86 8.45 12.00
C LYS A 89 -3.40 7.26 12.78
N PRO A 90 -4.30 7.54 13.73
CA PRO A 90 -4.91 6.50 14.57
C PRO A 90 -5.87 5.61 13.79
N GLU A 91 -6.50 6.18 12.76
CA GLU A 91 -7.43 5.44 11.93
C GLU A 91 -6.70 4.51 10.97
N ASP A 92 -5.38 4.53 11.05
CA ASP A 92 -4.55 3.68 10.18
C ASP A 92 -4.82 2.20 10.45
N THR A 93 -5.24 1.89 11.68
CA THR A 93 -5.52 0.52 12.07
C THR A 93 -6.52 -0.13 11.12
N ALA A 94 -6.03 -0.96 10.22
CA ALA A 94 -6.88 -1.64 9.25
C ALA A 94 -6.06 -2.55 8.33
N VAL A 95 -6.72 -3.12 7.33
CA VAL A 95 -6.05 -4.01 6.39
C VAL A 95 -5.82 -3.31 5.05
N TYR A 96 -4.59 -3.38 4.56
CA TYR A 96 -4.23 -2.75 3.30
C TYR A 96 -3.96 -3.80 2.23
N TYR A 97 -4.59 -3.64 1.07
CA TYR A 97 -4.41 -4.58 -0.03
C TYR A 97 -4.57 -3.88 -1.37
N CYS A 98 -4.25 -4.59 -2.44
CA CYS A 98 -4.35 -4.03 -3.79
C CYS A 98 -5.02 -5.02 -4.74
N ASN A 99 -5.03 -4.68 -6.03
CA ASN A 99 -5.64 -5.55 -7.03
C ASN A 99 -4.88 -5.47 -8.36
N VAL A 100 -4.50 -6.63 -8.88
CA VAL A 100 -3.77 -6.68 -10.14
C VAL A 100 -4.42 -7.66 -11.11
N ASN A 101 -4.40 -7.31 -12.39
CA ASN A 101 -4.99 -8.15 -13.42
C ASN A 101 -3.99 -8.44 -14.54
N VAL A 102 -3.29 -9.58 -14.41
CA VAL A 102 -2.30 -9.97 -15.41
C VAL A 102 -2.57 -11.38 -15.91
N GLY A 103 -3.45 -11.49 -16.91
CA GLY A 103 -3.78 -12.79 -17.47
C GLY A 103 -4.86 -13.49 -16.69
N PHE A 104 -5.12 -13.03 -15.47
CA PHE A 104 -6.13 -13.63 -14.62
C PHE A 104 -6.24 -12.88 -13.30
N GLU A 105 -7.46 -12.79 -12.77
CA GLU A 105 -7.70 -12.10 -11.51
C GLU A 105 -6.78 -12.63 -10.41
N TYR A 106 -5.91 -11.77 -9.90
CA TYR A 106 -4.97 -12.15 -8.86
C TYR A 106 -4.95 -11.12 -7.74
N TRP A 107 -5.38 -11.54 -6.55
CA TRP A 107 -5.42 -10.64 -5.40
C TRP A 107 -4.93 -11.36 -4.14
N GLY A 108 -3.99 -10.75 -3.44
CA GLY A 108 -3.46 -11.35 -2.23
C GLY A 108 -2.35 -10.51 -1.61
N GLN A 109 -2.71 -9.32 -1.13
CA GLN A 109 -1.74 -8.43 -0.51
C GLN A 109 -2.35 -7.74 0.71
N GLY A 110 -3.17 -8.48 1.45
CA GLY A 110 -3.80 -7.92 2.64
C GLY A 110 -2.87 -7.91 3.84
N THR A 111 -2.42 -6.72 4.23
CA THR A 111 -1.52 -6.57 5.36
C THR A 111 -2.22 -5.89 6.54
N GLN A 112 -2.01 -6.42 7.73
CA GLN A 112 -2.61 -5.88 8.94
C GLN A 112 -1.68 -4.88 9.60
N VAL A 113 -2.20 -3.67 9.86
CA VAL A 113 -1.41 -2.62 10.50
C VAL A 113 -2.07 -2.15 11.78
N THR A 114 -1.25 -1.87 12.80
CA THR A 114 -1.75 -1.41 14.09
C THR A 114 -1.04 -0.14 14.54
N VAL A 115 -1.73 0.99 14.48
CA VAL A 115 -1.17 2.27 14.88
C VAL A 115 -1.48 2.56 16.34
N SER A 116 -0.49 2.35 17.21
CA SER A 116 -0.67 2.60 18.64
C SER A 116 -0.97 4.07 18.90
N SER A 117 -1.51 4.36 20.08
CA SER A 117 -1.85 5.73 20.45
C SER A 117 -1.04 6.17 21.66
N HIS A 118 -1.01 5.34 22.69
CA HIS A 118 -0.27 5.64 23.91
C HIS A 118 1.21 5.86 23.62
N HIS A 119 1.80 6.88 24.24
CA HIS A 119 3.20 7.21 24.03
C HIS A 119 3.98 7.07 25.33
N HIS A 120 5.23 6.62 25.23
CA HIS A 120 6.08 6.46 26.40
C HIS A 120 6.69 7.79 26.83
N HIS A 121 5.82 8.69 27.31
CA HIS A 121 6.28 10.01 27.75
C HIS A 121 7.32 9.88 28.85
N HIS A 122 8.50 10.45 28.62
CA HIS A 122 9.58 10.40 29.59
C HIS A 122 9.35 11.40 30.72
N HIS A 123 8.31 11.15 31.53
CA HIS A 123 7.99 12.03 32.65
C HIS A 123 9.02 11.89 33.77
N MET A 1 4.32 -23.82 -9.16
CA MET A 1 2.98 -23.66 -9.72
C MET A 1 2.95 -22.51 -10.72
N ALA A 2 2.13 -22.65 -11.77
CA ALA A 2 2.01 -21.62 -12.78
C ALA A 2 1.06 -20.51 -12.34
N GLN A 3 1.57 -19.61 -11.50
CA GLN A 3 0.76 -18.50 -11.01
C GLN A 3 1.63 -17.49 -10.27
N VAL A 4 1.25 -16.21 -10.38
CA VAL A 4 1.99 -15.14 -9.73
C VAL A 4 1.61 -15.01 -8.25
N GLN A 5 2.53 -14.50 -7.45
CA GLN A 5 2.28 -14.32 -6.02
C GLN A 5 2.59 -12.89 -5.59
N LEU A 6 1.78 -12.36 -4.69
CA LEU A 6 1.96 -11.00 -4.19
C LEU A 6 2.62 -11.01 -2.82
N VAL A 7 3.70 -10.23 -2.69
CA VAL A 7 4.42 -10.15 -1.42
C VAL A 7 4.27 -8.77 -0.79
N GLU A 8 3.48 -8.71 0.28
CA GLU A 8 3.25 -7.45 0.98
C GLU A 8 4.01 -7.40 2.31
N SER A 9 4.65 -6.28 2.58
CA SER A 9 5.41 -6.12 3.81
C SER A 9 5.36 -4.66 4.30
N GLY A 10 5.38 -4.49 5.62
CA GLY A 10 5.33 -3.16 6.18
C GLY A 10 4.17 -2.98 7.14
N GLY A 11 3.00 -3.46 6.75
CA GLY A 11 1.82 -3.34 7.58
C GLY A 11 1.99 -4.03 8.93
N ALA A 12 2.38 -3.27 9.95
CA ALA A 12 2.58 -3.81 11.28
C ALA A 12 2.21 -2.78 12.35
N LEU A 13 2.35 -3.17 13.61
CA LEU A 13 2.03 -2.29 14.73
C LEU A 13 3.02 -1.12 14.79
N VAL A 14 2.57 0.04 14.33
CA VAL A 14 3.42 1.23 14.33
C VAL A 14 2.99 2.21 15.43
N GLN A 15 3.90 3.09 15.82
CA GLN A 15 3.61 4.07 16.86
C GLN A 15 3.08 5.36 16.26
N PRO A 16 2.46 6.20 17.11
CA PRO A 16 1.88 7.48 16.68
C PRO A 16 2.96 8.50 16.31
N GLY A 17 2.76 9.17 15.17
CA GLY A 17 3.73 10.16 14.73
C GLY A 17 4.70 9.60 13.70
N GLY A 18 5.74 10.37 13.40
CA GLY A 18 6.73 9.94 12.43
C GLY A 18 6.10 9.50 11.12
N SER A 19 6.78 8.61 10.40
CA SER A 19 6.29 8.13 9.13
C SER A 19 7.08 6.90 8.67
N LEU A 20 6.49 6.12 7.77
CA LEU A 20 7.14 4.92 7.26
C LEU A 20 6.59 4.56 5.88
N ARG A 21 7.36 3.77 5.14
CA ARG A 21 6.95 3.35 3.79
C ARG A 21 6.77 1.83 3.74
N LEU A 22 5.78 1.39 2.96
CA LEU A 22 5.50 -0.04 2.82
C LEU A 22 6.13 -0.59 1.54
N SER A 23 6.57 -1.84 1.60
CA SER A 23 7.19 -2.49 0.45
C SER A 23 6.28 -3.56 -0.13
N CYS A 24 6.28 -3.69 -1.45
CA CYS A 24 5.45 -4.68 -2.13
C CYS A 24 6.26 -5.42 -3.19
N ALA A 25 6.75 -6.61 -2.83
CA ALA A 25 7.53 -7.43 -3.74
C ALA A 25 6.63 -8.21 -4.69
N ALA A 26 7.07 -8.34 -5.94
CA ALA A 26 6.31 -9.06 -6.95
C ALA A 26 6.90 -10.44 -7.20
N SER A 27 6.05 -11.38 -7.60
CA SER A 27 6.49 -12.75 -7.88
C SER A 27 5.81 -13.31 -9.13
N GLY A 28 6.60 -13.61 -10.15
CA GLY A 28 6.05 -14.14 -11.38
C GLY A 28 5.41 -13.07 -12.24
N PHE A 29 5.04 -11.96 -11.61
CA PHE A 29 4.41 -10.87 -12.33
C PHE A 29 5.26 -9.61 -12.26
N PRO A 30 5.61 -9.07 -13.44
CA PRO A 30 6.44 -7.87 -13.55
C PRO A 30 5.70 -6.61 -13.10
N VAL A 31 6.39 -5.77 -12.34
CA VAL A 31 5.79 -4.54 -11.83
C VAL A 31 5.92 -3.41 -12.85
N ASN A 32 6.93 -3.52 -13.72
CA ASN A 32 7.17 -2.50 -14.74
C ASN A 32 6.41 -2.83 -16.02
N ARG A 33 5.41 -3.72 -15.90
CA ARG A 33 4.60 -4.12 -17.04
C ARG A 33 3.16 -3.68 -16.87
N TYR A 34 2.70 -3.64 -15.62
CA TYR A 34 1.33 -3.24 -15.31
C TYR A 34 1.30 -2.25 -14.16
N SER A 35 0.11 -1.74 -13.85
CA SER A 35 -0.05 -0.79 -12.77
C SER A 35 -0.81 -1.41 -11.60
N MET A 36 -0.28 -1.22 -10.39
CA MET A 36 -0.90 -1.77 -9.19
C MET A 36 -1.65 -0.68 -8.42
N ARG A 37 -2.91 -0.95 -8.12
CA ARG A 37 -3.73 0.00 -7.38
C ARG A 37 -3.79 -0.36 -5.89
N TRP A 38 -3.58 0.65 -5.05
CA TRP A 38 -3.60 0.43 -3.60
C TRP A 38 -4.97 0.79 -3.03
N TYR A 39 -5.34 0.12 -1.94
CA TYR A 39 -6.62 0.37 -1.29
C TYR A 39 -6.55 0.09 0.21
N ARG A 40 -7.53 0.58 0.95
CA ARG A 40 -7.57 0.38 2.39
C ARG A 40 -9.01 0.31 2.89
N GLN A 41 -9.24 -0.54 3.89
CA GLN A 41 -10.57 -0.71 4.45
C GLN A 41 -10.50 -0.94 5.96
N ALA A 42 -11.14 -0.07 6.72
CA ALA A 42 -11.15 -0.19 8.18
C ALA A 42 -12.29 -1.08 8.65
N PRO A 43 -12.16 -1.63 9.87
CA PRO A 43 -13.18 -2.49 10.46
C PRO A 43 -14.45 -1.73 10.83
N GLY A 44 -15.55 -2.05 10.15
CA GLY A 44 -16.81 -1.39 10.42
C GLY A 44 -17.03 -0.18 9.54
N LYS A 45 -15.94 0.42 9.06
CA LYS A 45 -16.02 1.59 8.20
C LYS A 45 -16.02 1.19 6.73
N GLU A 46 -16.24 2.17 5.85
CA GLU A 46 -16.26 1.91 4.42
C GLU A 46 -14.85 1.93 3.83
N ARG A 47 -14.65 1.17 2.76
CA ARG A 47 -13.34 1.10 2.11
C ARG A 47 -13.15 2.29 1.18
N GLU A 48 -11.94 2.85 1.18
CA GLU A 48 -11.63 3.99 0.33
C GLU A 48 -10.25 3.84 -0.29
N TRP A 49 -10.14 4.18 -1.57
CA TRP A 49 -8.87 4.08 -2.29
C TRP A 49 -7.79 4.90 -1.60
N VAL A 50 -6.56 4.40 -1.63
CA VAL A 50 -5.44 5.10 -1.02
C VAL A 50 -4.46 5.61 -2.06
N ALA A 51 -4.31 4.86 -3.15
CA ALA A 51 -3.41 5.24 -4.22
C ALA A 51 -3.66 4.38 -5.47
N GLY A 52 -3.23 4.89 -6.63
CA GLY A 52 -3.41 4.16 -7.86
C GLY A 52 -2.84 4.91 -9.06
N MET A 53 -1.75 4.40 -9.62
CA MET A 53 -1.12 5.03 -10.77
C MET A 53 -1.20 4.12 -11.99
N SER A 54 -0.96 4.69 -13.17
CA SER A 54 -1.02 3.93 -14.42
C SER A 54 0.28 3.15 -14.63
N SER A 55 0.24 2.20 -15.55
CA SER A 55 1.41 1.38 -15.85
C SER A 55 2.58 2.25 -16.28
N ALA A 56 2.28 3.29 -17.04
CA ALA A 56 3.32 4.20 -17.53
C ALA A 56 3.91 5.01 -16.38
N GLY A 57 3.09 5.31 -15.38
CA GLY A 57 3.55 6.08 -14.24
C GLY A 57 3.67 7.56 -14.55
N ASP A 58 2.79 8.06 -15.41
CA ASP A 58 2.79 9.47 -15.78
C ASP A 58 1.95 10.29 -14.82
N ARG A 59 0.71 9.86 -14.60
CA ARG A 59 -0.20 10.55 -13.71
C ARG A 59 -0.86 9.59 -12.73
N SER A 60 -0.62 9.80 -11.45
CA SER A 60 -1.17 8.95 -10.40
C SER A 60 -2.51 9.50 -9.90
N SER A 61 -3.26 8.65 -9.22
CA SER A 61 -4.56 9.06 -8.69
C SER A 61 -4.61 8.88 -7.16
N TYR A 62 -5.04 9.93 -6.47
CA TYR A 62 -5.13 9.88 -5.02
C TYR A 62 -6.07 10.98 -4.50
N GLU A 63 -6.93 10.60 -3.57
CA GLU A 63 -7.88 11.54 -2.99
C GLU A 63 -7.17 12.75 -2.39
N ASP A 64 -7.85 13.89 -2.39
CA ASP A 64 -7.28 15.12 -1.84
C ASP A 64 -6.91 14.94 -0.36
N SER A 65 -7.49 13.93 0.27
CA SER A 65 -7.23 13.66 1.68
C SER A 65 -5.91 12.90 1.84
N VAL A 66 -5.66 11.96 0.93
CA VAL A 66 -4.43 11.17 0.99
C VAL A 66 -3.29 11.87 0.25
N LYS A 67 -3.65 12.77 -0.66
CA LYS A 67 -2.66 13.51 -1.43
C LYS A 67 -1.98 14.57 -0.57
N GLY A 68 -0.69 14.74 -0.78
CA GLY A 68 0.06 15.73 -0.01
C GLY A 68 1.02 15.09 0.98
N ARG A 69 0.66 13.90 1.45
CA ARG A 69 1.49 13.18 2.41
C ARG A 69 1.83 11.79 1.90
N PHE A 70 0.86 11.14 1.26
CA PHE A 70 1.05 9.80 0.72
C PHE A 70 1.42 9.85 -0.76
N THR A 71 2.21 8.88 -1.19
CA THR A 71 2.65 8.81 -2.58
C THR A 71 2.83 7.36 -3.03
N ILE A 72 2.58 7.12 -4.31
CA ILE A 72 2.72 5.78 -4.87
C ILE A 72 3.84 5.72 -5.90
N SER A 73 4.66 4.67 -5.83
CA SER A 73 5.77 4.50 -6.76
C SER A 73 6.19 3.03 -6.84
N ARG A 74 7.03 2.72 -7.81
CA ARG A 74 7.50 1.35 -8.00
C ARG A 74 8.87 1.34 -8.70
N ASP A 75 9.58 0.23 -8.57
CA ASP A 75 10.90 0.09 -9.18
C ASP A 75 10.98 -1.20 -10.01
N ASP A 76 11.54 -1.09 -11.21
CA ASP A 76 11.68 -2.24 -12.09
C ASP A 76 12.95 -3.02 -11.77
N ALA A 77 14.06 -2.30 -11.63
CA ALA A 77 15.34 -2.92 -11.32
C ALA A 77 15.23 -3.84 -10.11
N ARG A 78 14.40 -3.44 -9.15
CA ARG A 78 14.20 -4.23 -7.94
C ARG A 78 12.88 -4.99 -7.99
N ASN A 79 11.95 -4.50 -8.80
CA ASN A 79 10.65 -5.15 -8.95
C ASN A 79 9.87 -5.11 -7.64
N THR A 80 9.65 -3.90 -7.12
CA THR A 80 8.92 -3.72 -5.88
C THR A 80 8.21 -2.37 -5.84
N VAL A 81 6.98 -2.37 -5.34
CA VAL A 81 6.20 -1.15 -5.24
C VAL A 81 6.23 -0.58 -3.82
N TYR A 82 6.82 0.61 -3.68
CA TYR A 82 6.92 1.25 -2.38
C TYR A 82 5.75 2.21 -2.16
N LEU A 83 5.32 2.33 -0.91
CA LEU A 83 4.21 3.22 -0.56
C LEU A 83 4.59 4.12 0.61
N GLN A 84 4.92 5.37 0.30
CA GLN A 84 5.30 6.34 1.32
C GLN A 84 4.08 6.79 2.12
N MET A 85 4.26 6.96 3.42
CA MET A 85 3.17 7.39 4.30
C MET A 85 3.65 8.45 5.28
N ASN A 86 3.29 9.70 5.02
CA ASN A 86 3.68 10.81 5.89
C ASN A 86 2.51 11.28 6.74
N SER A 87 2.81 11.99 7.82
CA SER A 87 1.78 12.50 8.71
C SER A 87 0.84 11.39 9.14
N LEU A 88 1.39 10.36 9.79
CA LEU A 88 0.59 9.23 10.25
C LEU A 88 -0.57 9.69 11.11
N LYS A 89 -1.58 8.85 11.23
CA LYS A 89 -2.76 9.17 12.03
C LYS A 89 -3.25 7.94 12.80
N PRO A 90 -4.04 8.19 13.85
CA PRO A 90 -4.60 7.13 14.69
C PRO A 90 -5.65 6.30 13.95
N GLU A 91 -6.36 6.93 13.02
CA GLU A 91 -7.39 6.26 12.25
C GLU A 91 -6.78 5.35 11.19
N ASP A 92 -5.45 5.35 11.12
CA ASP A 92 -4.74 4.53 10.15
C ASP A 92 -4.98 3.04 10.42
N THR A 93 -5.27 2.72 11.67
CA THR A 93 -5.53 1.33 12.06
C THR A 93 -6.52 0.67 11.11
N ALA A 94 -6.02 -0.24 10.28
CA ALA A 94 -6.86 -0.95 9.32
C ALA A 94 -6.05 -1.95 8.51
N VAL A 95 -6.69 -2.56 7.52
CA VAL A 95 -6.03 -3.54 6.67
C VAL A 95 -5.84 -2.99 5.26
N TYR A 96 -4.68 -3.25 4.68
CA TYR A 96 -4.37 -2.78 3.33
C TYR A 96 -4.17 -3.96 2.37
N TYR A 97 -4.48 -3.74 1.11
CA TYR A 97 -4.33 -4.79 0.10
C TYR A 97 -4.03 -4.18 -1.27
N CYS A 98 -3.78 -5.04 -2.26
CA CYS A 98 -3.49 -4.59 -3.60
C CYS A 98 -4.26 -5.41 -4.63
N ASN A 99 -4.50 -4.82 -5.80
CA ASN A 99 -5.24 -5.49 -6.87
C ASN A 99 -4.48 -5.40 -8.19
N VAL A 100 -4.43 -6.52 -8.91
CA VAL A 100 -3.75 -6.57 -10.19
C VAL A 100 -4.40 -7.58 -11.13
N ASN A 101 -4.36 -7.28 -12.42
CA ASN A 101 -4.95 -8.17 -13.43
C ASN A 101 -3.92 -8.54 -14.48
N VAL A 102 -3.26 -9.68 -14.29
CA VAL A 102 -2.26 -10.15 -15.23
C VAL A 102 -2.53 -11.59 -15.66
N GLY A 103 -3.46 -11.76 -16.59
CA GLY A 103 -3.80 -13.09 -17.07
C GLY A 103 -4.92 -13.72 -16.27
N PHE A 104 -5.03 -13.34 -15.00
CA PHE A 104 -6.06 -13.88 -14.12
C PHE A 104 -6.27 -12.98 -12.91
N GLU A 105 -7.52 -12.89 -12.45
CA GLU A 105 -7.85 -12.07 -11.30
C GLU A 105 -6.96 -12.42 -10.11
N TYR A 106 -6.17 -11.45 -9.67
CA TYR A 106 -5.27 -11.64 -8.54
C TYR A 106 -5.30 -10.45 -7.59
N TRP A 107 -5.77 -10.69 -6.37
CA TRP A 107 -5.87 -9.63 -5.36
C TRP A 107 -5.46 -10.16 -3.99
N GLY A 108 -4.57 -9.44 -3.33
CA GLY A 108 -4.12 -9.85 -2.01
C GLY A 108 -3.40 -8.74 -1.27
N GLN A 109 -2.24 -9.05 -0.71
CA GLN A 109 -1.46 -8.07 0.04
C GLN A 109 -2.21 -7.60 1.28
N GLY A 110 -3.07 -8.47 1.80
CA GLY A 110 -3.85 -8.13 2.98
C GLY A 110 -2.97 -7.98 4.21
N THR A 111 -2.49 -6.78 4.46
CA THR A 111 -1.64 -6.51 5.60
C THR A 111 -2.37 -5.71 6.67
N GLN A 112 -2.09 -6.00 7.93
CA GLN A 112 -2.74 -5.31 9.04
C GLN A 112 -1.77 -4.33 9.71
N VAL A 113 -2.27 -3.16 10.06
CA VAL A 113 -1.46 -2.14 10.70
C VAL A 113 -2.15 -1.60 11.96
N THR A 114 -1.34 -1.32 12.98
CA THR A 114 -1.87 -0.80 14.24
C THR A 114 -1.11 0.44 14.67
N VAL A 115 -1.77 1.60 14.55
CA VAL A 115 -1.15 2.87 14.94
C VAL A 115 -1.54 3.25 16.37
N SER A 116 -0.62 3.03 17.30
CA SER A 116 -0.86 3.35 18.70
C SER A 116 -1.23 4.82 18.87
N SER A 117 -1.83 5.15 20.00
CA SER A 117 -2.24 6.51 20.29
C SER A 117 -1.77 6.95 21.68
N HIS A 118 -2.27 6.27 22.70
CA HIS A 118 -1.91 6.59 24.08
C HIS A 118 -1.58 5.32 24.85
N HIS A 119 -0.95 4.36 24.18
CA HIS A 119 -0.58 3.09 24.81
C HIS A 119 0.89 3.10 25.21
N HIS A 120 1.77 3.01 24.22
CA HIS A 120 3.21 3.00 24.47
C HIS A 120 3.87 4.24 23.87
N HIS A 121 5.11 4.50 24.28
CA HIS A 121 5.85 5.65 23.78
C HIS A 121 7.23 5.23 23.27
N HIS A 122 7.76 6.00 22.32
CA HIS A 122 9.06 5.70 21.74
C HIS A 122 10.17 5.93 22.77
N HIS A 123 11.37 5.43 22.47
CA HIS A 123 12.51 5.57 23.37
C HIS A 123 13.19 6.92 23.16
N MET A 1 -0.16 -25.60 -9.71
CA MET A 1 -0.74 -24.29 -9.96
C MET A 1 0.35 -23.22 -10.04
N ALA A 2 0.64 -22.77 -11.25
CA ALA A 2 1.66 -21.75 -11.45
C ALA A 2 1.03 -20.39 -11.71
N GLN A 3 1.60 -19.35 -11.11
CA GLN A 3 1.09 -17.99 -11.27
C GLN A 3 1.95 -16.99 -10.50
N VAL A 4 1.60 -15.72 -10.61
CA VAL A 4 2.33 -14.66 -9.91
C VAL A 4 2.00 -14.64 -8.43
N GLN A 5 2.92 -14.13 -7.62
CA GLN A 5 2.73 -14.05 -6.18
C GLN A 5 2.91 -12.62 -5.68
N LEU A 6 1.97 -12.15 -4.87
CA LEU A 6 2.03 -10.80 -4.32
C LEU A 6 2.47 -10.82 -2.86
N VAL A 7 3.56 -10.14 -2.57
CA VAL A 7 4.08 -10.08 -1.20
C VAL A 7 3.75 -8.74 -0.54
N GLU A 8 2.93 -8.79 0.50
CA GLU A 8 2.53 -7.58 1.21
C GLU A 8 3.24 -7.50 2.57
N SER A 9 4.10 -6.50 2.72
CA SER A 9 4.84 -6.31 3.96
C SER A 9 4.79 -4.85 4.41
N GLY A 10 4.88 -4.63 5.71
CA GLY A 10 4.84 -3.29 6.24
C GLY A 10 3.73 -3.09 7.26
N GLY A 11 2.49 -3.36 6.84
CA GLY A 11 1.36 -3.21 7.73
C GLY A 11 1.55 -3.94 9.05
N ALA A 12 1.71 -3.17 10.12
CA ALA A 12 1.90 -3.75 11.45
C ALA A 12 1.53 -2.76 12.54
N LEU A 13 1.67 -3.18 13.79
CA LEU A 13 1.35 -2.32 14.93
C LEU A 13 2.33 -1.15 15.02
N VAL A 14 1.89 0.02 14.58
CA VAL A 14 2.72 1.22 14.61
C VAL A 14 2.23 2.20 15.68
N GLN A 15 3.12 3.09 16.11
CA GLN A 15 2.77 4.08 17.11
C GLN A 15 2.25 5.37 16.47
N PRO A 16 1.53 6.18 17.25
CA PRO A 16 0.97 7.44 16.77
C PRO A 16 2.04 8.50 16.51
N GLY A 17 2.02 9.07 15.31
CA GLY A 17 3.00 10.08 14.96
C GLY A 17 4.02 9.57 13.96
N GLY A 18 5.11 10.33 13.80
CA GLY A 18 6.14 9.93 12.87
C GLY A 18 5.60 9.61 11.49
N SER A 19 6.26 8.70 10.78
CA SER A 19 5.84 8.30 9.45
C SER A 19 6.57 7.04 9.00
N LEU A 20 5.89 6.23 8.20
CA LEU A 20 6.48 4.99 7.69
C LEU A 20 5.94 4.65 6.31
N ARG A 21 6.65 3.80 5.58
CA ARG A 21 6.24 3.39 4.25
C ARG A 21 6.13 1.88 4.15
N LEU A 22 5.10 1.41 3.44
CA LEU A 22 4.89 -0.02 3.27
C LEU A 22 5.63 -0.54 2.04
N SER A 23 6.01 -1.81 2.09
CA SER A 23 6.74 -2.43 0.97
C SER A 23 5.98 -3.63 0.43
N CYS A 24 5.82 -3.67 -0.89
CA CYS A 24 5.09 -4.76 -1.53
C CYS A 24 5.95 -5.39 -2.63
N ALA A 25 6.58 -6.52 -2.32
CA ALA A 25 7.43 -7.21 -3.28
C ALA A 25 6.58 -7.93 -4.33
N ALA A 26 7.09 -7.97 -5.56
CA ALA A 26 6.39 -8.62 -6.65
C ALA A 26 7.05 -9.95 -7.02
N SER A 27 6.27 -10.86 -7.58
CA SER A 27 6.77 -12.18 -7.97
C SER A 27 6.02 -12.71 -9.19
N GLY A 28 6.77 -12.94 -10.27
CA GLY A 28 6.17 -13.45 -11.48
C GLY A 28 5.45 -12.36 -12.27
N PHE A 29 5.10 -11.28 -11.59
CA PHE A 29 4.41 -10.17 -12.24
C PHE A 29 5.24 -8.90 -12.17
N PRO A 30 5.53 -8.31 -13.33
CA PRO A 30 6.33 -7.08 -13.43
C PRO A 30 5.58 -5.86 -12.89
N VAL A 31 6.25 -5.10 -12.04
CA VAL A 31 5.64 -3.90 -11.46
C VAL A 31 5.83 -2.69 -12.37
N ASN A 32 6.90 -2.71 -13.15
CA ASN A 32 7.20 -1.61 -14.06
C ASN A 32 6.59 -1.87 -15.44
N ARG A 33 5.64 -2.79 -15.49
CA ARG A 33 4.98 -3.14 -16.75
C ARG A 33 3.56 -2.57 -16.79
N TYR A 34 2.91 -2.53 -15.63
CA TYR A 34 1.55 -2.02 -15.54
C TYR A 34 1.34 -1.28 -14.22
N SER A 35 0.16 -0.69 -14.06
CA SER A 35 -0.17 0.05 -12.85
C SER A 35 -0.59 -0.90 -11.73
N MET A 36 -0.84 -0.33 -10.55
CA MET A 36 -1.25 -1.13 -9.40
C MET A 36 -2.37 -0.44 -8.64
N ARG A 37 -3.49 -1.13 -8.48
CA ARG A 37 -4.64 -0.59 -7.77
C ARG A 37 -4.50 -0.79 -6.26
N TRP A 38 -4.41 0.30 -5.52
CA TRP A 38 -4.27 0.24 -4.08
C TRP A 38 -5.59 0.59 -3.39
N TYR A 39 -5.95 -0.20 -2.38
CA TYR A 39 -7.20 0.03 -1.64
C TYR A 39 -7.04 -0.38 -0.18
N ARG A 40 -7.86 0.21 0.68
CA ARG A 40 -7.81 -0.10 2.11
C ARG A 40 -9.23 -0.28 2.66
N GLN A 41 -9.38 -1.23 3.57
CA GLN A 41 -10.68 -1.51 4.18
C GLN A 41 -10.56 -1.55 5.71
N ALA A 42 -11.31 -0.70 6.38
CA ALA A 42 -11.29 -0.66 7.84
C ALA A 42 -12.39 -1.53 8.44
N PRO A 43 -12.22 -1.91 9.72
CA PRO A 43 -13.18 -2.76 10.42
C PRO A 43 -14.49 -2.03 10.70
N GLY A 44 -15.58 -2.49 10.07
CA GLY A 44 -16.87 -1.87 10.28
C GLY A 44 -17.25 -0.93 9.14
N LYS A 45 -16.24 -0.40 8.46
CA LYS A 45 -16.46 0.52 7.34
C LYS A 45 -16.09 -0.14 6.02
N GLU A 46 -16.71 0.32 4.93
CA GLU A 46 -16.44 -0.21 3.61
C GLU A 46 -15.00 0.08 3.19
N ARG A 47 -14.60 -0.46 2.05
CA ARG A 47 -13.25 -0.26 1.53
C ARG A 47 -13.18 1.02 0.69
N GLU A 48 -12.12 1.80 0.91
CA GLU A 48 -11.93 3.04 0.17
C GLU A 48 -10.58 3.05 -0.54
N TRP A 49 -10.51 3.77 -1.65
CA TRP A 49 -9.27 3.86 -2.43
C TRP A 49 -8.20 4.60 -1.63
N VAL A 50 -6.96 4.12 -1.74
CA VAL A 50 -5.84 4.73 -1.03
C VAL A 50 -4.81 5.29 -2.01
N ALA A 51 -4.64 4.59 -3.14
CA ALA A 51 -3.70 5.02 -4.15
C ALA A 51 -4.04 4.41 -5.51
N GLY A 52 -3.71 5.14 -6.58
CA GLY A 52 -4.00 4.65 -7.92
C GLY A 52 -3.12 5.32 -8.97
N MET A 53 -2.26 4.53 -9.60
CA MET A 53 -1.37 5.04 -10.63
C MET A 53 -1.69 4.44 -11.99
N SER A 54 -1.12 5.00 -13.04
CA SER A 54 -1.34 4.51 -14.40
C SER A 54 -0.21 3.60 -14.85
N SER A 55 -0.47 2.81 -15.89
CA SER A 55 0.52 1.90 -16.42
C SER A 55 1.83 2.62 -16.72
N ALA A 56 1.72 3.86 -17.16
CA ALA A 56 2.89 4.67 -17.48
C ALA A 56 3.82 4.79 -16.28
N GLY A 57 3.23 4.81 -15.08
CA GLY A 57 4.01 4.92 -13.87
C GLY A 57 4.79 6.21 -13.80
N ASP A 58 4.20 7.29 -14.31
CA ASP A 58 4.85 8.60 -14.31
C ASP A 58 4.25 9.51 -13.24
N ARG A 59 2.92 9.51 -13.16
CA ARG A 59 2.22 10.33 -12.19
C ARG A 59 1.17 9.52 -11.43
N SER A 60 1.13 9.69 -10.11
CA SER A 60 0.19 8.96 -9.28
C SER A 60 -1.10 9.76 -9.09
N SER A 61 -2.23 9.06 -9.06
CA SER A 61 -3.53 9.70 -8.90
C SER A 61 -4.07 9.47 -7.49
N TYR A 62 -4.50 10.55 -6.84
CA TYR A 62 -5.05 10.47 -5.49
C TYR A 62 -5.87 11.71 -5.15
N GLU A 63 -6.91 11.52 -4.36
CA GLU A 63 -7.79 12.62 -3.97
C GLU A 63 -6.97 13.78 -3.39
N ASP A 64 -7.51 14.99 -3.52
CA ASP A 64 -6.83 16.18 -3.01
C ASP A 64 -7.00 16.29 -1.50
N SER A 65 -8.01 15.61 -0.97
CA SER A 65 -8.27 15.64 0.47
C SER A 65 -7.30 14.73 1.22
N VAL A 66 -6.69 13.81 0.50
CA VAL A 66 -5.74 12.88 1.10
C VAL A 66 -4.34 13.06 0.52
N LYS A 67 -4.29 13.62 -0.69
CA LYS A 67 -3.01 13.85 -1.36
C LYS A 67 -2.03 14.57 -0.44
N GLY A 68 -0.77 14.16 -0.48
CA GLY A 68 0.24 14.78 0.36
C GLY A 68 0.70 13.87 1.47
N ARG A 69 -0.18 12.98 1.90
CA ARG A 69 0.15 12.04 2.99
C ARG A 69 0.38 10.64 2.43
N PHE A 70 -0.43 10.25 1.45
CA PHE A 70 -0.33 8.94 0.84
C PHE A 70 0.12 9.04 -0.61
N THR A 71 1.16 8.30 -0.96
CA THR A 71 1.70 8.32 -2.32
C THR A 71 2.13 6.92 -2.75
N ILE A 72 1.77 6.56 -3.99
CA ILE A 72 2.12 5.25 -4.52
C ILE A 72 3.38 5.32 -5.38
N SER A 73 4.24 4.33 -5.24
CA SER A 73 5.49 4.28 -6.01
C SER A 73 6.02 2.85 -6.10
N ARG A 74 6.86 2.61 -7.10
CA ARG A 74 7.43 1.29 -7.31
C ARG A 74 8.70 1.36 -8.16
N ASP A 75 9.69 0.55 -7.82
CA ASP A 75 10.95 0.53 -8.54
C ASP A 75 11.05 -0.72 -9.43
N ASP A 76 11.60 -0.54 -10.63
CA ASP A 76 11.76 -1.66 -11.56
C ASP A 76 13.07 -2.39 -11.31
N ALA A 77 14.11 -1.64 -10.99
CA ALA A 77 15.43 -2.23 -10.73
C ALA A 77 15.36 -3.20 -9.56
N ARG A 78 14.53 -2.89 -8.57
CA ARG A 78 14.38 -3.73 -7.39
C ARG A 78 13.15 -4.62 -7.52
N ASN A 79 12.19 -4.18 -8.33
CA ASN A 79 10.95 -4.93 -8.53
C ASN A 79 10.15 -5.01 -7.24
N THR A 80 9.93 -3.85 -6.61
CA THR A 80 9.18 -3.78 -5.37
C THR A 80 8.36 -2.49 -5.29
N VAL A 81 7.24 -2.55 -4.58
CA VAL A 81 6.38 -1.39 -4.42
C VAL A 81 6.59 -0.73 -3.07
N TYR A 82 6.47 0.60 -3.04
CA TYR A 82 6.65 1.37 -1.81
C TYR A 82 5.52 2.37 -1.62
N LEU A 83 4.84 2.26 -0.48
CA LEU A 83 3.73 3.15 -0.17
C LEU A 83 4.08 4.05 1.01
N GLN A 84 4.45 5.29 0.71
CA GLN A 84 4.80 6.25 1.75
C GLN A 84 3.57 6.71 2.51
N MET A 85 3.72 6.90 3.82
CA MET A 85 2.61 7.33 4.67
C MET A 85 3.06 8.44 5.62
N ASN A 86 2.58 9.65 5.36
CA ASN A 86 2.93 10.80 6.19
C ASN A 86 1.74 11.24 7.04
N SER A 87 2.02 12.01 8.09
CA SER A 87 0.98 12.50 8.98
C SER A 87 0.07 11.35 9.42
N LEU A 88 0.64 10.36 10.09
CA LEU A 88 -0.11 9.20 10.57
C LEU A 88 -1.34 9.65 11.36
N LYS A 89 -2.31 8.76 11.49
CA LYS A 89 -3.53 9.05 12.23
C LYS A 89 -4.03 7.83 12.97
N PRO A 90 -4.91 8.05 13.96
CA PRO A 90 -5.48 6.97 14.78
C PRO A 90 -6.45 6.09 13.98
N GLU A 91 -7.12 6.69 13.01
CA GLU A 91 -8.07 5.97 12.17
C GLU A 91 -7.34 5.13 11.12
N ASP A 92 -6.02 5.15 11.17
CA ASP A 92 -5.21 4.39 10.23
C ASP A 92 -5.43 2.89 10.40
N THR A 93 -5.83 2.49 11.60
CA THR A 93 -6.09 1.09 11.89
C THR A 93 -6.99 0.46 10.84
N ALA A 94 -6.41 -0.40 10.01
CA ALA A 94 -7.15 -1.07 8.95
C ALA A 94 -6.25 -2.01 8.15
N VAL A 95 -6.82 -2.62 7.10
CA VAL A 95 -6.07 -3.53 6.25
C VAL A 95 -5.79 -2.92 4.89
N TYR A 96 -4.64 -3.25 4.32
CA TYR A 96 -4.25 -2.74 3.01
C TYR A 96 -3.90 -3.87 2.06
N TYR A 97 -4.68 -4.01 0.99
CA TYR A 97 -4.45 -5.06 0.00
C TYR A 97 -4.18 -4.46 -1.37
N CYS A 98 -3.63 -5.27 -2.26
CA CYS A 98 -3.33 -4.82 -3.62
C CYS A 98 -4.31 -5.41 -4.62
N ASN A 99 -4.24 -4.95 -5.87
CA ASN A 99 -5.13 -5.43 -6.92
C ASN A 99 -4.52 -5.18 -8.29
N VAL A 100 -4.39 -6.25 -9.08
CA VAL A 100 -3.83 -6.15 -10.43
C VAL A 100 -4.39 -7.24 -11.34
N ASN A 101 -4.39 -6.97 -12.64
CA ASN A 101 -4.89 -7.92 -13.61
C ASN A 101 -3.85 -8.20 -14.70
N VAL A 102 -3.05 -9.24 -14.50
CA VAL A 102 -2.02 -9.60 -15.47
C VAL A 102 -2.12 -11.07 -15.85
N GLY A 103 -2.94 -11.37 -16.85
CA GLY A 103 -3.11 -12.73 -17.30
C GLY A 103 -4.18 -13.47 -16.50
N PHE A 104 -4.35 -13.09 -15.25
CA PHE A 104 -5.34 -13.72 -14.38
C PHE A 104 -5.61 -12.87 -13.15
N GLU A 105 -6.79 -13.05 -12.55
CA GLU A 105 -7.18 -12.30 -11.37
C GLU A 105 -6.12 -12.42 -10.28
N TYR A 106 -5.46 -11.31 -9.96
CA TYR A 106 -4.43 -11.29 -8.93
C TYR A 106 -4.60 -10.10 -8.00
N TRP A 107 -4.89 -10.38 -6.74
CA TRP A 107 -5.08 -9.34 -5.74
C TRP A 107 -4.42 -9.72 -4.42
N GLY A 108 -3.61 -8.81 -3.89
CA GLY A 108 -2.93 -9.06 -2.63
C GLY A 108 -3.88 -9.54 -1.54
N GLN A 109 -3.32 -10.01 -0.44
CA GLN A 109 -4.12 -10.50 0.67
C GLN A 109 -4.66 -9.35 1.52
N GLY A 110 -3.76 -8.66 2.21
CA GLY A 110 -4.16 -7.54 3.04
C GLY A 110 -3.47 -7.53 4.38
N THR A 111 -2.67 -6.50 4.65
CA THR A 111 -1.95 -6.38 5.90
C THR A 111 -2.66 -5.43 6.86
N GLN A 112 -2.98 -5.93 8.06
CA GLN A 112 -3.65 -5.13 9.06
C GLN A 112 -2.66 -4.29 9.85
N VAL A 113 -3.00 -3.03 10.05
CA VAL A 113 -2.13 -2.11 10.80
C VAL A 113 -2.82 -1.61 12.05
N THR A 114 -2.03 -1.37 13.10
CA THR A 114 -2.57 -0.88 14.37
C THR A 114 -1.84 0.37 14.82
N VAL A 115 -2.52 1.51 14.72
CA VAL A 115 -1.94 2.79 15.13
C VAL A 115 -2.35 3.15 16.55
N SER A 116 -1.44 2.94 17.50
CA SER A 116 -1.70 3.24 18.90
C SER A 116 -2.12 4.70 19.07
N SER A 117 -2.73 5.01 20.20
CA SER A 117 -3.18 6.36 20.49
C SER A 117 -2.16 7.11 21.34
N HIS A 118 -1.51 6.38 22.26
CA HIS A 118 -0.51 6.98 23.13
C HIS A 118 0.86 6.97 22.46
N HIS A 119 1.60 8.06 22.62
CA HIS A 119 2.93 8.18 22.03
C HIS A 119 3.93 7.29 22.77
N HIS A 120 5.11 7.09 22.17
CA HIS A 120 6.14 6.27 22.78
C HIS A 120 7.50 6.57 22.15
N HIS A 121 8.56 6.02 22.75
CA HIS A 121 9.91 6.23 22.25
C HIS A 121 10.47 4.95 21.63
N HIS A 122 11.35 5.11 20.65
CA HIS A 122 11.95 3.98 19.97
C HIS A 122 13.48 4.05 20.05
N HIS A 123 14.05 5.02 19.35
CA HIS A 123 15.51 5.19 19.34
C HIS A 123 15.98 5.92 20.59
N MET A 1 1.26 -22.26 -18.65
CA MET A 1 0.33 -22.55 -17.57
C MET A 1 0.96 -22.27 -16.21
N ALA A 2 0.60 -21.13 -15.63
CA ALA A 2 1.14 -20.74 -14.32
C ALA A 2 0.31 -19.62 -13.71
N GLN A 3 0.53 -19.36 -12.43
CA GLN A 3 -0.20 -18.32 -11.71
C GLN A 3 0.76 -17.39 -10.99
N VAL A 4 0.47 -16.09 -11.04
CA VAL A 4 1.31 -15.09 -10.38
C VAL A 4 1.03 -15.04 -8.89
N GLN A 5 2.03 -14.61 -8.12
CA GLN A 5 1.91 -14.51 -6.67
C GLN A 5 2.11 -13.08 -6.20
N LEU A 6 1.33 -12.66 -5.21
CA LEU A 6 1.43 -11.31 -4.67
C LEU A 6 1.98 -11.33 -3.25
N VAL A 7 3.19 -10.83 -3.08
CA VAL A 7 3.84 -10.80 -1.77
C VAL A 7 3.82 -9.39 -1.19
N GLU A 8 3.23 -9.24 -0.01
CA GLU A 8 3.15 -7.95 0.66
C GLU A 8 4.11 -7.88 1.84
N SER A 9 4.56 -6.68 2.18
CA SER A 9 5.48 -6.48 3.28
C SER A 9 5.41 -5.04 3.80
N GLY A 10 6.02 -4.80 4.96
CA GLY A 10 6.01 -3.48 5.54
C GLY A 10 4.95 -3.31 6.61
N GLY A 11 3.84 -4.03 6.46
CA GLY A 11 2.77 -3.94 7.43
C GLY A 11 3.16 -4.49 8.78
N ALA A 12 3.27 -3.61 9.76
CA ALA A 12 3.65 -4.02 11.11
C ALA A 12 3.25 -2.95 12.13
N LEU A 13 3.55 -3.21 13.40
CA LEU A 13 3.22 -2.28 14.48
C LEU A 13 4.00 -0.97 14.32
N VAL A 14 3.33 0.06 13.85
CA VAL A 14 3.95 1.36 13.66
C VAL A 14 3.52 2.34 14.74
N GLN A 15 4.33 3.37 14.96
CA GLN A 15 4.03 4.38 15.98
C GLN A 15 3.24 5.53 15.37
N PRO A 16 2.60 6.33 16.24
CA PRO A 16 1.79 7.48 15.82
C PRO A 16 2.64 8.60 15.24
N GLY A 17 2.12 9.30 14.25
CA GLY A 17 2.84 10.39 13.63
C GLY A 17 4.05 9.92 12.84
N GLY A 18 4.55 10.78 11.96
CA GLY A 18 5.70 10.42 11.15
C GLY A 18 5.31 9.88 9.79
N SER A 19 6.02 8.86 9.34
CA SER A 19 5.75 8.26 8.04
C SER A 19 6.49 6.93 7.89
N LEU A 20 5.81 5.94 7.31
CA LEU A 20 6.41 4.62 7.12
C LEU A 20 6.59 4.33 5.62
N ARG A 21 7.37 3.29 5.33
CA ARG A 21 7.62 2.91 3.94
C ARG A 21 7.28 1.45 3.71
N LEU A 22 6.18 1.20 2.99
CA LEU A 22 5.74 -0.16 2.70
C LEU A 22 6.23 -0.60 1.33
N SER A 23 6.42 -1.91 1.17
CA SER A 23 6.89 -2.47 -0.08
C SER A 23 6.04 -3.67 -0.50
N CYS A 24 6.00 -3.94 -1.80
CA CYS A 24 5.23 -5.06 -2.33
C CYS A 24 6.02 -5.82 -3.38
N ALA A 25 6.32 -7.09 -3.09
CA ALA A 25 7.07 -7.93 -4.00
C ALA A 25 6.15 -8.59 -5.02
N ALA A 26 6.65 -8.75 -6.24
CA ALA A 26 5.87 -9.37 -7.31
C ALA A 26 6.40 -10.75 -7.64
N SER A 27 5.53 -11.61 -8.16
CA SER A 27 5.90 -12.97 -8.52
C SER A 27 5.16 -13.44 -9.78
N GLY A 28 5.92 -13.73 -10.83
CA GLY A 28 5.31 -14.18 -12.07
C GLY A 28 4.69 -13.04 -12.84
N PHE A 29 4.38 -11.94 -12.16
CA PHE A 29 3.76 -10.78 -12.79
C PHE A 29 4.69 -9.57 -12.72
N PRO A 30 4.97 -8.97 -13.88
CA PRO A 30 5.84 -7.79 -13.97
C PRO A 30 5.18 -6.55 -13.39
N VAL A 31 5.95 -5.81 -12.58
CA VAL A 31 5.45 -4.59 -11.96
C VAL A 31 5.59 -3.39 -12.89
N ASN A 32 6.56 -3.47 -13.79
CA ASN A 32 6.81 -2.39 -14.75
C ASN A 32 6.01 -2.60 -16.03
N ARG A 33 5.00 -3.47 -15.95
CA ARG A 33 4.17 -3.76 -17.11
C ARG A 33 2.75 -3.22 -16.92
N TYR A 34 2.30 -3.21 -15.67
CA TYR A 34 0.97 -2.71 -15.34
C TYR A 34 1.01 -1.82 -14.11
N SER A 35 -0.14 -1.24 -13.78
CA SER A 35 -0.24 -0.35 -12.62
C SER A 35 -0.79 -1.11 -11.41
N MET A 36 -0.39 -0.67 -10.22
CA MET A 36 -0.84 -1.30 -8.98
C MET A 36 -1.78 -0.38 -8.21
N ARG A 37 -3.02 -0.83 -8.01
CA ARG A 37 -4.02 -0.05 -7.30
C ARG A 37 -3.95 -0.32 -5.79
N TRP A 38 -3.74 0.73 -5.00
CA TRP A 38 -3.65 0.60 -3.56
C TRP A 38 -4.99 0.90 -2.90
N TYR A 39 -5.31 0.19 -1.83
CA TYR A 39 -6.56 0.39 -1.11
C TYR A 39 -6.38 0.11 0.39
N ARG A 40 -7.37 0.50 1.18
CA ARG A 40 -7.33 0.30 2.62
C ARG A 40 -8.72 0.04 3.18
N GLN A 41 -8.82 -0.94 4.08
CA GLN A 41 -10.10 -1.28 4.68
C GLN A 41 -9.94 -1.59 6.16
N ALA A 42 -10.65 -0.84 7.01
CA ALA A 42 -10.58 -1.03 8.44
C ALA A 42 -11.51 -2.15 8.90
N PRO A 43 -11.24 -2.71 10.09
CA PRO A 43 -12.04 -3.79 10.66
C PRO A 43 -13.43 -3.33 11.06
N GLY A 44 -14.44 -3.86 10.38
CA GLY A 44 -15.82 -3.49 10.69
C GLY A 44 -16.31 -2.32 9.84
N LYS A 45 -15.38 -1.50 9.38
CA LYS A 45 -15.72 -0.34 8.56
C LYS A 45 -15.61 -0.68 7.07
N GLU A 46 -16.12 0.20 6.22
CA GLU A 46 -16.07 0.00 4.78
C GLU A 46 -14.67 0.28 4.24
N ARG A 47 -14.39 -0.26 3.05
CA ARG A 47 -13.08 -0.06 2.43
C ARG A 47 -13.05 1.24 1.63
N GLU A 48 -11.90 1.90 1.63
CA GLU A 48 -11.74 3.15 0.91
C GLU A 48 -10.41 3.18 0.14
N TRP A 49 -10.39 3.92 -0.96
CA TRP A 49 -9.20 4.03 -1.79
C TRP A 49 -8.10 4.81 -1.07
N VAL A 50 -6.85 4.53 -1.40
CA VAL A 50 -5.72 5.20 -0.78
C VAL A 50 -4.80 5.82 -1.84
N ALA A 51 -4.59 5.09 -2.92
CA ALA A 51 -3.74 5.57 -4.00
C ALA A 51 -3.88 4.68 -5.24
N GLY A 52 -3.67 5.28 -6.41
CA GLY A 52 -3.79 4.53 -7.65
C GLY A 52 -3.10 5.23 -8.81
N MET A 53 -2.16 4.54 -9.44
CA MET A 53 -1.42 5.09 -10.57
C MET A 53 -1.73 4.33 -11.85
N SER A 54 -1.37 4.91 -12.99
CA SER A 54 -1.62 4.29 -14.28
C SER A 54 -0.48 3.34 -14.64
N SER A 55 -0.70 2.56 -15.70
CA SER A 55 0.30 1.60 -16.16
C SER A 55 1.63 2.29 -16.46
N ALA A 56 1.54 3.51 -16.99
CA ALA A 56 2.73 4.29 -17.32
C ALA A 56 3.63 4.47 -16.11
N GLY A 57 3.01 4.57 -14.93
CA GLY A 57 3.76 4.75 -13.71
C GLY A 57 4.49 6.08 -13.66
N ASP A 58 3.85 7.12 -14.20
CA ASP A 58 4.43 8.45 -14.22
C ASP A 58 3.53 9.46 -13.50
N ARG A 59 2.22 9.27 -13.65
CA ARG A 59 1.25 10.16 -13.01
C ARG A 59 0.27 9.37 -12.15
N SER A 60 0.36 9.55 -10.84
CA SER A 60 -0.52 8.85 -9.91
C SER A 60 -1.77 9.68 -9.61
N SER A 61 -2.81 9.02 -9.10
CA SER A 61 -4.06 9.70 -8.77
C SER A 61 -4.28 9.72 -7.26
N TYR A 62 -4.56 10.91 -6.73
CA TYR A 62 -4.80 11.07 -5.30
C TYR A 62 -5.53 12.38 -5.02
N GLU A 63 -6.50 12.32 -4.12
CA GLU A 63 -7.28 13.50 -3.76
C GLU A 63 -6.37 14.67 -3.40
N ASP A 64 -6.76 15.87 -3.81
CA ASP A 64 -5.98 17.07 -3.53
C ASP A 64 -5.82 17.27 -2.02
N SER A 65 -6.68 16.62 -1.25
CA SER A 65 -6.62 16.74 0.21
C SER A 65 -5.68 15.70 0.80
N VAL A 66 -5.72 14.49 0.25
CA VAL A 66 -4.86 13.41 0.73
C VAL A 66 -3.47 13.50 0.11
N LYS A 67 -3.38 14.19 -1.02
CA LYS A 67 -2.10 14.35 -1.72
C LYS A 67 -1.06 14.98 -0.79
N GLY A 68 0.20 14.60 -0.98
CA GLY A 68 1.27 15.13 -0.17
C GLY A 68 1.77 14.14 0.86
N ARG A 69 0.90 13.23 1.28
CA ARG A 69 1.26 12.22 2.26
C ARG A 69 1.35 10.84 1.62
N PHE A 70 0.30 10.47 0.88
CA PHE A 70 0.27 9.18 0.21
C PHE A 70 0.93 9.25 -1.16
N THR A 71 1.78 8.28 -1.45
CA THR A 71 2.49 8.23 -2.72
C THR A 71 2.72 6.80 -3.18
N ILE A 72 2.52 6.54 -4.46
CA ILE A 72 2.70 5.21 -5.02
C ILE A 72 3.85 5.19 -6.03
N SER A 73 4.63 4.12 -6.01
CA SER A 73 5.76 3.98 -6.91
C SER A 73 6.16 2.52 -7.07
N ARG A 74 6.88 2.21 -8.14
CA ARG A 74 7.32 0.86 -8.41
C ARG A 74 8.66 0.85 -9.15
N ASP A 75 9.41 -0.24 -9.00
CA ASP A 75 10.71 -0.37 -9.66
C ASP A 75 10.76 -1.65 -10.50
N ASP A 76 11.34 -1.53 -11.69
CA ASP A 76 11.45 -2.68 -12.59
C ASP A 76 12.73 -3.47 -12.30
N ALA A 77 13.79 -2.75 -11.96
CA ALA A 77 15.07 -3.39 -11.66
C ALA A 77 14.97 -4.28 -10.43
N ARG A 78 14.14 -3.86 -9.47
CA ARG A 78 13.94 -4.63 -8.25
C ARG A 78 12.61 -5.37 -8.28
N ASN A 79 11.68 -4.88 -9.08
CA ASN A 79 10.37 -5.50 -9.20
C ASN A 79 9.61 -5.44 -7.87
N THR A 80 9.44 -4.24 -7.35
CA THR A 80 8.73 -4.04 -6.08
C THR A 80 8.03 -2.68 -6.05
N VAL A 81 6.84 -2.65 -5.47
CA VAL A 81 6.06 -1.42 -5.37
C VAL A 81 6.18 -0.82 -3.98
N TYR A 82 6.61 0.43 -3.92
CA TYR A 82 6.76 1.13 -2.66
C TYR A 82 5.57 2.05 -2.38
N LEU A 83 5.08 2.02 -1.16
CA LEU A 83 3.95 2.86 -0.77
C LEU A 83 4.26 3.64 0.52
N GLN A 84 4.60 4.90 0.35
CA GLN A 84 4.92 5.76 1.49
C GLN A 84 3.66 6.45 2.02
N MET A 85 3.62 6.65 3.34
CA MET A 85 2.48 7.30 3.96
C MET A 85 2.93 8.32 5.00
N ASN A 86 2.71 9.61 4.70
CA ASN A 86 3.10 10.68 5.61
C ASN A 86 1.95 11.05 6.53
N SER A 87 2.26 11.83 7.57
CA SER A 87 1.24 12.26 8.53
C SER A 87 0.44 11.07 9.03
N LEU A 88 1.14 10.03 9.48
CA LEU A 88 0.49 8.83 9.99
C LEU A 88 -0.57 9.19 11.03
N LYS A 89 -1.73 8.57 10.92
CA LYS A 89 -2.82 8.82 11.86
C LYS A 89 -3.14 7.56 12.66
N PRO A 90 -3.87 7.74 13.77
CA PRO A 90 -4.27 6.63 14.65
C PRO A 90 -5.31 5.72 14.00
N GLU A 91 -6.12 6.30 13.13
CA GLU A 91 -7.17 5.53 12.44
C GLU A 91 -6.57 4.68 11.33
N ASP A 92 -5.26 4.81 11.14
CA ASP A 92 -4.56 4.04 10.10
C ASP A 92 -4.66 2.55 10.36
N THR A 93 -4.91 2.19 11.62
CA THR A 93 -5.02 0.79 12.01
C THR A 93 -5.98 0.04 11.09
N ALA A 94 -5.42 -0.73 10.16
CA ALA A 94 -6.24 -1.49 9.22
C ALA A 94 -5.36 -2.40 8.36
N VAL A 95 -5.96 -3.00 7.34
CA VAL A 95 -5.23 -3.89 6.43
C VAL A 95 -5.03 -3.24 5.07
N TYR A 96 -3.77 -3.06 4.69
CA TYR A 96 -3.44 -2.45 3.41
C TYR A 96 -3.19 -3.52 2.34
N TYR A 97 -4.03 -3.51 1.31
CA TYR A 97 -3.92 -4.49 0.23
C TYR A 97 -3.81 -3.78 -1.12
N CYS A 98 -3.64 -4.56 -2.18
CA CYS A 98 -3.53 -4.01 -3.53
C CYS A 98 -4.51 -4.70 -4.48
N ASN A 99 -4.35 -4.46 -5.77
CA ASN A 99 -5.21 -5.04 -6.78
C ASN A 99 -4.53 -5.06 -8.14
N VAL A 100 -4.41 -6.26 -8.72
CA VAL A 100 -3.78 -6.41 -10.02
C VAL A 100 -4.62 -7.29 -10.95
N ASN A 101 -4.87 -6.81 -12.15
CA ASN A 101 -5.67 -7.56 -13.13
C ASN A 101 -4.88 -7.76 -14.42
N VAL A 102 -4.21 -8.90 -14.53
CA VAL A 102 -3.43 -9.21 -15.72
C VAL A 102 -3.85 -10.56 -16.32
N GLY A 103 -4.92 -10.52 -17.12
CA GLY A 103 -5.40 -11.75 -17.74
C GLY A 103 -6.41 -12.48 -16.87
N PHE A 104 -6.30 -12.29 -15.55
CA PHE A 104 -7.21 -12.94 -14.62
C PHE A 104 -7.17 -12.24 -13.26
N GLU A 105 -8.35 -12.07 -12.66
CA GLU A 105 -8.46 -11.41 -11.37
C GLU A 105 -7.53 -12.06 -10.35
N TYR A 106 -6.57 -11.28 -9.86
CA TYR A 106 -5.60 -11.78 -8.88
C TYR A 106 -5.45 -10.81 -7.72
N TRP A 107 -5.83 -11.24 -6.53
CA TRP A 107 -5.75 -10.41 -5.34
C TRP A 107 -5.29 -11.24 -4.13
N GLY A 108 -4.26 -10.75 -3.45
CA GLY A 108 -3.75 -11.45 -2.28
C GLY A 108 -2.46 -10.86 -1.77
N GLN A 109 -2.52 -9.62 -1.30
CA GLN A 109 -1.35 -8.95 -0.77
C GLN A 109 -1.73 -7.93 0.30
N GLY A 110 -2.68 -8.30 1.15
CA GLY A 110 -3.12 -7.42 2.20
C GLY A 110 -2.35 -7.60 3.49
N THR A 111 -1.66 -6.55 3.94
CA THR A 111 -0.87 -6.62 5.15
C THR A 111 -1.57 -5.88 6.30
N GLN A 112 -1.37 -6.37 7.52
CA GLN A 112 -1.98 -5.75 8.69
C GLN A 112 -1.01 -4.78 9.36
N VAL A 113 -1.50 -3.59 9.69
CA VAL A 113 -0.69 -2.57 10.33
C VAL A 113 -1.38 -2.00 11.57
N THR A 114 -0.60 -1.67 12.58
CA THR A 114 -1.14 -1.12 13.81
C THR A 114 -0.42 0.17 14.20
N VAL A 115 -1.14 1.29 14.08
CA VAL A 115 -0.57 2.60 14.41
C VAL A 115 -0.83 2.95 15.87
N SER A 116 0.19 2.75 16.71
CA SER A 116 0.07 3.05 18.14
C SER A 116 -0.33 4.50 18.35
N SER A 117 -0.58 4.85 19.61
CA SER A 117 -0.97 6.22 19.96
C SER A 117 -0.06 6.78 21.06
N HIS A 118 -0.32 8.03 21.45
CA HIS A 118 0.46 8.68 22.49
C HIS A 118 0.49 7.84 23.76
N HIS A 119 1.60 7.18 24.00
CA HIS A 119 1.75 6.33 25.19
C HIS A 119 3.03 6.68 25.94
N HIS A 120 3.18 7.96 26.28
CA HIS A 120 4.36 8.42 27.01
C HIS A 120 4.50 7.69 28.34
N HIS A 121 5.72 7.24 28.64
CA HIS A 121 5.99 6.53 29.87
C HIS A 121 6.40 7.49 30.98
N HIS A 122 7.43 8.28 30.73
CA HIS A 122 7.91 9.24 31.70
C HIS A 122 8.66 10.39 31.02
N HIS A 123 9.21 11.29 31.83
CA HIS A 123 9.95 12.43 31.30
C HIS A 123 10.99 12.92 32.31
N MET A 1 2.54 -19.94 -19.00
CA MET A 1 1.34 -20.28 -18.21
C MET A 1 1.70 -20.52 -16.76
N ALA A 2 2.25 -19.49 -16.11
CA ALA A 2 2.64 -19.58 -14.72
C ALA A 2 1.91 -18.54 -13.87
N GLN A 3 0.98 -18.99 -13.04
CA GLN A 3 0.22 -18.09 -12.18
C GLN A 3 1.14 -17.19 -11.38
N VAL A 4 0.82 -15.90 -11.36
CA VAL A 4 1.63 -14.93 -10.62
C VAL A 4 1.28 -14.94 -9.14
N GLN A 5 2.24 -14.56 -8.30
CA GLN A 5 2.03 -14.51 -6.86
C GLN A 5 2.28 -13.12 -6.31
N LEU A 6 1.40 -12.67 -5.43
CA LEU A 6 1.53 -11.35 -4.82
C LEU A 6 1.97 -11.45 -3.37
N VAL A 7 3.09 -10.82 -3.05
CA VAL A 7 3.61 -10.83 -1.69
C VAL A 7 3.34 -9.51 -0.98
N GLU A 8 2.60 -9.58 0.13
CA GLU A 8 2.27 -8.39 0.90
C GLU A 8 3.09 -8.34 2.19
N SER A 9 3.65 -7.16 2.49
CA SER A 9 4.44 -6.98 3.70
C SER A 9 4.47 -5.51 4.11
N GLY A 10 4.87 -5.27 5.36
CA GLY A 10 4.93 -3.91 5.86
C GLY A 10 3.87 -3.63 6.91
N GLY A 11 2.63 -3.96 6.59
CA GLY A 11 1.54 -3.74 7.53
C GLY A 11 1.72 -4.50 8.82
N ALA A 12 2.24 -3.82 9.84
CA ALA A 12 2.46 -4.44 11.14
C ALA A 12 2.14 -3.47 12.27
N LEU A 13 2.31 -3.93 13.51
CA LEU A 13 2.04 -3.10 14.67
C LEU A 13 3.01 -1.93 14.75
N VAL A 14 2.54 -0.74 14.36
CA VAL A 14 3.37 0.46 14.39
C VAL A 14 2.95 1.39 15.51
N GLN A 15 3.89 2.19 15.99
CA GLN A 15 3.61 3.13 17.08
C GLN A 15 3.18 4.49 16.52
N PRO A 16 2.55 5.30 17.38
CA PRO A 16 2.08 6.64 17.00
C PRO A 16 3.22 7.62 16.77
N GLY A 17 3.22 8.26 15.60
CA GLY A 17 4.26 9.22 15.28
C GLY A 17 5.17 8.73 14.17
N GLY A 18 6.18 9.53 13.83
CA GLY A 18 7.10 9.17 12.78
C GLY A 18 6.39 8.82 11.48
N SER A 19 6.83 7.74 10.84
CA SER A 19 6.24 7.31 9.57
C SER A 19 6.71 5.90 9.21
N LEU A 20 5.95 5.24 8.36
CA LEU A 20 6.28 3.89 7.92
C LEU A 20 5.82 3.64 6.49
N ARG A 21 6.43 2.67 5.83
CA ARG A 21 6.08 2.34 4.45
C ARG A 21 5.85 0.85 4.30
N LEU A 22 4.91 0.47 3.43
CA LEU A 22 4.60 -0.92 3.20
C LEU A 22 5.33 -1.45 1.97
N SER A 23 5.62 -2.74 1.96
CA SER A 23 6.32 -3.38 0.85
C SER A 23 5.46 -4.45 0.19
N CYS A 24 5.54 -4.52 -1.13
CA CYS A 24 4.76 -5.50 -1.89
C CYS A 24 5.61 -6.16 -2.96
N ALA A 25 6.14 -7.33 -2.66
CA ALA A 25 6.98 -8.06 -3.60
C ALA A 25 6.15 -8.69 -4.71
N ALA A 26 6.70 -8.73 -5.92
CA ALA A 26 6.00 -9.31 -7.06
C ALA A 26 6.56 -10.68 -7.41
N SER A 27 5.72 -11.51 -8.04
CA SER A 27 6.13 -12.85 -8.42
C SER A 27 5.43 -13.28 -9.71
N GLY A 28 6.22 -13.56 -10.74
CA GLY A 28 5.66 -13.98 -12.01
C GLY A 28 5.08 -12.83 -12.80
N PHE A 29 4.76 -11.74 -12.10
CA PHE A 29 4.18 -10.56 -12.75
C PHE A 29 5.11 -9.36 -12.60
N PRO A 30 5.45 -8.74 -13.74
CA PRO A 30 6.33 -7.57 -13.77
C PRO A 30 5.68 -6.33 -13.17
N VAL A 31 6.43 -5.63 -12.32
CA VAL A 31 5.92 -4.43 -11.68
C VAL A 31 6.14 -3.20 -12.55
N ASN A 32 7.15 -3.26 -13.41
CA ASN A 32 7.47 -2.15 -14.30
C ASN A 32 6.74 -2.31 -15.63
N ARG A 33 5.73 -3.17 -15.65
CA ARG A 33 4.96 -3.42 -16.87
C ARG A 33 3.57 -2.82 -16.75
N TYR A 34 3.02 -2.82 -15.54
CA TYR A 34 1.69 -2.28 -15.31
C TYR A 34 1.65 -1.47 -14.01
N SER A 35 0.51 -0.86 -13.73
CA SER A 35 0.34 -0.05 -12.53
C SER A 35 -0.16 -0.90 -11.36
N MET A 36 0.18 -0.50 -10.15
CA MET A 36 -0.24 -1.22 -8.96
C MET A 36 -1.40 -0.50 -8.26
N ARG A 37 -2.54 -1.17 -8.15
CA ARG A 37 -3.72 -0.60 -7.51
C ARG A 37 -3.70 -0.86 -6.01
N TRP A 38 -3.61 0.21 -5.23
CA TRP A 38 -3.58 0.10 -3.78
C TRP A 38 -4.96 0.35 -3.19
N TYR A 39 -5.36 -0.50 -2.25
CA TYR A 39 -6.66 -0.37 -1.60
C TYR A 39 -6.63 -0.93 -0.19
N ARG A 40 -7.51 -0.43 0.67
CA ARG A 40 -7.59 -0.88 2.06
C ARG A 40 -8.99 -0.67 2.63
N GLN A 41 -9.28 -1.36 3.71
CA GLN A 41 -10.59 -1.23 4.36
C GLN A 41 -10.48 -1.45 5.86
N ALA A 42 -11.12 -0.57 6.64
CA ALA A 42 -11.09 -0.67 8.08
C ALA A 42 -12.32 -1.41 8.61
N PRO A 43 -12.20 -1.96 9.83
CA PRO A 43 -13.28 -2.70 10.48
C PRO A 43 -14.45 -1.80 10.88
N GLY A 44 -15.60 -2.00 10.23
CA GLY A 44 -16.77 -1.20 10.53
C GLY A 44 -16.89 0.02 9.65
N LYS A 45 -15.75 0.49 9.13
CA LYS A 45 -15.73 1.65 8.26
C LYS A 45 -15.76 1.24 6.79
N GLU A 46 -16.22 2.15 5.94
CA GLU A 46 -16.30 1.87 4.51
C GLU A 46 -14.90 1.79 3.89
N ARG A 47 -14.79 1.05 2.80
CA ARG A 47 -13.52 0.88 2.11
C ARG A 47 -13.28 2.02 1.12
N GLU A 48 -12.13 2.67 1.24
CA GLU A 48 -11.78 3.78 0.35
C GLU A 48 -10.39 3.59 -0.24
N TRP A 49 -10.24 3.92 -1.51
CA TRP A 49 -8.96 3.79 -2.20
C TRP A 49 -7.84 4.48 -1.42
N VAL A 50 -6.62 3.99 -1.57
CA VAL A 50 -5.47 4.57 -0.88
C VAL A 50 -4.48 5.16 -1.88
N ALA A 51 -4.35 4.50 -3.03
CA ALA A 51 -3.43 4.97 -4.07
C ALA A 51 -3.78 4.36 -5.42
N GLY A 52 -3.46 5.09 -6.49
CA GLY A 52 -3.76 4.60 -7.82
C GLY A 52 -2.89 5.27 -8.88
N MET A 53 -2.01 4.49 -9.51
CA MET A 53 -1.14 5.02 -10.55
C MET A 53 -1.45 4.38 -11.90
N SER A 54 -0.90 4.96 -12.96
CA SER A 54 -1.12 4.46 -14.31
C SER A 54 -0.03 3.48 -14.71
N SER A 55 -0.29 2.71 -15.76
CA SER A 55 0.67 1.72 -16.25
C SER A 55 2.02 2.38 -16.53
N ALA A 56 1.97 3.59 -17.08
CA ALA A 56 3.18 4.33 -17.40
C ALA A 56 4.06 4.52 -16.17
N GLY A 57 3.42 4.65 -15.02
CA GLY A 57 4.16 4.83 -13.78
C GLY A 57 4.90 6.15 -13.74
N ASP A 58 4.33 7.17 -14.37
CA ASP A 58 4.96 8.49 -14.41
C ASP A 58 4.41 9.38 -13.30
N ARG A 59 3.08 9.43 -13.18
CA ARG A 59 2.44 10.24 -12.16
C ARG A 59 1.38 9.44 -11.41
N SER A 60 1.35 9.60 -10.09
CA SER A 60 0.40 8.88 -9.25
C SER A 60 -0.88 9.70 -9.07
N SER A 61 -2.02 9.00 -9.04
CA SER A 61 -3.31 9.67 -8.88
C SER A 61 -3.90 9.36 -7.50
N TYR A 62 -4.35 10.41 -6.82
CA TYR A 62 -4.94 10.27 -5.50
C TYR A 62 -5.80 11.47 -5.14
N GLU A 63 -6.88 11.23 -4.41
CA GLU A 63 -7.78 12.31 -4.00
C GLU A 63 -7.01 13.43 -3.31
N ASP A 64 -7.56 14.64 -3.40
CA ASP A 64 -6.92 15.80 -2.78
C ASP A 64 -7.13 15.80 -1.27
N SER A 65 -8.06 14.97 -0.80
CA SER A 65 -8.36 14.87 0.62
C SER A 65 -7.35 13.98 1.33
N VAL A 66 -6.68 13.13 0.55
CA VAL A 66 -5.69 12.23 1.11
C VAL A 66 -4.30 12.52 0.54
N LYS A 67 -4.26 13.14 -0.63
CA LYS A 67 -3.00 13.49 -1.29
C LYS A 67 -2.07 14.18 -0.31
N GLY A 68 -0.80 13.82 -0.35
CA GLY A 68 0.19 14.41 0.53
C GLY A 68 0.57 13.51 1.68
N ARG A 69 -0.36 12.64 2.09
CA ARG A 69 -0.11 11.71 3.18
C ARG A 69 0.26 10.33 2.66
N PHE A 70 -0.36 9.94 1.55
CA PHE A 70 -0.09 8.65 0.94
C PHE A 70 0.43 8.80 -0.48
N THR A 71 1.40 7.96 -0.84
CA THR A 71 1.98 8.01 -2.18
C THR A 71 2.38 6.62 -2.66
N ILE A 72 2.03 6.31 -3.91
CA ILE A 72 2.35 5.01 -4.49
C ILE A 72 3.64 5.07 -5.29
N SER A 73 4.44 4.01 -5.21
CA SER A 73 5.70 3.94 -5.93
C SER A 73 6.15 2.49 -6.10
N ARG A 74 7.00 2.25 -7.09
CA ARG A 74 7.51 0.91 -7.37
C ARG A 74 8.87 0.98 -8.07
N ASP A 75 9.68 -0.05 -7.86
CA ASP A 75 11.00 -0.12 -8.47
C ASP A 75 11.13 -1.34 -9.37
N ASP A 76 11.70 -1.15 -10.55
CA ASP A 76 11.87 -2.25 -11.50
C ASP A 76 13.15 -3.03 -11.18
N ALA A 77 14.24 -2.31 -10.91
CA ALA A 77 15.51 -2.94 -10.59
C ALA A 77 15.34 -4.00 -9.51
N ARG A 78 14.43 -3.75 -8.57
CA ARG A 78 14.18 -4.68 -7.48
C ARG A 78 12.90 -5.47 -7.73
N ASN A 79 12.01 -4.91 -8.54
CA ASN A 79 10.74 -5.56 -8.86
C ASN A 79 9.86 -5.66 -7.62
N THR A 80 9.63 -4.52 -6.97
CA THR A 80 8.79 -4.48 -5.78
C THR A 80 8.12 -3.12 -5.61
N VAL A 81 6.90 -3.13 -5.11
CA VAL A 81 6.14 -1.91 -4.90
C VAL A 81 6.21 -1.45 -3.44
N TYR A 82 6.24 -0.15 -3.24
CA TYR A 82 6.30 0.41 -1.89
C TYR A 82 5.24 1.49 -1.70
N LEU A 83 4.77 1.63 -0.47
CA LEU A 83 3.75 2.64 -0.15
C LEU A 83 4.18 3.50 1.03
N GLN A 84 4.63 4.71 0.73
CA GLN A 84 5.08 5.64 1.77
C GLN A 84 3.88 6.23 2.52
N MET A 85 4.04 6.39 3.84
CA MET A 85 2.98 6.95 4.66
C MET A 85 3.54 7.94 5.67
N ASN A 86 3.36 9.23 5.40
CA ASN A 86 3.86 10.27 6.28
C ASN A 86 2.78 10.69 7.28
N SER A 87 3.22 11.12 8.46
CA SER A 87 2.29 11.55 9.51
C SER A 87 1.27 10.45 9.80
N LEU A 88 1.72 9.39 10.47
CA LEU A 88 0.85 8.28 10.82
C LEU A 88 -0.44 8.78 11.46
N LYS A 89 -1.48 7.95 11.39
CA LYS A 89 -2.78 8.30 11.96
C LYS A 89 -3.31 7.17 12.85
N PRO A 90 -4.17 7.53 13.81
CA PRO A 90 -4.77 6.56 14.73
C PRO A 90 -5.77 5.64 14.03
N GLU A 91 -6.46 6.16 13.03
CA GLU A 91 -7.44 5.38 12.28
C GLU A 91 -6.75 4.45 11.28
N ASP A 92 -5.42 4.45 11.31
CA ASP A 92 -4.65 3.61 10.41
C ASP A 92 -4.93 2.13 10.66
N THR A 93 -5.31 1.81 11.89
CA THR A 93 -5.60 0.43 12.27
C THR A 93 -6.58 -0.20 11.29
N ALA A 94 -6.06 -1.04 10.40
CA ALA A 94 -6.89 -1.72 9.41
C ALA A 94 -6.05 -2.64 8.53
N VAL A 95 -6.69 -3.23 7.52
CA VAL A 95 -5.99 -4.13 6.60
C VAL A 95 -5.78 -3.48 5.24
N TYR A 96 -4.60 -3.68 4.67
CA TYR A 96 -4.26 -3.11 3.37
C TYR A 96 -3.91 -4.21 2.37
N TYR A 97 -4.73 -4.33 1.33
CA TYR A 97 -4.51 -5.34 0.30
C TYR A 97 -4.13 -4.68 -1.03
N CYS A 98 -3.86 -5.51 -2.02
CA CYS A 98 -3.48 -5.02 -3.35
C CYS A 98 -4.51 -5.44 -4.40
N ASN A 99 -4.27 -5.03 -5.64
CA ASN A 99 -5.18 -5.37 -6.74
C ASN A 99 -4.53 -5.10 -8.08
N VAL A 100 -4.54 -6.12 -8.95
CA VAL A 100 -3.96 -5.99 -10.28
C VAL A 100 -4.64 -6.92 -11.28
N ASN A 101 -4.70 -6.49 -12.54
CA ASN A 101 -5.32 -7.28 -13.58
C ASN A 101 -4.38 -7.46 -14.77
N VAL A 102 -3.62 -8.56 -14.76
CA VAL A 102 -2.68 -8.86 -15.83
C VAL A 102 -2.90 -10.26 -16.38
N GLY A 103 -3.84 -10.39 -17.32
CA GLY A 103 -4.12 -11.68 -17.92
C GLY A 103 -5.16 -12.46 -17.13
N PHE A 104 -5.19 -12.25 -15.82
CA PHE A 104 -6.14 -12.94 -14.95
C PHE A 104 -6.34 -12.18 -13.65
N GLU A 105 -7.55 -12.23 -13.11
CA GLU A 105 -7.87 -11.56 -11.86
C GLU A 105 -6.89 -11.95 -10.77
N TYR A 106 -6.11 -10.98 -10.30
CA TYR A 106 -5.13 -11.22 -9.25
C TYR A 106 -5.15 -10.11 -8.20
N TRP A 107 -5.49 -10.48 -6.98
CA TRP A 107 -5.56 -9.52 -5.89
C TRP A 107 -4.96 -10.10 -4.61
N GLY A 108 -4.07 -9.33 -3.97
CA GLY A 108 -3.44 -9.79 -2.75
C GLY A 108 -4.45 -10.11 -1.66
N GLN A 109 -3.94 -10.43 -0.47
CA GLN A 109 -4.81 -10.76 0.65
C GLN A 109 -5.11 -9.53 1.50
N GLY A 110 -4.07 -8.98 2.11
CA GLY A 110 -4.24 -7.79 2.94
C GLY A 110 -3.44 -7.87 4.23
N THR A 111 -2.66 -6.84 4.50
CA THR A 111 -1.84 -6.79 5.70
C THR A 111 -2.49 -5.93 6.78
N GLN A 112 -2.65 -6.50 7.96
CA GLN A 112 -3.26 -5.78 9.08
C GLN A 112 -2.23 -4.93 9.81
N VAL A 113 -2.59 -3.67 10.08
CA VAL A 113 -1.71 -2.75 10.76
C VAL A 113 -2.32 -2.27 12.08
N THR A 114 -1.47 -2.04 13.08
CA THR A 114 -1.92 -1.57 14.37
C THR A 114 -1.18 -0.32 14.81
N VAL A 115 -1.86 0.82 14.77
CA VAL A 115 -1.27 2.09 15.15
C VAL A 115 -1.58 2.43 16.61
N SER A 116 -0.62 2.20 17.48
CA SER A 116 -0.79 2.48 18.90
C SER A 116 -1.05 3.96 19.14
N SER A 117 -1.58 4.28 20.32
CA SER A 117 -1.87 5.67 20.67
C SER A 117 -1.44 5.97 22.11
N HIS A 118 -0.45 6.84 22.25
CA HIS A 118 0.06 7.21 23.57
C HIS A 118 1.01 8.39 23.47
N HIS A 119 1.23 9.07 24.59
CA HIS A 119 2.13 10.22 24.63
C HIS A 119 3.58 9.77 24.69
N HIS A 120 4.42 10.42 23.89
CA HIS A 120 5.85 10.09 23.85
C HIS A 120 6.67 11.10 24.64
N HIS A 121 7.90 10.73 24.99
CA HIS A 121 8.77 11.61 25.75
C HIS A 121 10.23 11.38 25.36
N HIS A 122 11.11 12.24 25.86
CA HIS A 122 12.53 12.14 25.56
C HIS A 122 12.79 12.18 24.06
N HIS A 123 12.14 13.13 23.39
CA HIS A 123 12.30 13.29 21.94
C HIS A 123 12.50 14.76 21.58
N MET A 1 1.87 -22.73 -18.83
CA MET A 1 1.27 -22.10 -17.67
C MET A 1 2.20 -21.03 -17.09
N ALA A 2 1.80 -20.45 -15.97
CA ALA A 2 2.59 -19.42 -15.32
C ALA A 2 2.18 -19.24 -13.86
N GLN A 3 0.99 -18.67 -13.66
CA GLN A 3 0.48 -18.45 -12.32
C GLN A 3 1.37 -17.48 -11.55
N VAL A 4 0.91 -16.24 -11.40
CA VAL A 4 1.68 -15.23 -10.67
C VAL A 4 1.30 -15.20 -9.20
N GLN A 5 2.25 -14.78 -8.36
CA GLN A 5 2.01 -14.70 -6.93
C GLN A 5 2.14 -13.27 -6.43
N LEU A 6 1.26 -12.89 -5.51
CA LEU A 6 1.28 -11.55 -4.94
C LEU A 6 1.78 -11.56 -3.51
N VAL A 7 2.97 -11.01 -3.29
CA VAL A 7 3.56 -10.96 -1.96
C VAL A 7 3.52 -9.54 -1.39
N GLU A 8 2.82 -9.37 -0.26
CA GLU A 8 2.70 -8.07 0.38
C GLU A 8 3.55 -8.01 1.64
N SER A 9 3.97 -6.80 2.00
CA SER A 9 4.79 -6.60 3.19
C SER A 9 4.68 -5.16 3.70
N GLY A 10 5.38 -4.88 4.80
CA GLY A 10 5.34 -3.55 5.36
C GLY A 10 4.22 -3.37 6.37
N GLY A 11 3.04 -3.87 6.03
CA GLY A 11 1.91 -3.76 6.93
C GLY A 11 2.12 -4.49 8.23
N ALA A 12 2.55 -3.77 9.26
CA ALA A 12 2.80 -4.36 10.57
C ALA A 12 2.54 -3.35 11.69
N LEU A 13 2.72 -3.80 12.92
CA LEU A 13 2.51 -2.93 14.08
C LEU A 13 3.57 -1.84 14.14
N VAL A 14 3.19 -0.63 13.75
CA VAL A 14 4.09 0.51 13.76
C VAL A 14 3.71 1.51 14.84
N GLN A 15 4.69 2.31 15.28
CA GLN A 15 4.45 3.31 16.31
C GLN A 15 4.07 4.65 15.69
N PRO A 16 3.49 5.53 16.51
CA PRO A 16 3.07 6.86 16.07
C PRO A 16 4.25 7.78 15.76
N GLY A 17 3.97 8.89 15.10
CA GLY A 17 5.02 9.83 14.76
C GLY A 17 5.91 9.33 13.64
N GLY A 18 6.95 10.09 13.33
CA GLY A 18 7.86 9.70 12.27
C GLY A 18 7.14 9.36 10.98
N SER A 19 7.58 8.30 10.32
CA SER A 19 6.97 7.87 9.07
C SER A 19 7.45 6.47 8.68
N LEU A 20 6.68 5.80 7.82
CA LEU A 20 7.02 4.47 7.37
C LEU A 20 6.48 4.21 5.97
N ARG A 21 7.05 3.21 5.30
CA ARG A 21 6.64 2.86 3.94
C ARG A 21 6.31 1.37 3.84
N LEU A 22 5.31 1.03 3.03
CA LEU A 22 4.91 -0.35 2.85
C LEU A 22 5.70 -1.00 1.72
N SER A 23 5.86 -2.32 1.79
CA SER A 23 6.60 -3.06 0.78
C SER A 23 5.69 -4.04 0.05
N CYS A 24 6.00 -4.30 -1.21
CA CYS A 24 5.21 -5.23 -2.01
C CYS A 24 6.07 -5.90 -3.08
N ALA A 25 6.23 -7.21 -2.95
CA ALA A 25 7.03 -7.98 -3.90
C ALA A 25 6.15 -8.68 -4.93
N ALA A 26 6.65 -8.78 -6.16
CA ALA A 26 5.91 -9.42 -7.23
C ALA A 26 6.49 -10.80 -7.55
N SER A 27 5.66 -11.67 -8.13
CA SER A 27 6.09 -13.02 -8.48
C SER A 27 5.46 -13.47 -9.79
N GLY A 28 6.29 -13.71 -10.79
CA GLY A 28 5.79 -14.15 -12.08
C GLY A 28 5.17 -13.02 -12.87
N PHE A 29 4.79 -11.95 -12.17
CA PHE A 29 4.16 -10.80 -12.81
C PHE A 29 5.03 -9.55 -12.65
N PRO A 30 5.35 -8.90 -13.78
CA PRO A 30 6.18 -7.69 -13.77
C PRO A 30 5.45 -6.50 -13.18
N VAL A 31 6.15 -5.72 -12.36
CA VAL A 31 5.57 -4.55 -11.73
C VAL A 31 5.68 -3.32 -12.63
N ASN A 32 6.66 -3.34 -13.51
CA ASN A 32 6.89 -2.23 -14.44
C ASN A 32 6.12 -2.45 -15.75
N ARG A 33 5.14 -3.37 -15.71
CA ARG A 33 4.34 -3.67 -16.89
C ARG A 33 2.89 -3.24 -16.68
N TYR A 34 2.43 -3.30 -15.43
CA TYR A 34 1.06 -2.94 -15.10
C TYR A 34 1.03 -2.06 -13.85
N SER A 35 -0.17 -1.59 -13.50
CA SER A 35 -0.34 -0.74 -12.33
C SER A 35 -1.04 -1.49 -11.21
N MET A 36 -0.61 -1.25 -9.97
CA MET A 36 -1.21 -1.91 -8.81
C MET A 36 -2.16 -0.97 -8.08
N ARG A 37 -3.42 -1.35 -7.99
CA ARG A 37 -4.43 -0.55 -7.32
C ARG A 37 -4.38 -0.78 -5.81
N TRP A 38 -4.07 0.28 -5.06
CA TRP A 38 -4.00 0.19 -3.60
C TRP A 38 -5.30 0.67 -2.97
N TYR A 39 -5.70 -0.01 -1.90
CA TYR A 39 -6.93 0.33 -1.20
C TYR A 39 -6.78 0.09 0.31
N ARG A 40 -7.72 0.64 1.08
CA ARG A 40 -7.70 0.49 2.53
C ARG A 40 -9.10 0.37 3.09
N GLN A 41 -9.28 -0.56 4.03
CA GLN A 41 -10.59 -0.78 4.63
C GLN A 41 -10.46 -0.91 6.15
N ALA A 42 -11.15 -0.03 6.88
CA ALA A 42 -11.11 -0.06 8.34
C ALA A 42 -12.19 -1.00 8.89
N PRO A 43 -11.99 -1.42 10.15
CA PRO A 43 -12.93 -2.33 10.83
C PRO A 43 -14.26 -1.65 11.15
N GLY A 44 -15.32 -2.12 10.51
CA GLY A 44 -16.64 -1.54 10.74
C GLY A 44 -16.97 -0.44 9.77
N LYS A 45 -15.94 0.21 9.23
CA LYS A 45 -16.13 1.29 8.27
C LYS A 45 -16.06 0.77 6.84
N GLU A 46 -16.35 1.65 5.89
CA GLU A 46 -16.32 1.27 4.48
C GLU A 46 -14.90 1.42 3.91
N ARG A 47 -14.65 0.72 2.80
CA ARG A 47 -13.34 0.77 2.16
C ARG A 47 -13.25 1.94 1.19
N GLU A 48 -12.07 2.56 1.11
CA GLU A 48 -11.87 3.69 0.22
C GLU A 48 -10.47 3.63 -0.40
N TRP A 49 -10.37 4.04 -1.67
CA TRP A 49 -9.10 4.04 -2.37
C TRP A 49 -8.04 4.81 -1.59
N VAL A 50 -6.78 4.42 -1.78
CA VAL A 50 -5.67 5.07 -1.08
C VAL A 50 -4.64 5.61 -2.07
N ALA A 51 -4.35 4.81 -3.09
CA ALA A 51 -3.39 5.21 -4.12
C ALA A 51 -3.50 4.31 -5.35
N GLY A 52 -3.13 4.86 -6.51
CA GLY A 52 -3.19 4.09 -7.74
C GLY A 52 -2.68 4.88 -8.93
N MET A 53 -1.52 4.47 -9.44
CA MET A 53 -0.92 5.14 -10.59
C MET A 53 -0.61 4.14 -11.70
N SER A 54 -0.67 4.62 -12.94
CA SER A 54 -0.41 3.76 -14.09
C SER A 54 1.03 3.24 -14.07
N SER A 55 1.24 2.08 -14.67
CA SER A 55 2.56 1.47 -14.71
C SER A 55 3.60 2.46 -15.22
N ALA A 56 3.19 3.32 -16.16
CA ALA A 56 4.08 4.31 -16.73
C ALA A 56 4.68 5.20 -15.65
N GLY A 57 3.91 5.43 -14.58
CA GLY A 57 4.38 6.26 -13.49
C GLY A 57 4.31 7.74 -13.82
N ASP A 58 3.25 8.14 -14.52
CA ASP A 58 3.06 9.54 -14.89
C ASP A 58 2.29 10.28 -13.81
N ARG A 59 1.01 9.97 -13.66
CA ARG A 59 0.17 10.61 -12.67
C ARG A 59 -0.60 9.58 -11.85
N SER A 60 -0.47 9.66 -10.53
CA SER A 60 -1.15 8.72 -9.64
C SER A 60 -2.50 9.28 -9.20
N SER A 61 -3.30 8.45 -8.54
CA SER A 61 -4.61 8.85 -8.07
C SER A 61 -4.70 8.79 -6.54
N TYR A 62 -5.16 9.88 -5.94
CA TYR A 62 -5.28 9.95 -4.49
C TYR A 62 -6.22 11.07 -4.07
N GLU A 63 -6.91 10.88 -2.95
CA GLU A 63 -7.85 11.87 -2.45
C GLU A 63 -7.17 13.23 -2.28
N ASP A 64 -7.87 14.30 -2.65
CA ASP A 64 -7.33 15.64 -2.55
C ASP A 64 -7.08 16.01 -1.08
N SER A 65 -7.67 15.24 -0.18
CA SER A 65 -7.51 15.49 1.26
C SER A 65 -6.28 14.76 1.80
N VAL A 66 -6.08 13.53 1.33
CA VAL A 66 -4.94 12.73 1.77
C VAL A 66 -3.71 13.02 0.92
N LYS A 67 -3.93 13.55 -0.28
CA LYS A 67 -2.84 13.86 -1.19
C LYS A 67 -1.77 14.69 -0.48
N GLY A 68 -0.52 14.47 -0.84
CA GLY A 68 0.58 15.20 -0.24
C GLY A 68 1.37 14.36 0.74
N ARG A 69 0.72 13.38 1.35
CA ARG A 69 1.37 12.50 2.30
C ARG A 69 1.56 11.10 1.71
N PHE A 70 0.50 10.53 1.18
CA PHE A 70 0.54 9.20 0.59
C PHE A 70 0.96 9.27 -0.88
N THR A 71 1.85 8.36 -1.28
CA THR A 71 2.33 8.33 -2.66
C THR A 71 2.62 6.89 -3.10
N ILE A 72 2.10 6.53 -4.27
CA ILE A 72 2.31 5.19 -4.80
C ILE A 72 3.47 5.17 -5.79
N SER A 73 4.33 4.17 -5.67
CA SER A 73 5.48 4.03 -6.56
C SER A 73 6.00 2.60 -6.56
N ARG A 74 6.91 2.31 -7.49
CA ARG A 74 7.48 0.98 -7.61
C ARG A 74 8.79 1.01 -8.40
N ASP A 75 9.59 -0.04 -8.24
CA ASP A 75 10.87 -0.13 -8.93
C ASP A 75 10.90 -1.33 -9.87
N ASP A 76 11.40 -1.11 -11.08
CA ASP A 76 11.49 -2.17 -12.08
C ASP A 76 12.78 -2.96 -11.92
N ALA A 77 13.89 -2.25 -11.75
CA ALA A 77 15.19 -2.88 -11.59
C ALA A 77 15.15 -3.95 -10.50
N ARG A 78 14.36 -3.70 -9.47
CA ARG A 78 14.22 -4.64 -8.37
C ARG A 78 12.88 -5.36 -8.42
N ASN A 79 11.92 -4.75 -9.09
CA ASN A 79 10.58 -5.34 -9.21
C ASN A 79 9.88 -5.39 -7.86
N THR A 80 9.66 -4.21 -7.27
CA THR A 80 9.01 -4.12 -5.97
C THR A 80 8.27 -2.79 -5.82
N VAL A 81 7.09 -2.84 -5.22
CA VAL A 81 6.28 -1.64 -5.01
C VAL A 81 6.45 -1.11 -3.59
N TYR A 82 6.48 0.21 -3.46
CA TYR A 82 6.62 0.85 -2.16
C TYR A 82 5.60 1.97 -1.98
N LEU A 83 5.06 2.06 -0.77
CA LEU A 83 4.06 3.08 -0.45
C LEU A 83 4.55 3.99 0.67
N GLN A 84 5.03 5.17 0.31
CA GLN A 84 5.52 6.13 1.29
C GLN A 84 4.37 6.73 2.08
N MET A 85 4.59 6.93 3.39
CA MET A 85 3.57 7.51 4.25
C MET A 85 4.18 8.52 5.22
N ASN A 86 3.87 9.79 5.00
CA ASN A 86 4.39 10.85 5.86
C ASN A 86 3.33 11.32 6.86
N SER A 87 3.77 11.60 8.09
CA SER A 87 2.85 12.05 9.13
C SER A 87 1.85 10.96 9.47
N LEU A 88 2.33 9.90 10.09
CA LEU A 88 1.47 8.78 10.47
C LEU A 88 0.24 9.28 11.25
N LYS A 89 -0.81 8.47 11.28
CA LYS A 89 -2.03 8.82 11.99
C LYS A 89 -2.60 7.61 12.72
N PRO A 90 -3.45 7.88 13.72
CA PRO A 90 -4.08 6.82 14.52
C PRO A 90 -5.12 6.04 13.73
N GLU A 91 -5.71 6.69 12.72
CA GLU A 91 -6.72 6.06 11.89
C GLU A 91 -6.08 5.05 10.93
N ASP A 92 -4.75 4.97 10.97
CA ASP A 92 -4.01 4.05 10.11
C ASP A 92 -4.38 2.60 10.41
N THR A 93 -4.77 2.35 11.65
CA THR A 93 -5.15 1.00 12.08
C THR A 93 -6.22 0.42 11.16
N ALA A 94 -5.80 -0.45 10.25
CA ALA A 94 -6.74 -1.08 9.32
C ALA A 94 -6.03 -2.15 8.48
N VAL A 95 -6.74 -2.68 7.49
CA VAL A 95 -6.18 -3.70 6.62
C VAL A 95 -6.10 -3.20 5.18
N TYR A 96 -4.94 -3.39 4.56
CA TYR A 96 -4.73 -2.96 3.19
C TYR A 96 -4.64 -4.16 2.25
N TYR A 97 -5.04 -3.94 1.00
CA TYR A 97 -5.02 -5.01 0.00
C TYR A 97 -4.75 -4.44 -1.40
N CYS A 98 -4.12 -5.24 -2.25
CA CYS A 98 -3.80 -4.83 -3.60
C CYS A 98 -4.44 -5.76 -4.62
N ASN A 99 -4.80 -5.20 -5.78
CA ASN A 99 -5.43 -5.99 -6.83
C ASN A 99 -4.71 -5.78 -8.16
N VAL A 100 -4.57 -6.87 -8.93
CA VAL A 100 -3.90 -6.80 -10.23
C VAL A 100 -4.58 -7.73 -11.23
N ASN A 101 -4.62 -7.29 -12.49
CA ASN A 101 -5.23 -8.07 -13.55
C ASN A 101 -4.26 -8.30 -14.70
N VAL A 102 -3.56 -9.43 -14.67
CA VAL A 102 -2.60 -9.77 -15.71
C VAL A 102 -2.94 -11.11 -16.35
N GLY A 103 -3.90 -11.10 -17.25
CA GLY A 103 -4.31 -12.32 -17.93
C GLY A 103 -5.42 -13.05 -17.20
N PHE A 104 -5.52 -12.82 -15.90
CA PHE A 104 -6.55 -13.46 -15.09
C PHE A 104 -6.64 -12.79 -13.71
N GLU A 105 -7.85 -12.74 -13.18
CA GLU A 105 -8.08 -12.14 -11.87
C GLU A 105 -7.16 -12.74 -10.82
N TYR A 106 -6.29 -11.91 -10.25
CA TYR A 106 -5.35 -12.36 -9.24
C TYR A 106 -5.29 -11.37 -8.07
N TRP A 107 -5.70 -11.81 -6.90
CA TRP A 107 -5.68 -10.98 -5.71
C TRP A 107 -5.27 -11.78 -4.48
N GLY A 108 -4.29 -11.26 -3.74
CA GLY A 108 -3.82 -11.94 -2.56
C GLY A 108 -2.83 -11.10 -1.76
N GLN A 109 -3.34 -10.33 -0.81
CA GLN A 109 -2.49 -9.47 0.02
C GLN A 109 -3.01 -9.42 1.46
N GLY A 110 -4.07 -8.65 1.67
CA GLY A 110 -4.63 -8.52 3.00
C GLY A 110 -3.58 -8.38 4.07
N THR A 111 -3.12 -7.15 4.29
CA THR A 111 -2.09 -6.89 5.29
C THR A 111 -2.67 -6.07 6.45
N GLN A 112 -2.35 -6.49 7.67
CA GLN A 112 -2.83 -5.79 8.86
C GLN A 112 -1.78 -4.84 9.40
N VAL A 113 -2.20 -3.62 9.73
CA VAL A 113 -1.29 -2.62 10.26
C VAL A 113 -1.86 -1.96 11.51
N THR A 114 -0.98 -1.64 12.45
CA THR A 114 -1.39 -1.02 13.70
C THR A 114 -0.55 0.22 14.00
N VAL A 115 -1.20 1.27 14.49
CA VAL A 115 -0.52 2.52 14.82
C VAL A 115 -0.74 2.90 16.27
N SER A 116 0.26 2.66 17.11
CA SER A 116 0.17 2.98 18.53
C SER A 116 -0.04 4.48 18.73
N SER A 117 -0.51 4.86 19.93
CA SER A 117 -0.76 6.26 20.25
C SER A 117 0.18 6.73 21.35
N HIS A 118 -0.02 7.97 21.80
CA HIS A 118 0.81 8.56 22.85
C HIS A 118 0.28 8.17 24.22
N HIS A 119 0.91 7.17 24.84
CA HIS A 119 0.49 6.70 26.16
C HIS A 119 1.49 7.16 27.22
N HIS A 120 2.78 6.98 26.94
CA HIS A 120 3.84 7.37 27.87
C HIS A 120 4.53 8.64 27.39
N HIS A 121 4.30 9.75 28.10
CA HIS A 121 4.91 11.02 27.75
C HIS A 121 6.28 11.17 28.41
N HIS A 122 7.31 11.32 27.58
CA HIS A 122 8.67 11.47 28.07
C HIS A 122 9.54 12.21 27.05
N HIS A 123 10.12 13.33 27.48
CA HIS A 123 10.97 14.13 26.60
C HIS A 123 12.13 13.29 26.07
N MET A 1 -1.09 -22.05 -18.16
CA MET A 1 -0.49 -23.16 -17.43
C MET A 1 -0.12 -22.75 -16.01
N ALA A 2 0.51 -21.59 -15.88
CA ALA A 2 0.91 -21.07 -14.58
C ALA A 2 0.30 -19.70 -14.32
N GLN A 3 -0.14 -19.47 -13.08
CA GLN A 3 -0.75 -18.21 -12.70
C GLN A 3 0.26 -17.32 -11.99
N VAL A 4 -0.09 -16.04 -11.82
CA VAL A 4 0.78 -15.08 -11.15
C VAL A 4 0.55 -15.09 -9.64
N GLN A 5 1.59 -14.77 -8.89
CA GLN A 5 1.51 -14.74 -7.44
C GLN A 5 1.82 -13.35 -6.90
N LEU A 6 1.02 -12.90 -5.94
CA LEU A 6 1.21 -11.58 -5.34
C LEU A 6 1.93 -11.68 -4.00
N VAL A 7 2.94 -10.84 -3.80
CA VAL A 7 3.69 -10.85 -2.56
C VAL A 7 3.52 -9.53 -1.80
N GLU A 8 2.90 -9.61 -0.63
CA GLU A 8 2.66 -8.43 0.19
C GLU A 8 3.60 -8.40 1.39
N SER A 9 4.34 -7.30 1.55
CA SER A 9 5.27 -7.15 2.65
C SER A 9 5.26 -5.72 3.16
N GLY A 10 6.00 -5.49 4.26
CA GLY A 10 6.06 -4.16 4.85
C GLY A 10 4.99 -3.94 5.90
N GLY A 11 3.77 -4.38 5.60
CA GLY A 11 2.68 -4.22 6.53
C GLY A 11 2.85 -5.06 7.79
N ALA A 12 3.42 -4.46 8.83
CA ALA A 12 3.64 -5.17 10.08
C ALA A 12 3.47 -4.22 11.27
N LEU A 13 3.65 -4.77 12.47
CA LEU A 13 3.52 -3.98 13.69
C LEU A 13 4.63 -2.94 13.79
N VAL A 14 4.29 -1.69 13.50
CA VAL A 14 5.26 -0.59 13.55
C VAL A 14 4.96 0.33 14.71
N GLN A 15 5.96 1.10 15.12
CA GLN A 15 5.81 2.04 16.22
C GLN A 15 5.34 3.40 15.73
N PRO A 16 4.75 4.20 16.63
CA PRO A 16 4.24 5.54 16.30
C PRO A 16 5.37 6.52 16.01
N GLY A 17 5.13 7.45 15.09
CA GLY A 17 6.13 8.44 14.74
C GLY A 17 6.97 8.03 13.55
N GLY A 18 7.96 8.85 13.21
CA GLY A 18 8.82 8.54 12.08
C GLY A 18 8.03 8.22 10.83
N SER A 19 8.55 7.28 10.04
CA SER A 19 7.88 6.88 8.80
C SER A 19 8.51 5.60 8.25
N LEU A 20 7.72 4.84 7.50
CA LEU A 20 8.18 3.59 6.92
C LEU A 20 7.54 3.36 5.54
N ARG A 21 8.16 2.49 4.75
CA ARG A 21 7.65 2.18 3.42
C ARG A 21 7.40 0.68 3.27
N LEU A 22 6.28 0.33 2.64
CA LEU A 22 5.92 -1.06 2.43
C LEU A 22 6.54 -1.59 1.15
N SER A 23 6.79 -2.90 1.11
CA SER A 23 7.38 -3.54 -0.05
C SER A 23 6.45 -4.61 -0.63
N CYS A 24 6.30 -4.61 -1.94
CA CYS A 24 5.44 -5.58 -2.61
C CYS A 24 6.17 -6.25 -3.77
N ALA A 25 6.36 -7.56 -3.66
CA ALA A 25 7.05 -8.31 -4.71
C ALA A 25 6.05 -8.94 -5.67
N ALA A 26 6.43 -9.02 -6.94
CA ALA A 26 5.57 -9.60 -7.96
C ALA A 26 6.07 -10.98 -8.39
N SER A 27 5.16 -11.80 -8.90
CA SER A 27 5.51 -13.15 -9.33
C SER A 27 4.74 -13.52 -10.60
N GLY A 28 5.47 -13.77 -11.67
CA GLY A 28 4.85 -14.14 -12.93
C GLY A 28 4.21 -12.95 -13.63
N PHE A 29 3.93 -11.90 -12.87
CA PHE A 29 3.30 -10.71 -13.43
C PHE A 29 4.23 -9.50 -13.28
N PRO A 30 4.54 -8.86 -14.41
CA PRO A 30 5.41 -7.68 -14.44
C PRO A 30 4.77 -6.46 -13.81
N VAL A 31 5.53 -5.73 -13.00
CA VAL A 31 5.04 -4.54 -12.33
C VAL A 31 5.16 -3.31 -13.23
N ASN A 32 6.10 -3.37 -14.16
CA ASN A 32 6.33 -2.26 -15.09
C ASN A 32 5.51 -2.44 -16.36
N ARG A 33 4.50 -3.30 -16.29
CA ARG A 33 3.64 -3.56 -17.43
C ARG A 33 2.22 -3.06 -17.17
N TYR A 34 1.80 -3.11 -15.91
CA TYR A 34 0.47 -2.66 -15.54
C TYR A 34 0.50 -1.89 -14.22
N SER A 35 -0.63 -1.28 -13.87
CA SER A 35 -0.72 -0.51 -12.64
C SER A 35 -1.60 -1.21 -11.62
N MET A 36 -1.10 -1.34 -10.40
CA MET A 36 -1.83 -2.00 -9.32
C MET A 36 -2.39 -0.98 -8.34
N ARG A 37 -3.71 -0.98 -8.17
CA ARG A 37 -4.36 -0.05 -7.26
C ARG A 37 -4.22 -0.51 -5.82
N TRP A 38 -3.96 0.43 -4.91
CA TRP A 38 -3.80 0.12 -3.50
C TRP A 38 -5.04 0.53 -2.71
N TYR A 39 -5.41 -0.29 -1.74
CA TYR A 39 -6.58 0.00 -0.90
C TYR A 39 -6.39 -0.56 0.50
N ARG A 40 -7.31 -0.21 1.39
CA ARG A 40 -7.25 -0.68 2.78
C ARG A 40 -8.64 -0.66 3.42
N GLN A 41 -8.78 -1.39 4.52
CA GLN A 41 -10.05 -1.46 5.22
C GLN A 41 -9.83 -1.61 6.73
N ALA A 42 -10.35 -0.66 7.50
CA ALA A 42 -10.22 -0.68 8.94
C ALA A 42 -11.22 -1.64 9.58
N PRO A 43 -10.91 -2.10 10.79
CA PRO A 43 -11.76 -3.04 11.53
C PRO A 43 -13.06 -2.38 12.01
N GLY A 44 -14.18 -2.85 11.47
CA GLY A 44 -15.47 -2.30 11.84
C GLY A 44 -15.92 -1.18 10.92
N LYS A 45 -14.96 -0.52 10.28
CA LYS A 45 -15.27 0.57 9.36
C LYS A 45 -15.21 0.09 7.92
N GLU A 46 -15.81 0.87 7.02
CA GLU A 46 -15.83 0.53 5.60
C GLU A 46 -14.44 0.64 4.99
N ARG A 47 -14.30 0.19 3.76
CA ARG A 47 -13.02 0.23 3.06
C ARG A 47 -12.73 1.64 2.55
N GLU A 48 -11.44 2.01 2.56
CA GLU A 48 -11.03 3.33 2.10
C GLU A 48 -9.80 3.24 1.20
N TRP A 49 -9.76 4.09 0.18
CA TRP A 49 -8.64 4.10 -0.76
C TRP A 49 -7.38 4.62 -0.08
N VAL A 50 -6.22 4.19 -0.59
CA VAL A 50 -4.94 4.61 -0.04
C VAL A 50 -4.07 5.26 -1.10
N ALA A 51 -4.05 4.66 -2.29
CA ALA A 51 -3.25 5.18 -3.40
C ALA A 51 -3.50 4.37 -4.67
N GLY A 52 -3.20 4.97 -5.82
CA GLY A 52 -3.39 4.30 -7.09
C GLY A 52 -2.81 5.08 -8.25
N MET A 53 -1.82 4.50 -8.91
CA MET A 53 -1.18 5.14 -10.05
C MET A 53 -1.44 4.36 -11.33
N SER A 54 -1.18 5.01 -12.47
CA SER A 54 -1.39 4.37 -13.77
C SER A 54 -0.12 3.66 -14.23
N SER A 55 -0.24 2.89 -15.30
CA SER A 55 0.89 2.15 -15.85
C SER A 55 2.05 3.09 -16.17
N ALA A 56 1.70 4.29 -16.63
CA ALA A 56 2.72 5.29 -16.97
C ALA A 56 3.62 5.59 -15.78
N GLY A 57 3.05 5.51 -14.58
CA GLY A 57 3.82 5.77 -13.37
C GLY A 57 4.36 7.19 -13.33
N ASP A 58 3.60 8.12 -13.91
CA ASP A 58 4.01 9.53 -13.94
C ASP A 58 3.10 10.37 -13.06
N ARG A 59 1.82 10.03 -13.04
CA ARG A 59 0.84 10.76 -12.23
C ARG A 59 0.01 9.80 -11.39
N SER A 60 0.23 9.82 -10.07
CA SER A 60 -0.50 8.95 -9.16
C SER A 60 -1.75 9.65 -8.62
N SER A 61 -2.81 8.88 -8.42
CA SER A 61 -4.07 9.42 -7.91
C SER A 61 -4.16 9.26 -6.40
N TYR A 62 -4.49 10.35 -5.71
CA TYR A 62 -4.61 10.33 -4.26
C TYR A 62 -5.44 11.51 -3.76
N GLU A 63 -6.22 11.28 -2.73
CA GLU A 63 -7.07 12.33 -2.15
C GLU A 63 -6.22 13.46 -1.60
N ASP A 64 -6.76 14.67 -1.63
CA ASP A 64 -6.05 15.85 -1.12
C ASP A 64 -5.67 15.67 0.34
N SER A 65 -6.36 14.74 1.01
CA SER A 65 -6.10 14.48 2.42
C SER A 65 -4.99 13.44 2.59
N VAL A 66 -5.00 12.43 1.72
CA VAL A 66 -4.00 11.37 1.77
C VAL A 66 -2.70 11.82 1.11
N LYS A 67 -2.80 12.81 0.22
CA LYS A 67 -1.64 13.33 -0.47
C LYS A 67 -0.77 14.18 0.46
N GLY A 68 0.54 14.12 0.25
CA GLY A 68 1.45 14.89 1.08
C GLY A 68 2.26 14.01 2.01
N ARG A 69 1.69 12.87 2.39
CA ARG A 69 2.37 11.94 3.29
C ARG A 69 2.48 10.56 2.66
N PHE A 70 1.45 10.18 1.90
CA PHE A 70 1.44 8.88 1.24
C PHE A 70 1.71 9.02 -0.25
N THR A 71 2.53 8.13 -0.79
CA THR A 71 2.88 8.15 -2.20
C THR A 71 3.11 6.74 -2.74
N ILE A 72 2.61 6.49 -3.95
CA ILE A 72 2.77 5.18 -4.58
C ILE A 72 3.87 5.21 -5.64
N SER A 73 4.66 4.15 -5.69
CA SER A 73 5.75 4.05 -6.65
C SER A 73 6.14 2.59 -6.88
N ARG A 74 6.87 2.34 -7.96
CA ARG A 74 7.32 1.00 -8.29
C ARG A 74 8.65 1.03 -9.05
N ASP A 75 9.49 0.04 -8.79
CA ASP A 75 10.79 -0.05 -9.45
C ASP A 75 10.86 -1.27 -10.35
N ASP A 76 10.89 -1.03 -11.66
CA ASP A 76 10.95 -2.11 -12.64
C ASP A 76 12.28 -2.86 -12.53
N ALA A 77 13.34 -2.13 -12.20
CA ALA A 77 14.66 -2.72 -12.06
C ALA A 77 14.63 -3.92 -11.11
N ARG A 78 13.80 -3.83 -10.08
CA ARG A 78 13.68 -4.90 -9.11
C ARG A 78 12.26 -5.49 -9.11
N ASN A 79 11.49 -5.11 -10.11
CA ASN A 79 10.11 -5.59 -10.23
C ASN A 79 9.43 -5.63 -8.87
N THR A 80 9.57 -4.55 -8.11
CA THR A 80 8.97 -4.46 -6.78
C THR A 80 8.33 -3.09 -6.57
N VAL A 81 7.16 -3.10 -5.92
CA VAL A 81 6.43 -1.87 -5.66
C VAL A 81 6.64 -1.41 -4.22
N TYR A 82 6.78 -0.11 -4.03
CA TYR A 82 6.99 0.46 -2.70
C TYR A 82 5.91 1.49 -2.37
N LEU A 83 5.57 1.60 -1.09
CA LEU A 83 4.56 2.55 -0.65
C LEU A 83 5.07 3.38 0.53
N GLN A 84 5.47 4.62 0.25
CA GLN A 84 5.97 5.50 1.29
C GLN A 84 4.85 5.97 2.20
N MET A 85 5.14 6.06 3.50
CA MET A 85 4.15 6.50 4.49
C MET A 85 4.78 7.46 5.49
N ASN A 86 4.36 8.72 5.42
CA ASN A 86 4.88 9.74 6.32
C ASN A 86 3.80 10.19 7.31
N SER A 87 4.22 10.87 8.37
CA SER A 87 3.29 11.34 9.39
C SER A 87 2.37 10.23 9.86
N LEU A 88 2.97 9.15 10.38
CA LEU A 88 2.20 8.02 10.88
C LEU A 88 1.14 8.47 11.87
N LYS A 89 0.13 7.63 12.06
CA LYS A 89 -0.96 7.93 12.99
C LYS A 89 -1.44 6.66 13.69
N PRO A 90 -2.13 6.84 14.83
CA PRO A 90 -2.66 5.73 15.61
C PRO A 90 -3.82 5.04 14.91
N GLU A 91 -4.61 5.80 14.18
CA GLU A 91 -5.76 5.26 13.45
C GLU A 91 -5.31 4.51 12.20
N ASP A 92 -4.00 4.53 11.95
CA ASP A 92 -3.44 3.86 10.79
C ASP A 92 -3.68 2.34 10.86
N THR A 93 -3.81 1.84 12.09
CA THR A 93 -4.03 0.41 12.30
C THR A 93 -5.15 -0.11 11.41
N ALA A 94 -4.78 -0.96 10.45
CA ALA A 94 -5.76 -1.53 9.53
C ALA A 94 -5.09 -2.49 8.55
N VAL A 95 -5.86 -2.98 7.59
CA VAL A 95 -5.35 -3.90 6.59
C VAL A 95 -5.35 -3.28 5.20
N TYR A 96 -4.29 -3.51 4.45
CA TYR A 96 -4.15 -2.96 3.11
C TYR A 96 -4.18 -4.06 2.06
N TYR A 97 -5.09 -3.96 1.11
CA TYR A 97 -5.21 -4.96 0.04
C TYR A 97 -4.73 -4.39 -1.29
N CYS A 98 -4.67 -5.26 -2.30
CA CYS A 98 -4.22 -4.85 -3.63
C CYS A 98 -5.16 -5.38 -4.70
N ASN A 99 -5.02 -4.86 -5.91
CA ASN A 99 -5.86 -5.27 -7.03
C ASN A 99 -5.09 -5.19 -8.34
N VAL A 100 -5.00 -6.31 -9.05
CA VAL A 100 -4.31 -6.38 -10.32
C VAL A 100 -5.09 -7.18 -11.34
N ASN A 101 -5.20 -6.65 -12.56
CA ASN A 101 -5.92 -7.33 -13.63
C ASN A 101 -5.01 -7.59 -14.82
N VAL A 102 -4.42 -8.78 -14.86
CA VAL A 102 -3.53 -9.16 -15.95
C VAL A 102 -4.02 -10.42 -16.66
N GLY A 103 -5.01 -10.26 -17.53
CA GLY A 103 -5.55 -11.40 -18.25
C GLY A 103 -6.69 -12.07 -17.52
N PHE A 104 -6.68 -11.97 -16.18
CA PHE A 104 -7.71 -12.57 -15.35
C PHE A 104 -7.70 -11.98 -13.95
N GLU A 105 -8.88 -11.88 -13.35
CA GLU A 105 -9.02 -11.33 -12.01
C GLU A 105 -8.06 -12.02 -11.05
N TYR A 106 -7.12 -11.26 -10.49
CA TYR A 106 -6.14 -11.80 -9.55
C TYR A 106 -6.02 -10.90 -8.33
N TRP A 107 -6.41 -11.43 -7.18
CA TRP A 107 -6.33 -10.67 -5.92
C TRP A 107 -5.90 -11.56 -4.77
N GLY A 108 -4.88 -11.14 -4.04
CA GLY A 108 -4.40 -11.91 -2.91
C GLY A 108 -3.25 -11.22 -2.19
N GLN A 109 -3.59 -10.38 -1.23
CA GLN A 109 -2.58 -9.65 -0.46
C GLN A 109 -3.04 -9.44 0.97
N GLY A 110 -3.83 -8.39 1.18
CA GLY A 110 -4.32 -8.09 2.51
C GLY A 110 -3.24 -8.16 3.57
N THR A 111 -2.53 -7.05 3.76
CA THR A 111 -1.46 -6.98 4.74
C THR A 111 -1.93 -6.31 6.02
N GLN A 112 -1.64 -6.94 7.16
CA GLN A 112 -2.04 -6.38 8.46
C GLN A 112 -0.93 -5.51 9.03
N VAL A 113 -1.29 -4.31 9.47
CA VAL A 113 -0.34 -3.38 10.05
C VAL A 113 -0.84 -2.82 11.37
N THR A 114 0.08 -2.60 12.31
CA THR A 114 -0.27 -2.05 13.62
C THR A 114 0.60 -0.86 13.97
N VAL A 115 0.00 0.12 14.63
CA VAL A 115 0.72 1.33 15.04
C VAL A 115 0.61 1.56 16.54
N SER A 116 1.66 1.22 17.26
CA SER A 116 1.69 1.40 18.71
C SER A 116 1.46 2.85 19.09
N SER A 117 1.16 3.09 20.37
CA SER A 117 0.91 4.44 20.85
C SER A 117 1.82 4.77 22.03
N HIS A 118 1.55 5.89 22.69
CA HIS A 118 2.35 6.32 23.83
C HIS A 118 1.55 7.26 24.74
N HIS A 119 2.03 7.45 25.96
CA HIS A 119 1.37 8.32 26.91
C HIS A 119 1.09 9.70 26.30
N HIS A 120 -0.15 10.13 26.37
CA HIS A 120 -0.55 11.43 25.83
C HIS A 120 -1.16 12.31 26.92
N HIS A 121 -1.37 13.58 26.59
CA HIS A 121 -1.95 14.54 27.53
C HIS A 121 -2.75 15.60 26.80
N HIS A 122 -3.26 16.56 27.56
CA HIS A 122 -4.06 17.65 26.99
C HIS A 122 -3.17 18.84 26.63
N HIS A 123 -3.51 19.51 25.54
CA HIS A 123 -2.76 20.68 25.09
C HIS A 123 -3.12 21.92 25.89
N MET A 1 1.93 -24.78 -11.12
CA MET A 1 2.14 -23.66 -10.21
C MET A 1 2.71 -22.45 -10.94
N ALA A 2 1.98 -21.99 -11.95
CA ALA A 2 2.40 -20.84 -12.74
C ALA A 2 1.54 -19.62 -12.43
N GLN A 3 1.51 -19.22 -11.17
CA GLN A 3 0.72 -18.06 -10.74
C GLN A 3 1.60 -17.04 -10.04
N VAL A 4 1.23 -15.77 -10.17
CA VAL A 4 1.98 -14.69 -9.55
C VAL A 4 1.64 -14.55 -8.07
N GLN A 5 2.57 -14.01 -7.30
CA GLN A 5 2.36 -13.83 -5.86
C GLN A 5 2.61 -12.39 -5.46
N LEU A 6 1.76 -11.88 -4.56
CA LEU A 6 1.89 -10.50 -4.09
C LEU A 6 2.35 -10.46 -2.64
N VAL A 7 3.57 -9.99 -2.43
CA VAL A 7 4.13 -9.90 -1.08
C VAL A 7 4.12 -8.46 -0.57
N GLU A 8 3.21 -8.17 0.34
CA GLU A 8 3.09 -6.83 0.90
C GLU A 8 3.60 -6.80 2.34
N SER A 9 4.75 -6.15 2.54
CA SER A 9 5.35 -6.06 3.86
C SER A 9 5.33 -4.61 4.36
N GLY A 10 5.56 -4.43 5.65
CA GLY A 10 5.56 -3.10 6.23
C GLY A 10 4.38 -2.85 7.15
N GLY A 11 3.25 -3.49 6.83
CA GLY A 11 2.06 -3.32 7.64
C GLY A 11 2.17 -3.99 8.99
N ALA A 12 2.28 -3.20 10.05
CA ALA A 12 2.40 -3.72 11.39
C ALA A 12 2.06 -2.66 12.44
N LEU A 13 2.13 -3.03 13.71
CA LEU A 13 1.83 -2.11 14.80
C LEU A 13 2.87 -1.01 14.88
N VAL A 14 2.51 0.18 14.39
CA VAL A 14 3.41 1.32 14.42
C VAL A 14 2.85 2.45 15.28
N GLN A 15 3.74 3.35 15.70
CA GLN A 15 3.33 4.48 16.53
C GLN A 15 2.89 5.66 15.67
N PRO A 16 2.15 6.59 16.28
CA PRO A 16 1.65 7.79 15.59
C PRO A 16 2.78 8.76 15.24
N GLY A 17 2.47 9.73 14.37
CA GLY A 17 3.46 10.70 13.97
C GLY A 17 4.63 10.07 13.25
N GLY A 18 5.39 10.90 12.53
CA GLY A 18 6.54 10.39 11.79
C GLY A 18 6.21 10.08 10.35
N SER A 19 6.67 8.92 9.87
CA SER A 19 6.43 8.52 8.49
C SER A 19 6.80 7.05 8.28
N LEU A 20 5.98 6.34 7.51
CA LEU A 20 6.23 4.93 7.24
C LEU A 20 6.24 4.66 5.73
N ARG A 21 7.00 3.67 5.33
CA ARG A 21 7.11 3.31 3.91
C ARG A 21 6.89 1.81 3.72
N LEU A 22 5.70 1.45 3.25
CA LEU A 22 5.36 0.06 3.01
C LEU A 22 5.83 -0.40 1.63
N SER A 23 6.50 -1.55 1.58
CA SER A 23 6.99 -2.08 0.32
C SER A 23 6.20 -3.32 -0.09
N CYS A 24 6.09 -3.54 -1.40
CA CYS A 24 5.36 -4.68 -1.93
C CYS A 24 6.17 -5.40 -3.01
N ALA A 25 6.81 -6.50 -2.64
CA ALA A 25 7.61 -7.28 -3.57
C ALA A 25 6.73 -8.05 -4.53
N ALA A 26 7.04 -7.95 -5.83
CA ALA A 26 6.27 -8.64 -6.85
C ALA A 26 6.90 -9.99 -7.19
N SER A 27 6.07 -10.94 -7.61
CA SER A 27 6.55 -12.28 -7.95
C SER A 27 5.80 -12.81 -9.17
N GLY A 28 6.55 -13.08 -10.24
CA GLY A 28 5.94 -13.60 -11.46
C GLY A 28 5.24 -12.52 -12.26
N PHE A 29 4.89 -11.43 -11.60
CA PHE A 29 4.22 -10.33 -12.27
C PHE A 29 5.05 -9.05 -12.21
N PRO A 30 5.37 -8.50 -13.40
CA PRO A 30 6.17 -7.28 -13.51
C PRO A 30 5.43 -6.04 -13.02
N VAL A 31 6.12 -5.23 -12.21
CA VAL A 31 5.52 -4.02 -11.67
C VAL A 31 5.68 -2.85 -12.64
N ASN A 32 6.69 -2.92 -13.49
CA ASN A 32 6.95 -1.87 -14.47
C ASN A 32 6.23 -2.16 -15.78
N ARG A 33 5.25 -3.05 -15.72
CA ARG A 33 4.49 -3.42 -16.92
C ARG A 33 3.05 -2.94 -16.81
N TYR A 34 2.53 -2.91 -15.57
CA TYR A 34 1.16 -2.48 -15.33
C TYR A 34 1.10 -1.46 -14.20
N SER A 35 -0.09 -0.94 -13.94
CA SER A 35 -0.28 0.05 -12.88
C SER A 35 -0.56 -0.63 -11.55
N MET A 36 -0.03 -0.05 -10.48
CA MET A 36 -0.23 -0.61 -9.14
C MET A 36 -1.16 0.28 -8.32
N ARG A 37 -2.29 -0.28 -7.89
CA ARG A 37 -3.26 0.46 -7.10
C ARG A 37 -3.36 -0.11 -5.68
N TRP A 38 -3.35 0.78 -4.69
CA TRP A 38 -3.44 0.36 -3.30
C TRP A 38 -4.85 0.57 -2.75
N TYR A 39 -5.21 -0.23 -1.76
CA TYR A 39 -6.54 -0.14 -1.14
C TYR A 39 -6.49 -0.55 0.32
N ARG A 40 -7.33 0.09 1.13
CA ARG A 40 -7.39 -0.21 2.55
C ARG A 40 -8.83 -0.51 2.99
N GLN A 41 -8.97 -1.37 3.98
CA GLN A 41 -10.29 -1.74 4.48
C GLN A 41 -10.31 -1.69 6.01
N ALA A 42 -11.20 -0.86 6.55
CA ALA A 42 -11.32 -0.71 8.00
C ALA A 42 -12.40 -1.65 8.55
N PRO A 43 -12.19 -2.13 9.78
CA PRO A 43 -13.12 -3.04 10.45
C PRO A 43 -14.43 -2.34 10.83
N GLY A 44 -15.52 -2.74 10.18
CA GLY A 44 -16.81 -2.14 10.48
C GLY A 44 -17.10 -0.93 9.62
N LYS A 45 -16.04 -0.28 9.16
CA LYS A 45 -16.18 0.91 8.32
C LYS A 45 -16.36 0.52 6.85
N GLU A 46 -16.64 1.51 6.02
CA GLU A 46 -16.83 1.28 4.59
C GLU A 46 -15.50 1.20 3.86
N ARG A 47 -15.45 0.41 2.79
CA ARG A 47 -14.23 0.24 2.01
C ARG A 47 -13.92 1.51 1.22
N GLU A 48 -12.66 1.93 1.27
CA GLU A 48 -12.23 3.13 0.56
C GLU A 48 -10.83 2.96 -0.02
N TRP A 49 -10.56 3.65 -1.13
CA TRP A 49 -9.26 3.57 -1.77
C TRP A 49 -8.22 4.41 -1.03
N VAL A 50 -6.96 4.03 -1.16
CA VAL A 50 -5.88 4.75 -0.50
C VAL A 50 -5.01 5.49 -1.51
N ALA A 51 -4.70 4.81 -2.63
CA ALA A 51 -3.88 5.39 -3.67
C ALA A 51 -3.98 4.59 -4.96
N GLY A 52 -3.60 5.21 -6.08
CA GLY A 52 -3.64 4.53 -7.35
C GLY A 52 -2.71 5.15 -8.38
N MET A 53 -2.49 4.45 -9.48
CA MET A 53 -1.61 4.93 -10.54
C MET A 53 -1.96 4.29 -11.88
N SER A 54 -1.40 4.82 -12.95
CA SER A 54 -1.65 4.30 -14.29
C SER A 54 -0.46 3.49 -14.80
N SER A 55 -0.71 2.67 -15.81
CA SER A 55 0.35 1.84 -16.38
C SER A 55 1.58 2.66 -16.73
N ALA A 56 1.35 3.92 -17.11
CA ALA A 56 2.44 4.82 -17.47
C ALA A 56 3.44 4.95 -16.33
N GLY A 57 2.94 4.86 -15.10
CA GLY A 57 3.81 4.97 -13.93
C GLY A 57 4.49 6.31 -13.86
N ASP A 58 3.78 7.38 -14.19
CA ASP A 58 4.33 8.72 -14.17
C ASP A 58 3.49 9.64 -13.27
N ARG A 59 2.18 9.43 -13.30
CA ARG A 59 1.27 10.23 -12.49
C ARG A 59 0.29 9.35 -11.72
N SER A 60 0.30 9.48 -10.40
CA SER A 60 -0.59 8.69 -9.55
C SER A 60 -1.89 9.43 -9.28
N SER A 61 -2.98 8.68 -9.18
CA SER A 61 -4.29 9.26 -8.92
C SER A 61 -4.62 9.25 -7.43
N TYR A 62 -5.02 10.40 -6.91
CA TYR A 62 -5.35 10.52 -5.50
C TYR A 62 -6.18 11.78 -5.24
N GLU A 63 -7.03 11.72 -4.22
CA GLU A 63 -7.88 12.85 -3.87
C GLU A 63 -7.05 14.01 -3.35
N ASP A 64 -7.57 15.23 -3.52
CA ASP A 64 -6.87 16.43 -3.07
C ASP A 64 -6.94 16.55 -1.55
N SER A 65 -7.81 15.75 -0.94
CA SER A 65 -7.97 15.78 0.51
C SER A 65 -6.89 14.96 1.19
N VAL A 66 -6.28 14.04 0.44
CA VAL A 66 -5.22 13.19 0.97
C VAL A 66 -3.91 13.42 0.24
N LYS A 67 -4.00 13.93 -0.99
CA LYS A 67 -2.82 14.20 -1.80
C LYS A 67 -1.77 14.98 -1.00
N GLY A 68 -0.51 14.59 -1.15
CA GLY A 68 0.56 15.26 -0.43
C GLY A 68 1.14 14.40 0.67
N ARG A 69 0.34 13.50 1.21
CA ARG A 69 0.79 12.62 2.28
C ARG A 69 1.02 11.21 1.75
N PHE A 70 -0.01 10.61 1.16
CA PHE A 70 0.09 9.26 0.62
C PHE A 70 0.43 9.30 -0.86
N THR A 71 1.38 8.46 -1.27
CA THR A 71 1.80 8.41 -2.67
C THR A 71 2.21 6.99 -3.06
N ILE A 72 1.85 6.60 -4.28
CA ILE A 72 2.17 5.26 -4.77
C ILE A 72 3.32 5.31 -5.77
N SER A 73 4.23 4.35 -5.67
CA SER A 73 5.38 4.29 -6.56
C SER A 73 5.95 2.87 -6.62
N ARG A 74 6.74 2.60 -7.66
CA ARG A 74 7.34 1.29 -7.83
C ARG A 74 8.67 1.39 -8.58
N ASP A 75 9.43 0.30 -8.59
CA ASP A 75 10.71 0.26 -9.26
C ASP A 75 10.93 -1.08 -9.97
N ASP A 76 11.57 -1.03 -11.14
CA ASP A 76 11.84 -2.23 -11.91
C ASP A 76 13.14 -2.89 -11.47
N ALA A 77 14.17 -2.06 -11.29
CA ALA A 77 15.48 -2.56 -10.86
C ALA A 77 15.36 -3.46 -9.64
N ARG A 78 14.39 -3.16 -8.78
CA ARG A 78 14.17 -3.94 -7.58
C ARG A 78 12.87 -4.73 -7.67
N ASN A 79 11.95 -4.26 -8.51
CA ASN A 79 10.67 -4.92 -8.68
C ASN A 79 9.86 -4.90 -7.39
N THR A 80 9.70 -3.71 -6.83
CA THR A 80 8.94 -3.56 -5.58
C THR A 80 8.17 -2.25 -5.58
N VAL A 81 6.98 -2.27 -4.98
CA VAL A 81 6.14 -1.08 -4.90
C VAL A 81 6.24 -0.42 -3.53
N TYR A 82 6.68 0.83 -3.51
CA TYR A 82 6.83 1.57 -2.26
C TYR A 82 5.62 2.46 -2.01
N LEU A 83 5.28 2.64 -0.74
CA LEU A 83 4.13 3.47 -0.36
C LEU A 83 4.53 4.49 0.72
N GLN A 84 4.77 5.72 0.29
CA GLN A 84 5.16 6.78 1.22
C GLN A 84 3.98 7.18 2.10
N MET A 85 4.23 7.33 3.40
CA MET A 85 3.19 7.72 4.34
C MET A 85 3.67 8.87 5.23
N ASN A 86 3.18 10.07 4.93
CA ASN A 86 3.55 11.26 5.70
C ASN A 86 2.41 11.71 6.60
N SER A 87 2.75 12.16 7.79
CA SER A 87 1.75 12.62 8.75
C SER A 87 0.66 11.57 8.94
N LEU A 88 1.06 10.37 9.36
CA LEU A 88 0.12 9.29 9.58
C LEU A 88 -1.03 9.73 10.47
N LYS A 89 -2.16 9.02 10.38
CA LYS A 89 -3.34 9.34 11.18
C LYS A 89 -3.73 8.16 12.05
N PRO A 90 -4.55 8.44 13.09
CA PRO A 90 -5.02 7.41 14.02
C PRO A 90 -6.01 6.46 13.37
N GLU A 91 -6.73 6.95 12.37
CA GLU A 91 -7.71 6.13 11.66
C GLU A 91 -7.03 5.17 10.69
N ASP A 92 -5.70 5.21 10.66
CA ASP A 92 -4.93 4.33 9.78
C ASP A 92 -5.14 2.87 10.15
N THR A 93 -5.50 2.62 11.40
CA THR A 93 -5.72 1.27 11.89
C THR A 93 -6.64 0.50 10.95
N ALA A 94 -6.06 -0.36 10.13
CA ALA A 94 -6.83 -1.17 9.18
C ALA A 94 -5.93 -2.06 8.34
N VAL A 95 -6.51 -2.75 7.38
CA VAL A 95 -5.75 -3.64 6.51
C VAL A 95 -5.60 -3.05 5.12
N TYR A 96 -4.46 -3.33 4.48
CA TYR A 96 -4.19 -2.83 3.14
C TYR A 96 -3.93 -3.98 2.16
N TYR A 97 -4.71 -4.01 1.09
CA TYR A 97 -4.57 -5.05 0.08
C TYR A 97 -3.93 -4.49 -1.19
N CYS A 98 -3.73 -5.36 -2.18
CA CYS A 98 -3.14 -4.96 -3.45
C CYS A 98 -4.16 -5.02 -4.58
N ASN A 99 -3.87 -4.31 -5.66
CA ASN A 99 -4.77 -4.29 -6.82
C ASN A 99 -3.99 -4.46 -8.11
N VAL A 100 -4.15 -5.62 -8.75
CA VAL A 100 -3.47 -5.91 -10.00
C VAL A 100 -4.20 -6.99 -10.79
N ASN A 101 -4.66 -6.63 -11.98
CA ASN A 101 -5.38 -7.57 -12.84
C ASN A 101 -4.63 -7.81 -14.13
N VAL A 102 -3.83 -8.86 -14.16
CA VAL A 102 -3.04 -9.21 -15.35
C VAL A 102 -3.34 -10.62 -15.81
N GLY A 103 -4.42 -10.78 -16.57
CA GLY A 103 -4.80 -12.09 -17.06
C GLY A 103 -5.67 -12.85 -16.07
N PHE A 104 -5.44 -12.63 -14.79
CA PHE A 104 -6.21 -13.30 -13.75
C PHE A 104 -6.34 -12.42 -12.51
N GLU A 105 -7.53 -12.44 -11.91
CA GLU A 105 -7.79 -11.62 -10.72
C GLU A 105 -6.73 -11.90 -9.65
N TYR A 106 -5.93 -10.88 -9.35
CA TYR A 106 -4.88 -11.01 -8.35
C TYR A 106 -4.87 -9.80 -7.41
N TRP A 107 -5.12 -10.04 -6.13
CA TRP A 107 -5.12 -8.96 -5.14
C TRP A 107 -4.32 -9.36 -3.91
N GLY A 108 -3.76 -8.36 -3.23
CA GLY A 108 -2.97 -8.61 -2.04
C GLY A 108 -3.71 -9.47 -1.03
N GLN A 109 -3.01 -9.85 0.04
CA GLN A 109 -3.61 -10.67 1.08
C GLN A 109 -4.16 -9.81 2.22
N GLY A 110 -3.65 -8.59 2.32
CA GLY A 110 -4.11 -7.69 3.37
C GLY A 110 -3.22 -7.72 4.59
N THR A 111 -2.48 -6.64 4.81
CA THR A 111 -1.58 -6.53 5.95
C THR A 111 -2.20 -5.73 7.07
N GLN A 112 -2.20 -6.30 8.27
CA GLN A 112 -2.78 -5.63 9.44
C GLN A 112 -1.81 -4.60 10.00
N VAL A 113 -2.29 -3.37 10.18
CA VAL A 113 -1.47 -2.29 10.70
C VAL A 113 -2.18 -1.56 11.83
N THR A 114 -1.40 -1.11 12.82
CA THR A 114 -1.96 -0.39 13.97
C THR A 114 -1.24 0.92 14.19
N VAL A 115 -2.00 1.96 14.55
CA VAL A 115 -1.42 3.28 14.79
C VAL A 115 -1.79 3.78 16.18
N SER A 116 -0.84 3.68 17.12
CA SER A 116 -1.06 4.13 18.48
C SER A 116 -1.41 5.61 18.53
N SER A 117 -1.90 6.06 19.67
CA SER A 117 -2.26 7.46 19.84
C SER A 117 -1.17 8.23 20.60
N HIS A 118 -0.54 7.56 21.55
CA HIS A 118 0.52 8.17 22.34
C HIS A 118 1.88 7.97 21.68
N HIS A 119 2.84 8.79 22.05
CA HIS A 119 4.19 8.70 21.50
C HIS A 119 5.15 8.06 22.48
N HIS A 120 6.37 7.78 22.02
CA HIS A 120 7.38 7.16 22.87
C HIS A 120 6.90 5.82 23.42
N HIS A 121 6.46 4.95 22.51
CA HIS A 121 5.96 3.63 22.91
C HIS A 121 6.75 2.52 22.21
N HIS A 122 6.36 1.28 22.47
CA HIS A 122 7.03 0.13 21.87
C HIS A 122 6.09 -0.63 20.97
N HIS A 123 6.61 -1.13 19.85
CA HIS A 123 5.81 -1.89 18.89
C HIS A 123 5.33 -3.21 19.50
N MET A 1 -0.17 -22.70 -10.63
CA MET A 1 0.37 -23.05 -11.94
C MET A 1 0.46 -21.81 -12.83
N ALA A 2 1.68 -21.33 -13.02
CA ALA A 2 1.91 -20.16 -13.86
C ALA A 2 1.11 -18.95 -13.36
N GLN A 3 1.09 -18.78 -12.03
CA GLN A 3 0.36 -17.67 -11.42
C GLN A 3 1.33 -16.72 -10.72
N VAL A 4 0.92 -15.47 -10.59
CA VAL A 4 1.74 -14.45 -9.94
C VAL A 4 1.44 -14.40 -8.44
N GLN A 5 2.44 -14.02 -7.65
CA GLN A 5 2.28 -13.92 -6.21
C GLN A 5 2.55 -12.49 -5.73
N LEU A 6 1.66 -11.99 -4.89
CA LEU A 6 1.79 -10.63 -4.35
C LEU A 6 2.29 -10.66 -2.91
N VAL A 7 3.38 -9.95 -2.64
CA VAL A 7 3.93 -9.89 -1.30
C VAL A 7 3.61 -8.56 -0.62
N GLU A 8 2.88 -8.63 0.49
CA GLU A 8 2.51 -7.45 1.23
C GLU A 8 3.31 -7.31 2.52
N SER A 9 4.08 -6.24 2.61
CA SER A 9 4.91 -6.00 3.80
C SER A 9 4.73 -4.58 4.32
N GLY A 10 4.98 -4.39 5.61
CA GLY A 10 4.83 -3.09 6.21
C GLY A 10 3.70 -3.03 7.23
N GLY A 11 2.51 -3.44 6.79
CA GLY A 11 1.36 -3.44 7.68
C GLY A 11 1.63 -4.17 8.99
N ALA A 12 1.86 -3.39 10.05
CA ALA A 12 2.13 -3.97 11.36
C ALA A 12 1.78 -2.99 12.48
N LEU A 13 1.98 -3.42 13.72
CA LEU A 13 1.68 -2.59 14.88
C LEU A 13 2.62 -1.38 14.93
N VAL A 14 2.12 -0.23 14.53
CA VAL A 14 2.92 0.99 14.54
C VAL A 14 2.51 1.91 15.69
N GLN A 15 3.44 2.75 16.14
CA GLN A 15 3.17 3.68 17.23
C GLN A 15 2.68 5.02 16.70
N PRO A 16 2.07 5.82 17.58
CA PRO A 16 1.55 7.14 17.23
C PRO A 16 2.67 8.14 16.93
N GLY A 17 2.44 9.00 15.94
CA GLY A 17 3.43 10.00 15.58
C GLY A 17 4.45 9.47 14.58
N GLY A 18 5.55 10.20 14.43
CA GLY A 18 6.58 9.78 13.50
C GLY A 18 6.04 9.48 12.12
N SER A 19 6.61 8.48 11.46
CA SER A 19 6.18 8.10 10.12
C SER A 19 6.78 6.76 9.72
N LEU A 20 6.10 6.08 8.80
CA LEU A 20 6.55 4.77 8.32
C LEU A 20 6.18 4.56 6.87
N ARG A 21 6.85 3.61 6.22
CA ARG A 21 6.59 3.31 4.81
C ARG A 21 6.32 1.82 4.62
N LEU A 22 5.41 1.51 3.69
CA LEU A 22 5.06 0.12 3.41
C LEU A 22 5.79 -0.38 2.17
N SER A 23 6.04 -1.69 2.12
CA SER A 23 6.74 -2.29 0.99
C SER A 23 5.92 -3.45 0.41
N CYS A 24 6.08 -3.68 -0.89
CA CYS A 24 5.36 -4.75 -1.57
C CYS A 24 6.23 -5.41 -2.64
N ALA A 25 6.53 -6.69 -2.44
CA ALA A 25 7.36 -7.43 -3.39
C ALA A 25 6.50 -8.14 -4.42
N ALA A 26 6.91 -8.05 -5.68
CA ALA A 26 6.19 -8.68 -6.78
C ALA A 26 6.74 -10.07 -7.07
N SER A 27 5.90 -10.93 -7.62
CA SER A 27 6.30 -12.30 -7.95
C SER A 27 5.58 -12.79 -9.21
N GLY A 28 6.36 -13.11 -10.24
CA GLY A 28 5.78 -13.59 -11.48
C GLY A 28 5.18 -12.46 -12.31
N PHE A 29 4.87 -11.35 -11.67
CA PHE A 29 4.28 -10.21 -12.35
C PHE A 29 5.21 -8.99 -12.27
N PRO A 30 5.54 -8.43 -13.43
CA PRO A 30 6.43 -7.26 -13.53
C PRO A 30 5.76 -5.99 -12.98
N VAL A 31 6.50 -5.25 -12.17
CA VAL A 31 5.99 -4.01 -11.59
C VAL A 31 6.20 -2.83 -12.52
N ASN A 32 7.19 -2.95 -13.40
CA ASN A 32 7.50 -1.90 -14.36
C ASN A 32 6.74 -2.10 -15.65
N ARG A 33 5.70 -2.92 -15.61
CA ARG A 33 4.88 -3.20 -16.79
C ARG A 33 3.48 -2.64 -16.62
N TYR A 34 2.99 -2.64 -15.38
CA TYR A 34 1.65 -2.13 -15.09
C TYR A 34 1.64 -1.36 -13.78
N SER A 35 0.49 -0.77 -13.45
CA SER A 35 0.35 0.00 -12.22
C SER A 35 -0.20 -0.88 -11.09
N MET A 36 0.08 -0.48 -9.85
CA MET A 36 -0.38 -1.23 -8.68
C MET A 36 -1.49 -0.47 -7.96
N ARG A 37 -2.67 -1.09 -7.88
CA ARG A 37 -3.80 -0.47 -7.21
C ARG A 37 -3.76 -0.73 -5.71
N TRP A 38 -3.64 0.34 -4.93
CA TRP A 38 -3.59 0.23 -3.48
C TRP A 38 -4.94 0.56 -2.86
N TYR A 39 -5.42 -0.31 -1.99
CA TYR A 39 -6.70 -0.12 -1.32
C TYR A 39 -6.71 -0.76 0.06
N ARG A 40 -7.66 -0.34 0.89
CA ARG A 40 -7.77 -0.87 2.24
C ARG A 40 -9.20 -0.74 2.76
N GLN A 41 -9.53 -1.51 3.80
CA GLN A 41 -10.87 -1.48 4.38
C GLN A 41 -10.79 -1.43 5.90
N ALA A 42 -11.39 -0.39 6.48
CA ALA A 42 -11.38 -0.22 7.93
C ALA A 42 -12.72 -0.67 8.53
N PRO A 43 -12.68 -1.10 9.80
CA PRO A 43 -13.88 -1.55 10.51
C PRO A 43 -14.84 -0.40 10.83
N GLY A 44 -16.11 -0.59 10.47
CA GLY A 44 -17.10 0.43 10.72
C GLY A 44 -17.58 1.10 9.44
N LYS A 45 -16.73 1.08 8.42
CA LYS A 45 -17.08 1.70 7.14
C LYS A 45 -16.68 0.79 5.98
N GLU A 46 -17.06 1.18 4.77
CA GLU A 46 -16.74 0.40 3.59
C GLU A 46 -15.29 0.61 3.18
N ARG A 47 -14.86 -0.12 2.14
CA ARG A 47 -13.49 -0.02 1.66
C ARG A 47 -13.19 1.40 1.17
N GLU A 48 -11.92 1.79 1.27
CA GLU A 48 -11.50 3.11 0.84
C GLU A 48 -10.13 3.07 0.15
N TRP A 49 -9.94 3.92 -0.85
CA TRP A 49 -8.67 3.97 -1.56
C TRP A 49 -7.57 4.55 -0.70
N VAL A 50 -6.35 4.06 -0.91
CA VAL A 50 -5.20 4.53 -0.14
C VAL A 50 -4.16 5.16 -1.05
N ALA A 51 -4.01 4.61 -2.26
CA ALA A 51 -3.04 5.13 -3.22
C ALA A 51 -3.35 4.62 -4.62
N GLY A 52 -2.85 5.34 -5.63
CA GLY A 52 -3.08 4.95 -7.00
C GLY A 52 -1.98 5.41 -7.93
N MET A 53 -1.83 4.71 -9.06
CA MET A 53 -0.80 5.06 -10.03
C MET A 53 -1.18 4.53 -11.42
N SER A 54 -0.64 5.19 -12.45
CA SER A 54 -0.93 4.79 -13.83
C SER A 54 0.08 3.77 -14.32
N SER A 55 -0.34 2.93 -15.27
CA SER A 55 0.53 1.90 -15.82
C SER A 55 1.87 2.49 -16.27
N ALA A 56 1.82 3.73 -16.77
CA ALA A 56 3.03 4.41 -17.23
C ALA A 56 4.07 4.50 -16.13
N GLY A 57 3.60 4.60 -14.88
CA GLY A 57 4.52 4.69 -13.76
C GLY A 57 5.27 6.00 -13.72
N ASP A 58 4.56 7.09 -13.99
CA ASP A 58 5.17 8.42 -13.99
C ASP A 58 4.45 9.35 -13.01
N ARG A 59 3.13 9.19 -12.92
CA ARG A 59 2.33 10.02 -12.03
C ARG A 59 1.39 9.15 -11.19
N SER A 60 1.24 9.51 -9.91
CA SER A 60 0.38 8.77 -9.00
C SER A 60 -0.92 9.52 -8.75
N SER A 61 -2.01 8.77 -8.60
CA SER A 61 -3.31 9.36 -8.35
C SER A 61 -3.74 9.18 -6.90
N TYR A 62 -4.25 10.26 -6.29
CA TYR A 62 -4.69 10.21 -4.91
C TYR A 62 -5.65 11.35 -4.60
N GLU A 63 -6.68 11.06 -3.82
CA GLU A 63 -7.67 12.07 -3.45
C GLU A 63 -6.99 13.31 -2.89
N ASP A 64 -7.60 14.47 -3.12
CA ASP A 64 -7.06 15.74 -2.64
C ASP A 64 -6.93 15.73 -1.12
N SER A 65 -7.66 14.83 -0.48
CA SER A 65 -7.64 14.72 0.98
C SER A 65 -6.51 13.80 1.43
N VAL A 66 -6.31 12.70 0.70
CA VAL A 66 -5.27 11.74 1.02
C VAL A 66 -3.91 12.22 0.51
N LYS A 67 -3.92 13.11 -0.47
CA LYS A 67 -2.69 13.64 -1.04
C LYS A 67 -1.99 14.56 -0.04
N GLY A 68 -0.66 14.59 -0.09
CA GLY A 68 0.10 15.43 0.80
C GLY A 68 0.89 14.63 1.83
N ARG A 69 0.37 13.45 2.17
CA ARG A 69 1.03 12.58 3.13
C ARG A 69 0.95 11.12 2.70
N PHE A 70 0.76 10.90 1.41
CA PHE A 70 0.66 9.55 0.86
C PHE A 70 1.05 9.53 -0.61
N THR A 71 1.99 8.66 -0.95
CA THR A 71 2.46 8.54 -2.33
C THR A 71 2.79 7.08 -2.67
N ILE A 72 2.60 6.73 -3.94
CA ILE A 72 2.88 5.37 -4.40
C ILE A 72 3.99 5.37 -5.44
N SER A 73 4.87 4.38 -5.36
CA SER A 73 5.98 4.25 -6.29
C SER A 73 6.49 2.81 -6.35
N ARG A 74 7.28 2.51 -7.37
CA ARG A 74 7.84 1.17 -7.54
C ARG A 74 9.11 1.21 -8.40
N ASP A 75 10.04 0.32 -8.08
CA ASP A 75 11.30 0.26 -8.82
C ASP A 75 11.36 -1.01 -9.66
N ASP A 76 11.90 -0.88 -10.88
CA ASP A 76 12.01 -2.02 -11.79
C ASP A 76 13.28 -2.83 -11.48
N ALA A 77 14.37 -2.13 -11.20
CA ALA A 77 15.63 -2.77 -10.90
C ALA A 77 15.49 -3.72 -9.71
N ARG A 78 14.65 -3.35 -8.75
CA ARG A 78 14.42 -4.17 -7.57
C ARG A 78 13.11 -4.93 -7.68
N ASN A 79 12.19 -4.41 -8.49
CA ASN A 79 10.89 -5.04 -8.68
C ASN A 79 10.09 -5.05 -7.38
N THR A 80 9.97 -3.87 -6.76
CA THR A 80 9.23 -3.74 -5.51
C THR A 80 8.51 -2.40 -5.44
N VAL A 81 7.31 -2.41 -4.87
CA VAL A 81 6.52 -1.19 -4.73
C VAL A 81 6.58 -0.65 -3.31
N TYR A 82 6.78 0.66 -3.19
CA TYR A 82 6.86 1.30 -1.89
C TYR A 82 5.69 2.25 -1.67
N LEU A 83 5.24 2.37 -0.44
CA LEU A 83 4.12 3.25 -0.09
C LEU A 83 4.48 4.13 1.09
N GLN A 84 4.84 5.38 0.81
CA GLN A 84 5.20 6.33 1.85
C GLN A 84 3.96 6.79 2.61
N MET A 85 4.10 6.92 3.93
CA MET A 85 2.98 7.35 4.77
C MET A 85 3.46 8.35 5.82
N ASN A 86 3.17 9.63 5.60
CA ASN A 86 3.58 10.68 6.51
C ASN A 86 2.42 11.06 7.44
N SER A 87 2.75 11.61 8.60
CA SER A 87 1.74 12.00 9.57
C SER A 87 0.76 10.87 9.85
N LEU A 88 1.22 9.85 10.55
CA LEU A 88 0.39 8.70 10.88
C LEU A 88 -0.94 9.15 11.50
N LYS A 89 -1.93 8.27 11.45
CA LYS A 89 -3.25 8.57 12.00
C LYS A 89 -3.82 7.37 12.75
N PRO A 90 -4.70 7.64 13.72
CA PRO A 90 -5.33 6.58 14.53
C PRO A 90 -6.32 5.75 13.72
N GLU A 91 -6.91 6.36 12.70
CA GLU A 91 -7.88 5.67 11.85
C GLU A 91 -7.17 4.70 10.91
N ASP A 92 -5.85 4.70 10.94
CA ASP A 92 -5.05 3.82 10.09
C ASP A 92 -5.32 2.36 10.45
N THR A 93 -5.68 2.11 11.70
CA THR A 93 -5.95 0.75 12.16
C THR A 93 -6.94 0.05 11.24
N ALA A 94 -6.42 -0.84 10.40
CA ALA A 94 -7.27 -1.59 9.46
C ALA A 94 -6.43 -2.53 8.62
N VAL A 95 -7.07 -3.19 7.65
CA VAL A 95 -6.38 -4.13 6.77
C VAL A 95 -6.13 -3.49 5.41
N TYR A 96 -4.90 -3.63 4.92
CA TYR A 96 -4.52 -3.07 3.63
C TYR A 96 -4.17 -4.18 2.64
N TYR A 97 -4.96 -4.29 1.57
CA TYR A 97 -4.73 -5.31 0.55
C TYR A 97 -4.36 -4.67 -0.78
N CYS A 98 -4.00 -5.50 -1.75
CA CYS A 98 -3.62 -5.03 -3.08
C CYS A 98 -4.62 -5.50 -4.12
N ASN A 99 -4.45 -5.01 -5.35
CA ASN A 99 -5.35 -5.39 -6.45
C ASN A 99 -4.67 -5.17 -7.79
N VAL A 100 -4.74 -6.19 -8.65
CA VAL A 100 -4.14 -6.11 -9.98
C VAL A 100 -4.81 -7.07 -10.95
N ASN A 101 -4.93 -6.64 -12.21
CA ASN A 101 -5.56 -7.46 -13.24
C ASN A 101 -4.63 -7.64 -14.43
N VAL A 102 -3.88 -8.73 -14.44
CA VAL A 102 -2.95 -9.02 -15.53
C VAL A 102 -3.22 -10.40 -16.13
N GLY A 103 -4.06 -10.43 -17.15
CA GLY A 103 -4.39 -11.69 -17.79
C GLY A 103 -4.99 -12.70 -16.83
N PHE A 104 -5.44 -12.22 -15.68
CA PHE A 104 -6.04 -13.08 -14.68
C PHE A 104 -6.44 -12.28 -13.44
N GLU A 105 -7.06 -12.96 -12.47
CA GLU A 105 -7.49 -12.31 -11.24
C GLU A 105 -6.45 -12.45 -10.14
N TYR A 106 -5.85 -11.33 -9.75
CA TYR A 106 -4.83 -11.33 -8.71
C TYR A 106 -5.02 -10.15 -7.76
N TRP A 107 -5.26 -10.46 -6.49
CA TRP A 107 -5.46 -9.43 -5.47
C TRP A 107 -4.75 -9.80 -4.18
N GLY A 108 -4.10 -8.81 -3.57
CA GLY A 108 -3.38 -9.05 -2.33
C GLY A 108 -4.26 -9.72 -1.28
N GLN A 109 -3.65 -10.08 -0.15
CA GLN A 109 -4.39 -10.72 0.94
C GLN A 109 -4.97 -9.68 1.89
N GLY A 110 -4.10 -8.83 2.43
CA GLY A 110 -4.56 -7.80 3.35
C GLY A 110 -3.80 -7.81 4.65
N THR A 111 -3.00 -6.77 4.89
CA THR A 111 -2.21 -6.67 6.11
C THR A 111 -2.88 -5.76 7.13
N GLN A 112 -3.09 -6.28 8.33
CA GLN A 112 -3.73 -5.49 9.40
C GLN A 112 -2.70 -4.65 10.14
N VAL A 113 -2.98 -3.36 10.28
CA VAL A 113 -2.09 -2.45 10.97
C VAL A 113 -2.71 -1.94 12.27
N THR A 114 -1.86 -1.69 13.27
CA THR A 114 -2.33 -1.21 14.56
C THR A 114 -1.58 0.05 14.98
N VAL A 115 -2.27 1.19 14.92
CA VAL A 115 -1.66 2.46 15.29
C VAL A 115 -1.95 2.80 16.75
N SER A 116 -0.96 2.59 17.62
CA SER A 116 -1.12 2.87 19.03
C SER A 116 -1.39 4.36 19.27
N SER A 117 -1.91 4.68 20.45
CA SER A 117 -2.22 6.06 20.79
C SER A 117 -1.75 6.38 22.21
N HIS A 118 -0.51 5.98 22.52
CA HIS A 118 0.06 6.23 23.83
C HIS A 118 0.94 7.47 23.82
N HIS A 119 2.13 7.34 23.23
CA HIS A 119 3.07 8.46 23.15
C HIS A 119 3.94 8.34 21.90
N HIS A 120 4.48 9.48 21.46
CA HIS A 120 5.34 9.50 20.28
C HIS A 120 6.60 8.69 20.50
N HIS A 121 7.03 7.98 19.47
CA HIS A 121 8.24 7.16 19.55
C HIS A 121 8.76 6.81 18.17
N HIS A 122 10.03 7.08 17.92
CA HIS A 122 10.65 6.79 16.63
C HIS A 122 10.88 5.30 16.46
N HIS A 123 10.64 4.79 15.26
CA HIS A 123 10.82 3.38 14.96
C HIS A 123 12.28 2.97 15.16
#